data_1YGS
# 
_entry.id   1YGS 
# 
_audit_conform.dict_name       mmcif_pdbx.dic 
_audit_conform.dict_version    5.387 
_audit_conform.dict_location   http://mmcif.pdb.org/dictionaries/ascii/mmcif_pdbx.dic 
# 
loop_
_database_2.database_id 
_database_2.database_code 
_database_2.pdbx_database_accession 
_database_2.pdbx_DOI 
PDB   1YGS         pdb_00001ygs 10.2210/pdb1ygs/pdb 
WWPDB D_1000177396 ?            ?                   
# 
loop_
_pdbx_audit_revision_history.ordinal 
_pdbx_audit_revision_history.data_content_type 
_pdbx_audit_revision_history.major_revision 
_pdbx_audit_revision_history.minor_revision 
_pdbx_audit_revision_history.revision_date 
1 'Structure model' 1 0 1998-07-08 
2 'Structure model' 1 1 2008-03-24 
3 'Structure model' 1 2 2011-07-13 
4 'Structure model' 1 3 2024-02-14 
# 
_pdbx_audit_revision_details.ordinal             1 
_pdbx_audit_revision_details.revision_ordinal    1 
_pdbx_audit_revision_details.data_content_type   'Structure model' 
_pdbx_audit_revision_details.provider            repository 
_pdbx_audit_revision_details.type                'Initial release' 
_pdbx_audit_revision_details.description         ? 
_pdbx_audit_revision_details.details             ? 
# 
loop_
_pdbx_audit_revision_group.ordinal 
_pdbx_audit_revision_group.revision_ordinal 
_pdbx_audit_revision_group.data_content_type 
_pdbx_audit_revision_group.group 
1 2 'Structure model' 'Version format compliance' 
2 3 'Structure model' 'Version format compliance' 
3 4 'Structure model' 'Data collection'           
4 4 'Structure model' 'Database references'       
# 
loop_
_pdbx_audit_revision_category.ordinal 
_pdbx_audit_revision_category.revision_ordinal 
_pdbx_audit_revision_category.data_content_type 
_pdbx_audit_revision_category.category 
1 4 'Structure model' chem_comp_atom 
2 4 'Structure model' chem_comp_bond 
3 4 'Structure model' database_2     
# 
loop_
_pdbx_audit_revision_item.ordinal 
_pdbx_audit_revision_item.revision_ordinal 
_pdbx_audit_revision_item.data_content_type 
_pdbx_audit_revision_item.item 
1 4 'Structure model' '_database_2.pdbx_DOI'                
2 4 'Structure model' '_database_2.pdbx_database_accession' 
# 
_pdbx_database_status.status_code                     REL 
_pdbx_database_status.entry_id                        1YGS 
_pdbx_database_status.recvd_initial_deposition_date   1997-10-03 
_pdbx_database_status.deposit_site                    ? 
_pdbx_database_status.process_site                    BNL 
_pdbx_database_status.SG_entry                        . 
_pdbx_database_status.pdb_format_compatible           Y 
_pdbx_database_status.status_code_mr                  ? 
_pdbx_database_status.status_code_sf                  ? 
_pdbx_database_status.status_code_cs                  ? 
_pdbx_database_status.status_code_nmr_data            ? 
_pdbx_database_status.methods_development_category    ? 
# 
loop_
_audit_author.name 
_audit_author.pdbx_ordinal 
'Shi, Y.'         1 
'Hata, A.'        2 
'Lo, R.S.'        3 
'Massague, J.'    4 
'Pavletich, N.P.' 5 
# 
_citation.id                        primary 
_citation.title                     'A structural basis for mutational inactivation of the tumour suppressor Smad4.' 
_citation.journal_abbrev            Nature 
_citation.journal_volume            388 
_citation.page_first                87 
_citation.page_last                 93 
_citation.year                      1997 
_citation.journal_id_ASTM           NATUAS 
_citation.country                   UK 
_citation.journal_id_ISSN           0028-0836 
_citation.journal_id_CSD            0006 
_citation.book_publisher            ? 
_citation.pdbx_database_id_PubMed   9214508 
_citation.pdbx_database_id_DOI      10.1038/40431 
# 
loop_
_citation_author.citation_id 
_citation_author.name 
_citation_author.ordinal 
_citation_author.identifier_ORCID 
primary 'Shi, Y.'         1 ? 
primary 'Hata, A.'        2 ? 
primary 'Lo, R.S.'        3 ? 
primary 'Massague, J.'    4 ? 
primary 'Pavletich, N.P.' 5 ? 
# 
loop_
_entity.id 
_entity.type 
_entity.src_method 
_entity.pdbx_description 
_entity.formula_weight 
_entity.pdbx_number_of_molecules 
_entity.pdbx_ec 
_entity.pdbx_mutation 
_entity.pdbx_fragment 
_entity.details 
1 polymer man SMAD4 25511.090 1   ? ? 'C-TERMINAL DOMAIN, RESIDUES 319 - 552' ? 
2 water   nat water 18.015    138 ? ? ?                                       ? 
# 
_entity_name_com.entity_id   1 
_entity_name_com.name        'DPC4, HMAD4, MADR4' 
# 
_entity_poly.entity_id                      1 
_entity_poly.type                           'polypeptide(L)' 
_entity_poly.nstd_linkage                   no 
_entity_poly.nstd_monomer                   no 
_entity_poly.pdbx_seq_one_letter_code       
;APEYWCSIAYFEMDVQVGETFKVPSSCPIVTVDGYVDPSGGDRFCLGQLSNVHRTEAIERARLHIGKGVQLECKGEGDVW
VRCLSDHAVFVQSYYLDREAGRAPGDAVHKIYPSAYIKVFDLRQCHRQMQQQAATAQAAAAAQAAAVAGNIPGPGSVGGI
APAISLSAAAGIGVDDLRRLCILRMSFVKGWGPDYPRQSIKETPCWIEIHLHRALQLLDEVLHTMPIADPQPLD
;
_entity_poly.pdbx_seq_one_letter_code_can   
;APEYWCSIAYFEMDVQVGETFKVPSSCPIVTVDGYVDPSGGDRFCLGQLSNVHRTEAIERARLHIGKGVQLECKGEGDVW
VRCLSDHAVFVQSYYLDREAGRAPGDAVHKIYPSAYIKVFDLRQCHRQMQQQAATAQAAAAAQAAAVAGNIPGPGSVGGI
APAISLSAAAGIGVDDLRRLCILRMSFVKGWGPDYPRQSIKETPCWIEIHLHRALQLLDEVLHTMPIADPQPLD
;
_entity_poly.pdbx_strand_id                 A 
_entity_poly.pdbx_target_identifier         ? 
# 
_pdbx_entity_nonpoly.entity_id   2 
_pdbx_entity_nonpoly.name        water 
_pdbx_entity_nonpoly.comp_id     HOH 
# 
loop_
_entity_poly_seq.entity_id 
_entity_poly_seq.num 
_entity_poly_seq.mon_id 
_entity_poly_seq.hetero 
1 1   ALA n 
1 2   PRO n 
1 3   GLU n 
1 4   TYR n 
1 5   TRP n 
1 6   CYS n 
1 7   SER n 
1 8   ILE n 
1 9   ALA n 
1 10  TYR n 
1 11  PHE n 
1 12  GLU n 
1 13  MET n 
1 14  ASP n 
1 15  VAL n 
1 16  GLN n 
1 17  VAL n 
1 18  GLY n 
1 19  GLU n 
1 20  THR n 
1 21  PHE n 
1 22  LYS n 
1 23  VAL n 
1 24  PRO n 
1 25  SER n 
1 26  SER n 
1 27  CYS n 
1 28  PRO n 
1 29  ILE n 
1 30  VAL n 
1 31  THR n 
1 32  VAL n 
1 33  ASP n 
1 34  GLY n 
1 35  TYR n 
1 36  VAL n 
1 37  ASP n 
1 38  PRO n 
1 39  SER n 
1 40  GLY n 
1 41  GLY n 
1 42  ASP n 
1 43  ARG n 
1 44  PHE n 
1 45  CYS n 
1 46  LEU n 
1 47  GLY n 
1 48  GLN n 
1 49  LEU n 
1 50  SER n 
1 51  ASN n 
1 52  VAL n 
1 53  HIS n 
1 54  ARG n 
1 55  THR n 
1 56  GLU n 
1 57  ALA n 
1 58  ILE n 
1 59  GLU n 
1 60  ARG n 
1 61  ALA n 
1 62  ARG n 
1 63  LEU n 
1 64  HIS n 
1 65  ILE n 
1 66  GLY n 
1 67  LYS n 
1 68  GLY n 
1 69  VAL n 
1 70  GLN n 
1 71  LEU n 
1 72  GLU n 
1 73  CYS n 
1 74  LYS n 
1 75  GLY n 
1 76  GLU n 
1 77  GLY n 
1 78  ASP n 
1 79  VAL n 
1 80  TRP n 
1 81  VAL n 
1 82  ARG n 
1 83  CYS n 
1 84  LEU n 
1 85  SER n 
1 86  ASP n 
1 87  HIS n 
1 88  ALA n 
1 89  VAL n 
1 90  PHE n 
1 91  VAL n 
1 92  GLN n 
1 93  SER n 
1 94  TYR n 
1 95  TYR n 
1 96  LEU n 
1 97  ASP n 
1 98  ARG n 
1 99  GLU n 
1 100 ALA n 
1 101 GLY n 
1 102 ARG n 
1 103 ALA n 
1 104 PRO n 
1 105 GLY n 
1 106 ASP n 
1 107 ALA n 
1 108 VAL n 
1 109 HIS n 
1 110 LYS n 
1 111 ILE n 
1 112 TYR n 
1 113 PRO n 
1 114 SER n 
1 115 ALA n 
1 116 TYR n 
1 117 ILE n 
1 118 LYS n 
1 119 VAL n 
1 120 PHE n 
1 121 ASP n 
1 122 LEU n 
1 123 ARG n 
1 124 GLN n 
1 125 CYS n 
1 126 HIS n 
1 127 ARG n 
1 128 GLN n 
1 129 MET n 
1 130 GLN n 
1 131 GLN n 
1 132 GLN n 
1 133 ALA n 
1 134 ALA n 
1 135 THR n 
1 136 ALA n 
1 137 GLN n 
1 138 ALA n 
1 139 ALA n 
1 140 ALA n 
1 141 ALA n 
1 142 ALA n 
1 143 GLN n 
1 144 ALA n 
1 145 ALA n 
1 146 ALA n 
1 147 VAL n 
1 148 ALA n 
1 149 GLY n 
1 150 ASN n 
1 151 ILE n 
1 152 PRO n 
1 153 GLY n 
1 154 PRO n 
1 155 GLY n 
1 156 SER n 
1 157 VAL n 
1 158 GLY n 
1 159 GLY n 
1 160 ILE n 
1 161 ALA n 
1 162 PRO n 
1 163 ALA n 
1 164 ILE n 
1 165 SER n 
1 166 LEU n 
1 167 SER n 
1 168 ALA n 
1 169 ALA n 
1 170 ALA n 
1 171 GLY n 
1 172 ILE n 
1 173 GLY n 
1 174 VAL n 
1 175 ASP n 
1 176 ASP n 
1 177 LEU n 
1 178 ARG n 
1 179 ARG n 
1 180 LEU n 
1 181 CYS n 
1 182 ILE n 
1 183 LEU n 
1 184 ARG n 
1 185 MET n 
1 186 SER n 
1 187 PHE n 
1 188 VAL n 
1 189 LYS n 
1 190 GLY n 
1 191 TRP n 
1 192 GLY n 
1 193 PRO n 
1 194 ASP n 
1 195 TYR n 
1 196 PRO n 
1 197 ARG n 
1 198 GLN n 
1 199 SER n 
1 200 ILE n 
1 201 LYS n 
1 202 GLU n 
1 203 THR n 
1 204 PRO n 
1 205 CYS n 
1 206 TRP n 
1 207 ILE n 
1 208 GLU n 
1 209 ILE n 
1 210 HIS n 
1 211 LEU n 
1 212 HIS n 
1 213 ARG n 
1 214 ALA n 
1 215 LEU n 
1 216 GLN n 
1 217 LEU n 
1 218 LEU n 
1 219 ASP n 
1 220 GLU n 
1 221 VAL n 
1 222 LEU n 
1 223 HIS n 
1 224 THR n 
1 225 MET n 
1 226 PRO n 
1 227 ILE n 
1 228 ALA n 
1 229 ASP n 
1 230 PRO n 
1 231 GLN n 
1 232 PRO n 
1 233 LEU n 
1 234 ASP n 
# 
_entity_src_gen.entity_id                          1 
_entity_src_gen.pdbx_src_id                        1 
_entity_src_gen.pdbx_alt_source_flag               sample 
_entity_src_gen.pdbx_seq_type                      ? 
_entity_src_gen.pdbx_beg_seq_num                   ? 
_entity_src_gen.pdbx_end_seq_num                   ? 
_entity_src_gen.gene_src_common_name               human 
_entity_src_gen.gene_src_genus                     Homo 
_entity_src_gen.pdbx_gene_src_gene                 ? 
_entity_src_gen.gene_src_species                   ? 
_entity_src_gen.gene_src_strain                    ? 
_entity_src_gen.gene_src_tissue                    ? 
_entity_src_gen.gene_src_tissue_fraction           ? 
_entity_src_gen.gene_src_details                   ? 
_entity_src_gen.pdbx_gene_src_fragment             ? 
_entity_src_gen.pdbx_gene_src_scientific_name      'Homo sapiens' 
_entity_src_gen.pdbx_gene_src_ncbi_taxonomy_id     9606 
_entity_src_gen.pdbx_gene_src_variant              ? 
_entity_src_gen.pdbx_gene_src_cell_line            'BL21 (DE3)' 
_entity_src_gen.pdbx_gene_src_atcc                 ? 
_entity_src_gen.pdbx_gene_src_organ                ? 
_entity_src_gen.pdbx_gene_src_organelle            ? 
_entity_src_gen.pdbx_gene_src_cell                 ? 
_entity_src_gen.pdbx_gene_src_cellular_location    'CYTOPLASM (CAN BE TRANSLOCATED INTO NUCLEUS)' 
_entity_src_gen.host_org_common_name               ? 
_entity_src_gen.pdbx_host_org_scientific_name      'Escherichia coli' 
_entity_src_gen.pdbx_host_org_ncbi_taxonomy_id     562 
_entity_src_gen.host_org_genus                     Escherichia 
_entity_src_gen.pdbx_host_org_gene                 ? 
_entity_src_gen.pdbx_host_org_organ                ? 
_entity_src_gen.host_org_species                   ? 
_entity_src_gen.pdbx_host_org_tissue               ? 
_entity_src_gen.pdbx_host_org_tissue_fraction      ? 
_entity_src_gen.pdbx_host_org_strain               ? 
_entity_src_gen.pdbx_host_org_variant              ? 
_entity_src_gen.pdbx_host_org_cell_line            'BL21 (DE3)' 
_entity_src_gen.pdbx_host_org_atcc                 ? 
_entity_src_gen.pdbx_host_org_culture_collection   ? 
_entity_src_gen.pdbx_host_org_cell                 ? 
_entity_src_gen.pdbx_host_org_organelle            ? 
_entity_src_gen.pdbx_host_org_cellular_location    ? 
_entity_src_gen.pdbx_host_org_vector_type          ? 
_entity_src_gen.pdbx_host_org_vector               PET3A 
_entity_src_gen.host_org_details                   ? 
_entity_src_gen.expression_system_id               ? 
_entity_src_gen.plasmid_name                       BL21 
_entity_src_gen.plasmid_details                    ? 
_entity_src_gen.pdbx_description                   ? 
# 
loop_
_chem_comp.id 
_chem_comp.type 
_chem_comp.mon_nstd_flag 
_chem_comp.name 
_chem_comp.pdbx_synonyms 
_chem_comp.formula 
_chem_comp.formula_weight 
ALA 'L-peptide linking' y ALANINE         ? 'C3 H7 N O2'     89.093  
ARG 'L-peptide linking' y ARGININE        ? 'C6 H15 N4 O2 1' 175.209 
ASN 'L-peptide linking' y ASPARAGINE      ? 'C4 H8 N2 O3'    132.118 
ASP 'L-peptide linking' y 'ASPARTIC ACID' ? 'C4 H7 N O4'     133.103 
CYS 'L-peptide linking' y CYSTEINE        ? 'C3 H7 N O2 S'   121.158 
GLN 'L-peptide linking' y GLUTAMINE       ? 'C5 H10 N2 O3'   146.144 
GLU 'L-peptide linking' y 'GLUTAMIC ACID' ? 'C5 H9 N O4'     147.129 
GLY 'peptide linking'   y GLYCINE         ? 'C2 H5 N O2'     75.067  
HIS 'L-peptide linking' y HISTIDINE       ? 'C6 H10 N3 O2 1' 156.162 
HOH non-polymer         . WATER           ? 'H2 O'           18.015  
ILE 'L-peptide linking' y ISOLEUCINE      ? 'C6 H13 N O2'    131.173 
LEU 'L-peptide linking' y LEUCINE         ? 'C6 H13 N O2'    131.173 
LYS 'L-peptide linking' y LYSINE          ? 'C6 H15 N2 O2 1' 147.195 
MET 'L-peptide linking' y METHIONINE      ? 'C5 H11 N O2 S'  149.211 
PHE 'L-peptide linking' y PHENYLALANINE   ? 'C9 H11 N O2'    165.189 
PRO 'L-peptide linking' y PROLINE         ? 'C5 H9 N O2'     115.130 
SER 'L-peptide linking' y SERINE          ? 'C3 H7 N O3'     105.093 
THR 'L-peptide linking' y THREONINE       ? 'C4 H9 N O3'     119.119 
TRP 'L-peptide linking' y TRYPTOPHAN      ? 'C11 H12 N2 O2'  204.225 
TYR 'L-peptide linking' y TYROSINE        ? 'C9 H11 N O3'    181.189 
VAL 'L-peptide linking' y VALINE          ? 'C5 H11 N O2'    117.146 
# 
loop_
_pdbx_poly_seq_scheme.asym_id 
_pdbx_poly_seq_scheme.entity_id 
_pdbx_poly_seq_scheme.seq_id 
_pdbx_poly_seq_scheme.mon_id 
_pdbx_poly_seq_scheme.ndb_seq_num 
_pdbx_poly_seq_scheme.pdb_seq_num 
_pdbx_poly_seq_scheme.auth_seq_num 
_pdbx_poly_seq_scheme.pdb_mon_id 
_pdbx_poly_seq_scheme.auth_mon_id 
_pdbx_poly_seq_scheme.pdb_strand_id 
_pdbx_poly_seq_scheme.pdb_ins_code 
_pdbx_poly_seq_scheme.hetero 
A 1 1   ALA 1   319 319 ALA ALA A . n 
A 1 2   PRO 2   320 320 PRO PRO A . n 
A 1 3   GLU 3   321 321 GLU GLU A . n 
A 1 4   TYR 4   322 322 TYR TYR A . n 
A 1 5   TRP 5   323 323 TRP TRP A . n 
A 1 6   CYS 6   324 324 CYS CYS A . n 
A 1 7   SER 7   325 325 SER SER A . n 
A 1 8   ILE 8   326 326 ILE ILE A . n 
A 1 9   ALA 9   327 327 ALA ALA A . n 
A 1 10  TYR 10  328 328 TYR TYR A . n 
A 1 11  PHE 11  329 329 PHE PHE A . n 
A 1 12  GLU 12  330 330 GLU GLU A . n 
A 1 13  MET 13  331 331 MET MET A . n 
A 1 14  ASP 14  332 332 ASP ASP A . n 
A 1 15  VAL 15  333 333 VAL VAL A . n 
A 1 16  GLN 16  334 334 GLN GLN A . n 
A 1 17  VAL 17  335 335 VAL VAL A . n 
A 1 18  GLY 18  336 336 GLY GLY A . n 
A 1 19  GLU 19  337 337 GLU GLU A . n 
A 1 20  THR 20  338 338 THR THR A . n 
A 1 21  PHE 21  339 339 PHE PHE A . n 
A 1 22  LYS 22  340 340 LYS LYS A . n 
A 1 23  VAL 23  341 341 VAL VAL A . n 
A 1 24  PRO 24  342 342 PRO PRO A . n 
A 1 25  SER 25  343 343 SER SER A . n 
A 1 26  SER 26  344 344 SER SER A . n 
A 1 27  CYS 27  345 345 CYS CYS A . n 
A 1 28  PRO 28  346 346 PRO PRO A . n 
A 1 29  ILE 29  347 347 ILE ILE A . n 
A 1 30  VAL 30  348 348 VAL VAL A . n 
A 1 31  THR 31  349 349 THR THR A . n 
A 1 32  VAL 32  350 350 VAL VAL A . n 
A 1 33  ASP 33  351 351 ASP ASP A . n 
A 1 34  GLY 34  352 352 GLY GLY A . n 
A 1 35  TYR 35  353 353 TYR TYR A . n 
A 1 36  VAL 36  354 354 VAL VAL A . n 
A 1 37  ASP 37  355 355 ASP ASP A . n 
A 1 38  PRO 38  356 356 PRO PRO A . n 
A 1 39  SER 39  357 357 SER SER A . n 
A 1 40  GLY 40  358 358 GLY GLY A . n 
A 1 41  GLY 41  359 359 GLY GLY A . n 
A 1 42  ASP 42  360 360 ASP ASP A . n 
A 1 43  ARG 43  361 361 ARG ARG A . n 
A 1 44  PHE 44  362 362 PHE PHE A . n 
A 1 45  CYS 45  363 363 CYS CYS A . n 
A 1 46  LEU 46  364 364 LEU LEU A . n 
A 1 47  GLY 47  365 365 GLY GLY A . n 
A 1 48  GLN 48  366 366 GLN GLN A . n 
A 1 49  LEU 49  367 367 LEU LEU A . n 
A 1 50  SER 50  368 368 SER SER A . n 
A 1 51  ASN 51  369 369 ASN ASN A . n 
A 1 52  VAL 52  370 370 VAL VAL A . n 
A 1 53  HIS 53  371 371 HIS HIS A . n 
A 1 54  ARG 54  372 372 ARG ARG A . n 
A 1 55  THR 55  373 373 THR THR A . n 
A 1 56  GLU 56  374 374 GLU GLU A . n 
A 1 57  ALA 57  375 375 ALA ALA A . n 
A 1 58  ILE 58  376 376 ILE ILE A . n 
A 1 59  GLU 59  377 377 GLU GLU A . n 
A 1 60  ARG 60  378 378 ARG ARG A . n 
A 1 61  ALA 61  379 379 ALA ALA A . n 
A 1 62  ARG 62  380 380 ARG ARG A . n 
A 1 63  LEU 63  381 381 LEU LEU A . n 
A 1 64  HIS 64  382 382 HIS HIS A . n 
A 1 65  ILE 65  383 383 ILE ILE A . n 
A 1 66  GLY 66  384 384 GLY GLY A . n 
A 1 67  LYS 67  385 385 LYS LYS A . n 
A 1 68  GLY 68  386 386 GLY GLY A . n 
A 1 69  VAL 69  387 387 VAL VAL A . n 
A 1 70  GLN 70  388 388 GLN GLN A . n 
A 1 71  LEU 71  389 389 LEU LEU A . n 
A 1 72  GLU 72  390 390 GLU GLU A . n 
A 1 73  CYS 73  391 391 CYS CYS A . n 
A 1 74  LYS 74  392 392 LYS LYS A . n 
A 1 75  GLY 75  393 393 GLY GLY A . n 
A 1 76  GLU 76  394 394 GLU GLU A . n 
A 1 77  GLY 77  395 395 GLY GLY A . n 
A 1 78  ASP 78  396 396 ASP ASP A . n 
A 1 79  VAL 79  397 397 VAL VAL A . n 
A 1 80  TRP 80  398 398 TRP TRP A . n 
A 1 81  VAL 81  399 399 VAL VAL A . n 
A 1 82  ARG 82  400 400 ARG ARG A . n 
A 1 83  CYS 83  401 401 CYS CYS A . n 
A 1 84  LEU 84  402 402 LEU LEU A . n 
A 1 85  SER 85  403 403 SER SER A . n 
A 1 86  ASP 86  404 404 ASP ASP A . n 
A 1 87  HIS 87  405 405 HIS HIS A . n 
A 1 88  ALA 88  406 406 ALA ALA A . n 
A 1 89  VAL 89  407 407 VAL VAL A . n 
A 1 90  PHE 90  408 408 PHE PHE A . n 
A 1 91  VAL 91  409 409 VAL VAL A . n 
A 1 92  GLN 92  410 410 GLN GLN A . n 
A 1 93  SER 93  411 411 SER SER A . n 
A 1 94  TYR 94  412 412 TYR TYR A . n 
A 1 95  TYR 95  413 413 TYR TYR A . n 
A 1 96  LEU 96  414 414 LEU LEU A . n 
A 1 97  ASP 97  415 415 ASP ASP A . n 
A 1 98  ARG 98  416 416 ARG ARG A . n 
A 1 99  GLU 99  417 417 GLU GLU A . n 
A 1 100 ALA 100 418 418 ALA ALA A . n 
A 1 101 GLY 101 419 419 GLY GLY A . n 
A 1 102 ARG 102 420 420 ARG ARG A . n 
A 1 103 ALA 103 421 421 ALA ALA A . n 
A 1 104 PRO 104 422 422 PRO PRO A . n 
A 1 105 GLY 105 423 423 GLY GLY A . n 
A 1 106 ASP 106 424 424 ASP ASP A . n 
A 1 107 ALA 107 425 425 ALA ALA A . n 
A 1 108 VAL 108 426 426 VAL VAL A . n 
A 1 109 HIS 109 427 427 HIS HIS A . n 
A 1 110 LYS 110 428 428 LYS LYS A . n 
A 1 111 ILE 111 429 429 ILE ILE A . n 
A 1 112 TYR 112 430 430 TYR TYR A . n 
A 1 113 PRO 113 431 431 PRO PRO A . n 
A 1 114 SER 114 432 432 SER SER A . n 
A 1 115 ALA 115 433 433 ALA ALA A . n 
A 1 116 TYR 116 434 434 TYR TYR A . n 
A 1 117 ILE 117 435 435 ILE ILE A . n 
A 1 118 LYS 118 436 436 LYS LYS A . n 
A 1 119 VAL 119 437 437 VAL VAL A . n 
A 1 120 PHE 120 438 438 PHE PHE A . n 
A 1 121 ASP 121 439 439 ASP ASP A . n 
A 1 122 LEU 122 440 440 LEU LEU A . n 
A 1 123 ARG 123 441 441 ARG ARG A . n 
A 1 124 GLN 124 442 442 GLN GLN A . n 
A 1 125 CYS 125 443 443 CYS CYS A . n 
A 1 126 HIS 126 444 444 HIS HIS A . n 
A 1 127 ARG 127 445 445 ARG ARG A . n 
A 1 128 GLN 128 446 446 GLN GLN A . n 
A 1 129 MET 129 447 447 MET MET A . n 
A 1 130 GLN 130 448 448 GLN GLN A . n 
A 1 131 GLN 131 449 449 GLN GLN A . n 
A 1 132 GLN 132 450 450 GLN GLN A . n 
A 1 133 ALA 133 451 451 ALA ALA A . n 
A 1 134 ALA 134 452 452 ALA ALA A . n 
A 1 135 THR 135 453 453 THR THR A . n 
A 1 136 ALA 136 454 454 ALA ALA A . n 
A 1 137 GLN 137 455 455 GLN GLN A . n 
A 1 138 ALA 138 456 456 ALA ALA A . n 
A 1 139 ALA 139 457 ?   ?   ?   A . n 
A 1 140 ALA 140 458 ?   ?   ?   A . n 
A 1 141 ALA 141 459 ?   ?   ?   A . n 
A 1 142 ALA 142 460 ?   ?   ?   A . n 
A 1 143 GLN 143 461 ?   ?   ?   A . n 
A 1 144 ALA 144 462 ?   ?   ?   A . n 
A 1 145 ALA 145 463 ?   ?   ?   A . n 
A 1 146 ALA 146 464 ?   ?   ?   A . n 
A 1 147 VAL 147 465 ?   ?   ?   A . n 
A 1 148 ALA 148 466 ?   ?   ?   A . n 
A 1 149 GLY 149 467 ?   ?   ?   A . n 
A 1 150 ASN 150 468 ?   ?   ?   A . n 
A 1 151 ILE 151 469 ?   ?   ?   A . n 
A 1 152 PRO 152 470 ?   ?   ?   A . n 
A 1 153 GLY 153 471 ?   ?   ?   A . n 
A 1 154 PRO 154 472 ?   ?   ?   A . n 
A 1 155 GLY 155 473 ?   ?   ?   A . n 
A 1 156 SER 156 474 ?   ?   ?   A . n 
A 1 157 VAL 157 475 ?   ?   ?   A . n 
A 1 158 GLY 158 476 ?   ?   ?   A . n 
A 1 159 GLY 159 477 ?   ?   ?   A . n 
A 1 160 ILE 160 478 ?   ?   ?   A . n 
A 1 161 ALA 161 479 ?   ?   ?   A . n 
A 1 162 PRO 162 480 ?   ?   ?   A . n 
A 1 163 ALA 163 481 ?   ?   ?   A . n 
A 1 164 ILE 164 482 ?   ?   ?   A . n 
A 1 165 SER 165 483 ?   ?   ?   A . n 
A 1 166 LEU 166 484 ?   ?   ?   A . n 
A 1 167 SER 167 485 ?   ?   ?   A . n 
A 1 168 ALA 168 486 ?   ?   ?   A . n 
A 1 169 ALA 169 487 ?   ?   ?   A . n 
A 1 170 ALA 170 488 ?   ?   ?   A . n 
A 1 171 GLY 171 489 ?   ?   ?   A . n 
A 1 172 ILE 172 490 ?   ?   ?   A . n 
A 1 173 GLY 173 491 ?   ?   ?   A . n 
A 1 174 VAL 174 492 492 VAL VAL A . n 
A 1 175 ASP 175 493 493 ASP ASP A . n 
A 1 176 ASP 176 494 494 ASP ASP A . n 
A 1 177 LEU 177 495 495 LEU LEU A . n 
A 1 178 ARG 178 496 496 ARG ARG A . n 
A 1 179 ARG 179 497 497 ARG ARG A . n 
A 1 180 LEU 180 498 498 LEU LEU A . n 
A 1 181 CYS 181 499 499 CYS CYS A . n 
A 1 182 ILE 182 500 500 ILE ILE A . n 
A 1 183 LEU 183 501 501 LEU LEU A . n 
A 1 184 ARG 184 502 502 ARG ARG A . n 
A 1 185 MET 185 503 503 MET MET A . n 
A 1 186 SER 186 504 504 SER SER A . n 
A 1 187 PHE 187 505 505 PHE PHE A . n 
A 1 188 VAL 188 506 506 VAL VAL A . n 
A 1 189 LYS 189 507 507 LYS LYS A . n 
A 1 190 GLY 190 508 508 GLY GLY A . n 
A 1 191 TRP 191 509 509 TRP TRP A . n 
A 1 192 GLY 192 510 510 GLY GLY A . n 
A 1 193 PRO 193 511 511 PRO PRO A . n 
A 1 194 ASP 194 512 512 ASP ASP A . n 
A 1 195 TYR 195 513 513 TYR TYR A . n 
A 1 196 PRO 196 514 514 PRO PRO A . n 
A 1 197 ARG 197 515 515 ARG ARG A . n 
A 1 198 GLN 198 516 516 GLN GLN A . n 
A 1 199 SER 199 517 517 SER SER A . n 
A 1 200 ILE 200 518 518 ILE ILE A . n 
A 1 201 LYS 201 519 519 LYS LYS A . n 
A 1 202 GLU 202 520 520 GLU GLU A . n 
A 1 203 THR 203 521 521 THR THR A . n 
A 1 204 PRO 204 522 522 PRO PRO A . n 
A 1 205 CYS 205 523 523 CYS CYS A . n 
A 1 206 TRP 206 524 524 TRP TRP A . n 
A 1 207 ILE 207 525 525 ILE ILE A . n 
A 1 208 GLU 208 526 526 GLU GLU A . n 
A 1 209 ILE 209 527 527 ILE ILE A . n 
A 1 210 HIS 210 528 528 HIS HIS A . n 
A 1 211 LEU 211 529 529 LEU LEU A . n 
A 1 212 HIS 212 530 530 HIS HIS A . n 
A 1 213 ARG 213 531 531 ARG ARG A . n 
A 1 214 ALA 214 532 532 ALA ALA A . n 
A 1 215 LEU 215 533 533 LEU LEU A . n 
A 1 216 GLN 216 534 534 GLN GLN A . n 
A 1 217 LEU 217 535 535 LEU LEU A . n 
A 1 218 LEU 218 536 536 LEU LEU A . n 
A 1 219 ASP 219 537 537 ASP ASP A . n 
A 1 220 GLU 220 538 538 GLU GLU A . n 
A 1 221 VAL 221 539 539 VAL VAL A . n 
A 1 222 LEU 222 540 540 LEU LEU A . n 
A 1 223 HIS 223 541 541 HIS HIS A . n 
A 1 224 THR 224 542 542 THR THR A . n 
A 1 225 MET 225 543 543 MET MET A . n 
A 1 226 PRO 226 544 ?   ?   ?   A . n 
A 1 227 ILE 227 545 ?   ?   ?   A . n 
A 1 228 ALA 228 546 ?   ?   ?   A . n 
A 1 229 ASP 229 547 ?   ?   ?   A . n 
A 1 230 PRO 230 548 ?   ?   ?   A . n 
A 1 231 GLN 231 549 ?   ?   ?   A . n 
A 1 232 PRO 232 550 ?   ?   ?   A . n 
A 1 233 LEU 233 551 ?   ?   ?   A . n 
A 1 234 ASP 234 552 ?   ?   ?   A . n 
# 
loop_
_pdbx_nonpoly_scheme.asym_id 
_pdbx_nonpoly_scheme.entity_id 
_pdbx_nonpoly_scheme.mon_id 
_pdbx_nonpoly_scheme.ndb_seq_num 
_pdbx_nonpoly_scheme.pdb_seq_num 
_pdbx_nonpoly_scheme.auth_seq_num 
_pdbx_nonpoly_scheme.pdb_mon_id 
_pdbx_nonpoly_scheme.auth_mon_id 
_pdbx_nonpoly_scheme.pdb_strand_id 
_pdbx_nonpoly_scheme.pdb_ins_code 
B 2 HOH 1   1   1   HOH HOH A . 
B 2 HOH 2   2   2   HOH HOH A . 
B 2 HOH 3   3   3   HOH HOH A . 
B 2 HOH 4   4   4   HOH HOH A . 
B 2 HOH 5   5   5   HOH HOH A . 
B 2 HOH 6   6   6   HOH HOH A . 
B 2 HOH 7   7   7   HOH HOH A . 
B 2 HOH 8   8   8   HOH HOH A . 
B 2 HOH 9   9   9   HOH HOH A . 
B 2 HOH 10  10  10  HOH HOH A . 
B 2 HOH 11  11  11  HOH HOH A . 
B 2 HOH 12  12  12  HOH HOH A . 
B 2 HOH 13  13  13  HOH HOH A . 
B 2 HOH 14  14  14  HOH HOH A . 
B 2 HOH 15  15  15  HOH HOH A . 
B 2 HOH 16  16  16  HOH HOH A . 
B 2 HOH 17  17  17  HOH HOH A . 
B 2 HOH 18  18  18  HOH HOH A . 
B 2 HOH 19  19  19  HOH HOH A . 
B 2 HOH 20  20  20  HOH HOH A . 
B 2 HOH 21  21  21  HOH HOH A . 
B 2 HOH 22  22  22  HOH HOH A . 
B 2 HOH 23  23  23  HOH HOH A . 
B 2 HOH 24  24  24  HOH HOH A . 
B 2 HOH 25  25  25  HOH HOH A . 
B 2 HOH 26  26  26  HOH HOH A . 
B 2 HOH 27  27  27  HOH HOH A . 
B 2 HOH 28  28  28  HOH HOH A . 
B 2 HOH 29  29  29  HOH HOH A . 
B 2 HOH 30  30  30  HOH HOH A . 
B 2 HOH 31  31  31  HOH HOH A . 
B 2 HOH 32  32  32  HOH HOH A . 
B 2 HOH 33  33  33  HOH HOH A . 
B 2 HOH 34  34  34  HOH HOH A . 
B 2 HOH 35  35  35  HOH HOH A . 
B 2 HOH 36  36  36  HOH HOH A . 
B 2 HOH 37  37  37  HOH HOH A . 
B 2 HOH 38  38  38  HOH HOH A . 
B 2 HOH 39  39  39  HOH HOH A . 
B 2 HOH 40  40  40  HOH HOH A . 
B 2 HOH 41  41  41  HOH HOH A . 
B 2 HOH 42  42  42  HOH HOH A . 
B 2 HOH 43  43  43  HOH HOH A . 
B 2 HOH 44  44  44  HOH HOH A . 
B 2 HOH 45  45  45  HOH HOH A . 
B 2 HOH 46  46  46  HOH HOH A . 
B 2 HOH 47  47  47  HOH HOH A . 
B 2 HOH 48  48  48  HOH HOH A . 
B 2 HOH 49  49  49  HOH HOH A . 
B 2 HOH 50  50  50  HOH HOH A . 
B 2 HOH 51  51  51  HOH HOH A . 
B 2 HOH 52  52  52  HOH HOH A . 
B 2 HOH 53  53  53  HOH HOH A . 
B 2 HOH 54  54  54  HOH HOH A . 
B 2 HOH 55  55  55  HOH HOH A . 
B 2 HOH 56  56  56  HOH HOH A . 
B 2 HOH 57  57  57  HOH HOH A . 
B 2 HOH 58  58  58  HOH HOH A . 
B 2 HOH 59  59  59  HOH HOH A . 
B 2 HOH 60  60  60  HOH HOH A . 
B 2 HOH 61  61  61  HOH HOH A . 
B 2 HOH 62  62  62  HOH HOH A . 
B 2 HOH 63  63  63  HOH HOH A . 
B 2 HOH 64  64  64  HOH HOH A . 
B 2 HOH 65  65  65  HOH HOH A . 
B 2 HOH 66  66  66  HOH HOH A . 
B 2 HOH 67  67  67  HOH HOH A . 
B 2 HOH 68  68  68  HOH HOH A . 
B 2 HOH 69  69  69  HOH HOH A . 
B 2 HOH 70  70  70  HOH HOH A . 
B 2 HOH 71  71  71  HOH HOH A . 
B 2 HOH 72  72  72  HOH HOH A . 
B 2 HOH 73  73  73  HOH HOH A . 
B 2 HOH 74  74  74  HOH HOH A . 
B 2 HOH 75  75  75  HOH HOH A . 
B 2 HOH 76  76  76  HOH HOH A . 
B 2 HOH 77  77  77  HOH HOH A . 
B 2 HOH 78  78  78  HOH HOH A . 
B 2 HOH 79  79  79  HOH HOH A . 
B 2 HOH 80  80  80  HOH HOH A . 
B 2 HOH 81  81  81  HOH HOH A . 
B 2 HOH 82  82  82  HOH HOH A . 
B 2 HOH 83  83  83  HOH HOH A . 
B 2 HOH 84  84  84  HOH HOH A . 
B 2 HOH 85  85  85  HOH HOH A . 
B 2 HOH 86  86  86  HOH HOH A . 
B 2 HOH 87  87  87  HOH HOH A . 
B 2 HOH 88  88  88  HOH HOH A . 
B 2 HOH 89  89  89  HOH HOH A . 
B 2 HOH 90  90  90  HOH HOH A . 
B 2 HOH 91  91  91  HOH HOH A . 
B 2 HOH 92  92  92  HOH HOH A . 
B 2 HOH 93  93  93  HOH HOH A . 
B 2 HOH 94  94  94  HOH HOH A . 
B 2 HOH 95  95  95  HOH HOH A . 
B 2 HOH 96  96  96  HOH HOH A . 
B 2 HOH 97  97  97  HOH HOH A . 
B 2 HOH 98  98  98  HOH HOH A . 
B 2 HOH 99  99  99  HOH HOH A . 
B 2 HOH 100 100 100 HOH HOH A . 
B 2 HOH 101 101 101 HOH HOH A . 
B 2 HOH 102 102 102 HOH HOH A . 
B 2 HOH 103 103 103 HOH HOH A . 
B 2 HOH 104 104 104 HOH HOH A . 
B 2 HOH 105 105 105 HOH HOH A . 
B 2 HOH 106 106 106 HOH HOH A . 
B 2 HOH 107 107 107 HOH HOH A . 
B 2 HOH 108 108 108 HOH HOH A . 
B 2 HOH 109 109 109 HOH HOH A . 
B 2 HOH 110 110 110 HOH HOH A . 
B 2 HOH 111 111 111 HOH HOH A . 
B 2 HOH 112 112 112 HOH HOH A . 
B 2 HOH 113 113 113 HOH HOH A . 
B 2 HOH 114 114 114 HOH HOH A . 
B 2 HOH 115 115 115 HOH HOH A . 
B 2 HOH 116 116 116 HOH HOH A . 
B 2 HOH 117 117 117 HOH HOH A . 
B 2 HOH 118 118 118 HOH HOH A . 
B 2 HOH 119 119 119 HOH HOH A . 
B 2 HOH 120 120 120 HOH HOH A . 
B 2 HOH 121 121 121 HOH HOH A . 
B 2 HOH 122 122 122 HOH HOH A . 
B 2 HOH 123 123 123 HOH HOH A . 
B 2 HOH 124 124 124 HOH HOH A . 
B 2 HOH 125 125 125 HOH HOH A . 
B 2 HOH 126 126 126 HOH HOH A . 
B 2 HOH 127 127 127 HOH HOH A . 
B 2 HOH 128 128 128 HOH HOH A . 
B 2 HOH 129 129 129 HOH HOH A . 
B 2 HOH 130 130 130 HOH HOH A . 
B 2 HOH 131 131 131 HOH HOH A . 
B 2 HOH 132 132 132 HOH HOH A . 
B 2 HOH 133 133 133 HOH HOH A . 
B 2 HOH 134 134 134 HOH HOH A . 
B 2 HOH 135 135 135 HOH HOH A . 
B 2 HOH 136 136 136 HOH HOH A . 
B 2 HOH 137 137 137 HOH HOH A . 
B 2 HOH 138 138 138 HOH HOH A . 
# 
loop_
_software.name 
_software.classification 
_software.version 
_software.citation_id 
_software.pdbx_ordinal 
DM        'model building' . ? 1 
SQUASH    phasing          . ? 2 
X-PLOR    'model building' . ? 3 
X-PLOR    refinement       . ? 4 
DENZO     'data reduction' . ? 5 
SCALEPACK 'data scaling'   . ? 6 
DM        phasing          . ? 7 
X-PLOR    phasing          . ? 8 
# 
_cell.entry_id           1YGS 
_cell.length_a           197.842 
_cell.length_b           197.842 
_cell.length_c           197.842 
_cell.angle_alpha        90.00 
_cell.angle_beta         90.00 
_cell.angle_gamma        90.00 
_cell.Z_PDB              96 
_cell.pdbx_unique_axis   ? 
# 
_symmetry.entry_id                         1YGS 
_symmetry.space_group_name_H-M             'F 41 3 2' 
_symmetry.pdbx_full_space_group_name_H-M   ? 
_symmetry.cell_setting                     ? 
_symmetry.Int_Tables_number                210 
# 
_exptl.entry_id          1YGS 
_exptl.method            'X-RAY DIFFRACTION' 
_exptl.crystals_number   1 
# 
_exptl_crystal.id                    1 
_exptl_crystal.density_meas          ? 
_exptl_crystal.density_Matthews      3.16 
_exptl_crystal.density_percent_sol   50. 
_exptl_crystal.description           ? 
# 
_exptl_crystal_grow.crystal_id      1 
_exptl_crystal_grow.method          ? 
_exptl_crystal_grow.temp            ? 
_exptl_crystal_grow.temp_details    ? 
_exptl_crystal_grow.pH              6.5 
_exptl_crystal_grow.pdbx_pH_range   ? 
_exptl_crystal_grow.pdbx_details    '100 MM NAMES, PH6.5, 25% PEG MONOMETHYLETHER 5000, 5 MM DTT, 200 MM (NH4)2SO4' 
# 
_diffrn.id                     1 
_diffrn.ambient_temp           110 
_diffrn.ambient_temp_details   ? 
_diffrn.crystal_id             1 
# 
_diffrn_detector.diffrn_id              1 
_diffrn_detector.detector               CCD 
_diffrn_detector.type                   ? 
_diffrn_detector.pdbx_collection_date   1997-07-04 
_diffrn_detector.details                ? 
# 
_diffrn_radiation.diffrn_id                        1 
_diffrn_radiation.wavelength_id                    1 
_diffrn_radiation.pdbx_monochromatic_or_laue_m_l   M 
_diffrn_radiation.monochromator                    ? 
_diffrn_radiation.pdbx_diffrn_protocol             ? 
_diffrn_radiation.pdbx_scattering_type             x-ray 
# 
_diffrn_radiation_wavelength.id           1 
_diffrn_radiation_wavelength.wavelength   0.908 
_diffrn_radiation_wavelength.wt           1.0 
# 
_diffrn_source.diffrn_id                   1 
_diffrn_source.source                      SYNCHROTRON 
_diffrn_source.type                        'CHESS BEAMLINE A1' 
_diffrn_source.pdbx_synchrotron_site       CHESS 
_diffrn_source.pdbx_synchrotron_beamline   A1 
_diffrn_source.pdbx_wavelength             0.908 
_diffrn_source.pdbx_wavelength_list        ? 
# 
_reflns.entry_id                     1YGS 
_reflns.observed_criterion_sigma_I   1.5 
_reflns.observed_criterion_sigma_F   ? 
_reflns.d_resolution_low             99.0 
_reflns.d_resolution_high            2.1 
_reflns.number_obs                   18650 
_reflns.number_all                   ? 
_reflns.percent_possible_obs         93.5 
_reflns.pdbx_Rmerge_I_obs            ? 
_reflns.pdbx_Rsym_value              0.0390000 
_reflns.pdbx_netI_over_sigmaI        32. 
_reflns.B_iso_Wilson_estimate        ? 
_reflns.pdbx_redundancy              5.2 
_reflns.pdbx_diffrn_id               1 
_reflns.pdbx_ordinal                 1 
# 
_reflns_shell.d_res_high             2.10 
_reflns_shell.d_res_low              2.18 
_reflns_shell.percent_possible_all   93.1 
_reflns_shell.Rmerge_I_obs           ? 
_reflns_shell.pdbx_Rsym_value        0.1620000 
_reflns_shell.meanI_over_sigI_obs    9.9 
_reflns_shell.pdbx_redundancy        4.2 
_reflns_shell.pdbx_diffrn_id         ? 
_reflns_shell.pdbx_ordinal           1 
# 
_refine.entry_id                                 1YGS 
_refine.ls_number_reflns_obs                     16157 
_refine.ls_number_reflns_all                     ? 
_refine.pdbx_ls_sigma_I                          ? 
_refine.pdbx_ls_sigma_F                          4.0 
_refine.pdbx_data_cutoff_high_absF               ? 
_refine.pdbx_data_cutoff_low_absF                ? 
_refine.pdbx_data_cutoff_high_rms_absF           ? 
_refine.ls_d_res_low                             6.0 
_refine.ls_d_res_high                            2.1 
_refine.ls_percent_reflns_obs                    86.2 
_refine.ls_R_factor_obs                          0.2190000 
_refine.ls_R_factor_all                          ? 
_refine.ls_R_factor_R_work                       0.2190000 
_refine.ls_R_factor_R_free                       0.2790000 
_refine.ls_R_factor_R_free_error                 ? 
_refine.ls_R_factor_R_free_error_details         ? 
_refine.ls_percent_reflns_R_free                 5. 
_refine.ls_number_reflns_R_free                  742 
_refine.ls_number_parameters                     ? 
_refine.ls_number_restraints                     ? 
_refine.occupancy_min                            ? 
_refine.occupancy_max                            ? 
_refine.B_iso_mean                               ? 
_refine.aniso_B[1][1]                            ? 
_refine.aniso_B[2][2]                            ? 
_refine.aniso_B[3][3]                            ? 
_refine.aniso_B[1][2]                            ? 
_refine.aniso_B[1][3]                            ? 
_refine.aniso_B[2][3]                            ? 
_refine.solvent_model_details                    ? 
_refine.solvent_model_param_ksol                 ? 
_refine.solvent_model_param_bsol                 ? 
_refine.pdbx_ls_cross_valid_method               'R FACTOR' 
_refine.details                                  ? 
_refine.pdbx_starting_model                      ? 
_refine.pdbx_method_to_determine_struct          MIR 
_refine.pdbx_isotropic_thermal_model             ? 
_refine.pdbx_stereochemistry_target_values       ? 
_refine.pdbx_stereochem_target_val_spec_case     ? 
_refine.pdbx_R_Free_selection_details            RANDOM 
_refine.pdbx_overall_ESU_R                       ? 
_refine.pdbx_overall_ESU_R_Free                  ? 
_refine.overall_SU_ML                            ? 
_refine.overall_SU_B                             ? 
_refine.pdbx_refine_id                           'X-RAY DIFFRACTION' 
_refine.pdbx_diffrn_id                           1 
_refine.pdbx_TLS_residual_ADP_flag               ? 
_refine.correlation_coeff_Fo_to_Fc               ? 
_refine.correlation_coeff_Fo_to_Fc_free          ? 
_refine.pdbx_solvent_vdw_probe_radii             ? 
_refine.pdbx_solvent_ion_probe_radii             ? 
_refine.pdbx_solvent_shrinkage_radii             ? 
_refine.pdbx_overall_phase_error                 ? 
_refine.overall_SU_R_Cruickshank_DPI             ? 
_refine.pdbx_overall_SU_R_free_Cruickshank_DPI   ? 
_refine.pdbx_overall_SU_R_Blow_DPI               ? 
_refine.pdbx_overall_SU_R_free_Blow_DPI          ? 
# 
_refine_hist.pdbx_refine_id                   'X-RAY DIFFRACTION' 
_refine_hist.cycle_id                         LAST 
_refine_hist.pdbx_number_atoms_protein        1522 
_refine_hist.pdbx_number_atoms_nucleic_acid   0 
_refine_hist.pdbx_number_atoms_ligand         0 
_refine_hist.number_atoms_solvent             156 
_refine_hist.number_atoms_total               1678 
_refine_hist.d_res_high                       2.1 
_refine_hist.d_res_low                        6.0 
# 
loop_
_refine_ls_restr.type 
_refine_ls_restr.dev_ideal 
_refine_ls_restr.dev_ideal_target 
_refine_ls_restr.weight 
_refine_ls_restr.number 
_refine_ls_restr.pdbx_refine_id 
_refine_ls_restr.pdbx_restraint_function 
x_bond_d                0.008 ? ? ? 'X-RAY DIFFRACTION' ? 
x_bond_d_na             ?     ? ? ? 'X-RAY DIFFRACTION' ? 
x_bond_d_prot           ?     ? ? ? 'X-RAY DIFFRACTION' ? 
x_angle_d               ?     ? ? ? 'X-RAY DIFFRACTION' ? 
x_angle_d_na            ?     ? ? ? 'X-RAY DIFFRACTION' ? 
x_angle_d_prot          ?     ? ? ? 'X-RAY DIFFRACTION' ? 
x_angle_deg             1.538 ? ? ? 'X-RAY DIFFRACTION' ? 
x_angle_deg_na          ?     ? ? ? 'X-RAY DIFFRACTION' ? 
x_angle_deg_prot        ?     ? ? ? 'X-RAY DIFFRACTION' ? 
x_dihedral_angle_d      ?     ? ? ? 'X-RAY DIFFRACTION' ? 
x_dihedral_angle_d_na   ?     ? ? ? 'X-RAY DIFFRACTION' ? 
x_dihedral_angle_d_prot ?     ? ? ? 'X-RAY DIFFRACTION' ? 
x_improper_angle_d      ?     ? ? ? 'X-RAY DIFFRACTION' ? 
x_improper_angle_d_na   ?     ? ? ? 'X-RAY DIFFRACTION' ? 
x_improper_angle_d_prot ?     ? ? ? 'X-RAY DIFFRACTION' ? 
x_mcbond_it             ?     ? ? ? 'X-RAY DIFFRACTION' ? 
x_mcangle_it            ?     ? ? ? 'X-RAY DIFFRACTION' ? 
x_scbond_it             ?     ? ? ? 'X-RAY DIFFRACTION' ? 
x_scangle_it            ?     ? ? ? 'X-RAY DIFFRACTION' ? 
# 
_refine_ls_shell.pdbx_total_number_of_bins_used   8 
_refine_ls_shell.d_res_high                       2.10 
_refine_ls_shell.d_res_low                        2.19 
_refine_ls_shell.number_reflns_R_work             1677 
_refine_ls_shell.R_factor_R_work                  0.3160000 
_refine_ls_shell.percent_reflns_obs               82.0 
_refine_ls_shell.R_factor_R_free                  0.3220000 
_refine_ls_shell.R_factor_R_free_error            ? 
_refine_ls_shell.percent_reflns_R_free            5. 
_refine_ls_shell.number_reflns_R_free             90 
_refine_ls_shell.pdbx_refine_id                   'X-RAY DIFFRACTION' 
_refine_ls_shell.number_reflns_all                ? 
_refine_ls_shell.R_factor_all                     ? 
# 
loop_
_pdbx_xplor_file.serial_no 
_pdbx_xplor_file.param_file 
_pdbx_xplor_file.topol_file 
_pdbx_xplor_file.pdbx_refine_id 
1 PARHCSDX.PRO ? 'X-RAY DIFFRACTION' 
2 PARAM11.WAT  ? 'X-RAY DIFFRACTION' 
# 
_struct.entry_id                  1YGS 
_struct.title                     'CRYSTAL STRUCTURE OF THE SMAD4 TUMOR SUPPRESSOR C-TERMINAL DOMAIN' 
_struct.pdbx_model_details        ? 
_struct.pdbx_CASP_flag            ? 
_struct.pdbx_model_type_details   ? 
# 
_struct_keywords.entry_id        1YGS 
_struct_keywords.pdbx_keywords   'TUMOUR SUPPRESSOR' 
_struct_keywords.text            
;SMAD4, TUMOR SUPPRESSOR C-TERMINAL DOMAIN, TGF-BETA SIGNAL MEDIATOR, BETA-SANDWICH SCAFFOLD WITH A THREE-HELIX BUNDLE, TUMOUR SUPPRESSOR
;
# 
loop_
_struct_asym.id 
_struct_asym.pdbx_blank_PDB_chainid_flag 
_struct_asym.pdbx_modified 
_struct_asym.entity_id 
_struct_asym.details 
A N N 1 ? 
B N N 2 ? 
# 
_struct_ref.id                         1 
_struct_ref.db_name                    UNP 
_struct_ref.db_code                    SMA4_HUMAN 
_struct_ref.entity_id                  1 
_struct_ref.pdbx_db_accession          Q13485 
_struct_ref.pdbx_align_begin           1 
_struct_ref.pdbx_seq_one_letter_code   
;MDNMSITNTPTSNDACLSIVHSLMCHRQGGESETFAKRAIESLVKKLKEKKDELDSLITAITTNGAHPSKCVTIQRTLDG
RLQVAGRKGFPHVIYARLWRWPDLHKNELKHVKYCQYAFDLKCDSVCVNPYHYERVVSPGIDLSGLTLQSNAPPSMLVKD
EYVHDFEGQPSLPTEGHSIQTIQHPPSNRASTETYSAPALLAPSESNATSTTNFPNIPVASTSQPASILAGSHSEGLLQI
ASGPQPGQQQNGFTAQPATYHHNSTTTWTGSRTAPYTPNLPHHQNGHLQHHPPMPPHPGHYWPVHNELAFQPPISNHPAP
EYWCSIAYFEMDVQVGETFKVPSSCPIVTVDGYVDPSGGDRFCLGQLSNVHRTEAIERARLHIGKGVQLECKGEGDVWVR
CLSDHAVFVQSYYLDREAGRAPGDAVHKIYPSAYIKVFDLRQCHRQMQQQAATAQAAAAAQAAAVAGNIPGPGSVGGIAP
AISLSAAAGIGVDDLRRLCILRMSFVKGWGPDYPRQSIKETPCWIEIHLHRALQLLDEVLHTMPIADPQPLD
;
_struct_ref.pdbx_db_isoform            ? 
# 
_struct_ref_seq.align_id                      1 
_struct_ref_seq.ref_id                        1 
_struct_ref_seq.pdbx_PDB_id_code              1YGS 
_struct_ref_seq.pdbx_strand_id                A 
_struct_ref_seq.seq_align_beg                 1 
_struct_ref_seq.pdbx_seq_align_beg_ins_code   ? 
_struct_ref_seq.seq_align_end                 234 
_struct_ref_seq.pdbx_seq_align_end_ins_code   ? 
_struct_ref_seq.pdbx_db_accession             Q13485 
_struct_ref_seq.db_align_beg                  319 
_struct_ref_seq.pdbx_db_align_beg_ins_code    ? 
_struct_ref_seq.db_align_end                  552 
_struct_ref_seq.pdbx_db_align_end_ins_code    ? 
_struct_ref_seq.pdbx_auth_seq_align_beg       319 
_struct_ref_seq.pdbx_auth_seq_align_end       552 
# 
_pdbx_struct_assembly.id                   1 
_pdbx_struct_assembly.details              author_defined_assembly 
_pdbx_struct_assembly.method_details       ? 
_pdbx_struct_assembly.oligomeric_details   trimeric 
_pdbx_struct_assembly.oligomeric_count     3 
# 
_pdbx_struct_assembly_gen.assembly_id       1 
_pdbx_struct_assembly_gen.oper_expression   1,2,3 
_pdbx_struct_assembly_gen.asym_id_list      A,B 
# 
loop_
_pdbx_struct_oper_list.id 
_pdbx_struct_oper_list.type 
_pdbx_struct_oper_list.name 
_pdbx_struct_oper_list.symmetry_operation 
_pdbx_struct_oper_list.matrix[1][1] 
_pdbx_struct_oper_list.matrix[1][2] 
_pdbx_struct_oper_list.matrix[1][3] 
_pdbx_struct_oper_list.vector[1] 
_pdbx_struct_oper_list.matrix[2][1] 
_pdbx_struct_oper_list.matrix[2][2] 
_pdbx_struct_oper_list.matrix[2][3] 
_pdbx_struct_oper_list.vector[2] 
_pdbx_struct_oper_list.matrix[3][1] 
_pdbx_struct_oper_list.matrix[3][2] 
_pdbx_struct_oper_list.matrix[3][3] 
_pdbx_struct_oper_list.vector[3] 
1 'identity operation'         1_555  x,y,z           1.0000000000  0.0000000000  0.0000000000  0.0000000000   0.0000000000  1.0000000000 0.0000000000  0.0000000000  0.0000000000  0.0000000000  1.0000000000 0.0000000000  
2 'crystal symmetry operation' 83_555 y,-z+1/2,-x+1/2 -0.4999315131 -0.5837590283 -0.6397607984 -6.1095268265  0.5686261955  0.3359356611 -0.7508738119 21.0538026331 0.6532478335  -0.7391702297 0.1639958520 23.6850068246 
3 'crystal symmetry operation' 32_555 -z+1/2,x,-y+1/2 -0.4999315131 0.5686261955  0.6532478335  -30.4982680781 -0.5837590283 0.3359356611 -0.7391702297 6.8680373854  -0.6397607984 -0.7508738119 0.1639958520 8.0158704049 
# 
_struct_biol.id   1 
# 
loop_
_struct_conf.conf_type_id 
_struct_conf.id 
_struct_conf.pdbx_PDB_helix_id 
_struct_conf.beg_label_comp_id 
_struct_conf.beg_label_asym_id 
_struct_conf.beg_label_seq_id 
_struct_conf.pdbx_beg_PDB_ins_code 
_struct_conf.end_label_comp_id 
_struct_conf.end_label_asym_id 
_struct_conf.end_label_seq_id 
_struct_conf.pdbx_end_PDB_ins_code 
_struct_conf.beg_auth_comp_id 
_struct_conf.beg_auth_asym_id 
_struct_conf.beg_auth_seq_id 
_struct_conf.end_auth_comp_id 
_struct_conf.end_auth_asym_id 
_struct_conf.end_auth_seq_id 
_struct_conf.pdbx_PDB_helix_class 
_struct_conf.details 
_struct_conf.pdbx_PDB_helix_length 
HELX_P HELX_P1 1 GLU A 56  ? HIS A 64  ? GLU A 374 HIS A 382 1 ? 9  
HELX_P HELX_P2 2 TYR A 94  ? ALA A 100 ? TYR A 412 ALA A 418 1 ? 7  
HELX_P HELX_P3 3 LEU A 122 ? ALA A 136 ? LEU A 440 ALA A 454 1 ? 15 
HELX_P HELX_P4 4 ASP A 175 ? CYS A 181 ? ASP A 493 CYS A 499 1 ? 7  
HELX_P HELX_P5 5 ILE A 200 ? GLU A 202 ? ILE A 518 GLU A 520 5 ? 3  
HELX_P HELX_P6 6 HIS A 212 ? HIS A 223 ? HIS A 530 HIS A 541 1 ? 12 
# 
_struct_conf_type.id          HELX_P 
_struct_conf_type.criteria    ? 
_struct_conf_type.reference   ? 
# 
loop_
_struct_sheet.id 
_struct_sheet.type 
_struct_sheet.number_strands 
_struct_sheet.details 
A ? 5 ? 
B ? 2 ? 
C ? 2 ? 
D ? 2 ? 
# 
loop_
_struct_sheet_order.sheet_id 
_struct_sheet_order.range_id_1 
_struct_sheet_order.range_id_2 
_struct_sheet_order.offset 
_struct_sheet_order.sense 
A 1 2 ? parallel      
A 2 3 ? anti-parallel 
A 3 4 ? anti-parallel 
A 4 5 ? anti-parallel 
B 1 2 ? anti-parallel 
C 1 2 ? anti-parallel 
D 1 2 ? anti-parallel 
# 
loop_
_struct_sheet_range.sheet_id 
_struct_sheet_range.id 
_struct_sheet_range.beg_label_comp_id 
_struct_sheet_range.beg_label_asym_id 
_struct_sheet_range.beg_label_seq_id 
_struct_sheet_range.pdbx_beg_PDB_ins_code 
_struct_sheet_range.end_label_comp_id 
_struct_sheet_range.end_label_asym_id 
_struct_sheet_range.end_label_seq_id 
_struct_sheet_range.pdbx_end_PDB_ins_code 
_struct_sheet_range.beg_auth_comp_id 
_struct_sheet_range.beg_auth_asym_id 
_struct_sheet_range.beg_auth_seq_id 
_struct_sheet_range.end_auth_comp_id 
_struct_sheet_range.end_auth_asym_id 
_struct_sheet_range.end_auth_seq_id 
A 1 ARG A 43  ? CYS A 45  ? ARG A 361 CYS A 363 
A 2 ILE A 29  ? ASP A 33  ? ILE A 347 ASP A 351 
A 3 VAL A 69  ? LYS A 74  ? VAL A 387 LYS A 392 
A 4 ASP A 78  ? CYS A 83  ? ASP A 396 CYS A 401 
A 5 TYR A 116 ? PHE A 120 ? TYR A 434 PHE A 438 
B 1 VAL A 89  ? VAL A 91  ? VAL A 407 VAL A 409 
B 2 HIS A 109 ? ILE A 111 ? HIS A 427 ILE A 429 
C 1 TYR A 4   ? ILE A 8   ? TYR A 322 ILE A 326 
C 2 PHE A 21  ? PRO A 24  ? PHE A 339 PRO A 342 
D 1 ILE A 182 ? SER A 186 ? ILE A 500 SER A 504 
D 2 TRP A 206 ? HIS A 210 ? TRP A 524 HIS A 528 
# 
loop_
_pdbx_struct_sheet_hbond.sheet_id 
_pdbx_struct_sheet_hbond.range_id_1 
_pdbx_struct_sheet_hbond.range_id_2 
_pdbx_struct_sheet_hbond.range_1_label_atom_id 
_pdbx_struct_sheet_hbond.range_1_label_comp_id 
_pdbx_struct_sheet_hbond.range_1_label_asym_id 
_pdbx_struct_sheet_hbond.range_1_label_seq_id 
_pdbx_struct_sheet_hbond.range_1_PDB_ins_code 
_pdbx_struct_sheet_hbond.range_1_auth_atom_id 
_pdbx_struct_sheet_hbond.range_1_auth_comp_id 
_pdbx_struct_sheet_hbond.range_1_auth_asym_id 
_pdbx_struct_sheet_hbond.range_1_auth_seq_id 
_pdbx_struct_sheet_hbond.range_2_label_atom_id 
_pdbx_struct_sheet_hbond.range_2_label_comp_id 
_pdbx_struct_sheet_hbond.range_2_label_asym_id 
_pdbx_struct_sheet_hbond.range_2_label_seq_id 
_pdbx_struct_sheet_hbond.range_2_PDB_ins_code 
_pdbx_struct_sheet_hbond.range_2_auth_atom_id 
_pdbx_struct_sheet_hbond.range_2_auth_comp_id 
_pdbx_struct_sheet_hbond.range_2_auth_asym_id 
_pdbx_struct_sheet_hbond.range_2_auth_seq_id 
A 1 2 O PHE A 44  ? O PHE A 362 N THR A 31  ? N THR A 349 
A 2 3 O VAL A 30  ? O VAL A 348 N LEU A 71  ? N LEU A 389 
A 3 4 O GLN A 70  ? O GLN A 388 N ARG A 82  ? N ARG A 400 
A 4 5 O VAL A 79  ? O VAL A 397 N PHE A 120 ? N PHE A 438 
B 1 2 O VAL A 89  ? O VAL A 407 N ILE A 111 ? N ILE A 429 
C 1 2 O TRP A 5   ? O TRP A 323 N VAL A 23  ? N VAL A 341 
D 1 2 O LEU A 183 ? O LEU A 501 N ILE A 209 ? N ILE A 527 
# 
loop_
_pdbx_validate_torsion.id 
_pdbx_validate_torsion.PDB_model_num 
_pdbx_validate_torsion.auth_comp_id 
_pdbx_validate_torsion.auth_asym_id 
_pdbx_validate_torsion.auth_seq_id 
_pdbx_validate_torsion.PDB_ins_code 
_pdbx_validate_torsion.label_alt_id 
_pdbx_validate_torsion.phi 
_pdbx_validate_torsion.psi 
1 1 MET A 331 ? ? 66.80   -127.81 
2 1 TYR A 353 ? ? -77.58  -161.46 
3 1 ASP A 424 ? ? -79.27  39.53   
4 1 SER A 432 ? ? 72.28   -7.08   
5 1 GLN A 455 ? ? -95.71  53.89   
6 1 PRO A 511 ? ? -26.10  -55.11  
7 1 CYS A 523 ? ? -163.08 118.28  
# 
loop_
_pdbx_unobs_or_zero_occ_residues.id 
_pdbx_unobs_or_zero_occ_residues.PDB_model_num 
_pdbx_unobs_or_zero_occ_residues.polymer_flag 
_pdbx_unobs_or_zero_occ_residues.occupancy_flag 
_pdbx_unobs_or_zero_occ_residues.auth_asym_id 
_pdbx_unobs_or_zero_occ_residues.auth_comp_id 
_pdbx_unobs_or_zero_occ_residues.auth_seq_id 
_pdbx_unobs_or_zero_occ_residues.PDB_ins_code 
_pdbx_unobs_or_zero_occ_residues.label_asym_id 
_pdbx_unobs_or_zero_occ_residues.label_comp_id 
_pdbx_unobs_or_zero_occ_residues.label_seq_id 
1  1 Y 1 A ALA 457 ? A ALA 139 
2  1 Y 1 A ALA 458 ? A ALA 140 
3  1 Y 1 A ALA 459 ? A ALA 141 
4  1 Y 1 A ALA 460 ? A ALA 142 
5  1 Y 1 A GLN 461 ? A GLN 143 
6  1 Y 1 A ALA 462 ? A ALA 144 
7  1 Y 1 A ALA 463 ? A ALA 145 
8  1 Y 1 A ALA 464 ? A ALA 146 
9  1 Y 1 A VAL 465 ? A VAL 147 
10 1 Y 1 A ALA 466 ? A ALA 148 
11 1 Y 1 A GLY 467 ? A GLY 149 
12 1 Y 1 A ASN 468 ? A ASN 150 
13 1 Y 1 A ILE 469 ? A ILE 151 
14 1 Y 1 A PRO 470 ? A PRO 152 
15 1 Y 1 A GLY 471 ? A GLY 153 
16 1 Y 1 A PRO 472 ? A PRO 154 
17 1 Y 1 A GLY 473 ? A GLY 155 
18 1 Y 1 A SER 474 ? A SER 156 
19 1 Y 1 A VAL 475 ? A VAL 157 
20 1 Y 1 A GLY 476 ? A GLY 158 
21 1 Y 1 A GLY 477 ? A GLY 159 
22 1 Y 1 A ILE 478 ? A ILE 160 
23 1 Y 1 A ALA 479 ? A ALA 161 
24 1 Y 1 A PRO 480 ? A PRO 162 
25 1 Y 1 A ALA 481 ? A ALA 163 
26 1 Y 1 A ILE 482 ? A ILE 164 
27 1 Y 1 A SER 483 ? A SER 165 
28 1 Y 1 A LEU 484 ? A LEU 166 
29 1 Y 1 A SER 485 ? A SER 167 
30 1 Y 1 A ALA 486 ? A ALA 168 
31 1 Y 1 A ALA 487 ? A ALA 169 
32 1 Y 1 A ALA 488 ? A ALA 170 
33 1 Y 1 A GLY 489 ? A GLY 171 
34 1 Y 1 A ILE 490 ? A ILE 172 
35 1 Y 1 A GLY 491 ? A GLY 173 
36 1 Y 1 A PRO 544 ? A PRO 226 
37 1 Y 1 A ILE 545 ? A ILE 227 
38 1 Y 1 A ALA 546 ? A ALA 228 
39 1 Y 1 A ASP 547 ? A ASP 229 
40 1 Y 1 A PRO 548 ? A PRO 230 
41 1 Y 1 A GLN 549 ? A GLN 231 
42 1 Y 1 A PRO 550 ? A PRO 232 
43 1 Y 1 A LEU 551 ? A LEU 233 
44 1 Y 1 A ASP 552 ? A ASP 234 
# 
loop_
_chem_comp_atom.comp_id 
_chem_comp_atom.atom_id 
_chem_comp_atom.type_symbol 
_chem_comp_atom.pdbx_aromatic_flag 
_chem_comp_atom.pdbx_stereo_config 
_chem_comp_atom.pdbx_ordinal 
ALA N    N N N 1   
ALA CA   C N S 2   
ALA C    C N N 3   
ALA O    O N N 4   
ALA CB   C N N 5   
ALA OXT  O N N 6   
ALA H    H N N 7   
ALA H2   H N N 8   
ALA HA   H N N 9   
ALA HB1  H N N 10  
ALA HB2  H N N 11  
ALA HB3  H N N 12  
ALA HXT  H N N 13  
ARG N    N N N 14  
ARG CA   C N S 15  
ARG C    C N N 16  
ARG O    O N N 17  
ARG CB   C N N 18  
ARG CG   C N N 19  
ARG CD   C N N 20  
ARG NE   N N N 21  
ARG CZ   C N N 22  
ARG NH1  N N N 23  
ARG NH2  N N N 24  
ARG OXT  O N N 25  
ARG H    H N N 26  
ARG H2   H N N 27  
ARG HA   H N N 28  
ARG HB2  H N N 29  
ARG HB3  H N N 30  
ARG HG2  H N N 31  
ARG HG3  H N N 32  
ARG HD2  H N N 33  
ARG HD3  H N N 34  
ARG HE   H N N 35  
ARG HH11 H N N 36  
ARG HH12 H N N 37  
ARG HH21 H N N 38  
ARG HH22 H N N 39  
ARG HXT  H N N 40  
ASN N    N N N 41  
ASN CA   C N S 42  
ASN C    C N N 43  
ASN O    O N N 44  
ASN CB   C N N 45  
ASN CG   C N N 46  
ASN OD1  O N N 47  
ASN ND2  N N N 48  
ASN OXT  O N N 49  
ASN H    H N N 50  
ASN H2   H N N 51  
ASN HA   H N N 52  
ASN HB2  H N N 53  
ASN HB3  H N N 54  
ASN HD21 H N N 55  
ASN HD22 H N N 56  
ASN HXT  H N N 57  
ASP N    N N N 58  
ASP CA   C N S 59  
ASP C    C N N 60  
ASP O    O N N 61  
ASP CB   C N N 62  
ASP CG   C N N 63  
ASP OD1  O N N 64  
ASP OD2  O N N 65  
ASP OXT  O N N 66  
ASP H    H N N 67  
ASP H2   H N N 68  
ASP HA   H N N 69  
ASP HB2  H N N 70  
ASP HB3  H N N 71  
ASP HD2  H N N 72  
ASP HXT  H N N 73  
CYS N    N N N 74  
CYS CA   C N R 75  
CYS C    C N N 76  
CYS O    O N N 77  
CYS CB   C N N 78  
CYS SG   S N N 79  
CYS OXT  O N N 80  
CYS H    H N N 81  
CYS H2   H N N 82  
CYS HA   H N N 83  
CYS HB2  H N N 84  
CYS HB3  H N N 85  
CYS HG   H N N 86  
CYS HXT  H N N 87  
GLN N    N N N 88  
GLN CA   C N S 89  
GLN C    C N N 90  
GLN O    O N N 91  
GLN CB   C N N 92  
GLN CG   C N N 93  
GLN CD   C N N 94  
GLN OE1  O N N 95  
GLN NE2  N N N 96  
GLN OXT  O N N 97  
GLN H    H N N 98  
GLN H2   H N N 99  
GLN HA   H N N 100 
GLN HB2  H N N 101 
GLN HB3  H N N 102 
GLN HG2  H N N 103 
GLN HG3  H N N 104 
GLN HE21 H N N 105 
GLN HE22 H N N 106 
GLN HXT  H N N 107 
GLU N    N N N 108 
GLU CA   C N S 109 
GLU C    C N N 110 
GLU O    O N N 111 
GLU CB   C N N 112 
GLU CG   C N N 113 
GLU CD   C N N 114 
GLU OE1  O N N 115 
GLU OE2  O N N 116 
GLU OXT  O N N 117 
GLU H    H N N 118 
GLU H2   H N N 119 
GLU HA   H N N 120 
GLU HB2  H N N 121 
GLU HB3  H N N 122 
GLU HG2  H N N 123 
GLU HG3  H N N 124 
GLU HE2  H N N 125 
GLU HXT  H N N 126 
GLY N    N N N 127 
GLY CA   C N N 128 
GLY C    C N N 129 
GLY O    O N N 130 
GLY OXT  O N N 131 
GLY H    H N N 132 
GLY H2   H N N 133 
GLY HA2  H N N 134 
GLY HA3  H N N 135 
GLY HXT  H N N 136 
HIS N    N N N 137 
HIS CA   C N S 138 
HIS C    C N N 139 
HIS O    O N N 140 
HIS CB   C N N 141 
HIS CG   C Y N 142 
HIS ND1  N Y N 143 
HIS CD2  C Y N 144 
HIS CE1  C Y N 145 
HIS NE2  N Y N 146 
HIS OXT  O N N 147 
HIS H    H N N 148 
HIS H2   H N N 149 
HIS HA   H N N 150 
HIS HB2  H N N 151 
HIS HB3  H N N 152 
HIS HD1  H N N 153 
HIS HD2  H N N 154 
HIS HE1  H N N 155 
HIS HE2  H N N 156 
HIS HXT  H N N 157 
HOH O    O N N 158 
HOH H1   H N N 159 
HOH H2   H N N 160 
ILE N    N N N 161 
ILE CA   C N S 162 
ILE C    C N N 163 
ILE O    O N N 164 
ILE CB   C N S 165 
ILE CG1  C N N 166 
ILE CG2  C N N 167 
ILE CD1  C N N 168 
ILE OXT  O N N 169 
ILE H    H N N 170 
ILE H2   H N N 171 
ILE HA   H N N 172 
ILE HB   H N N 173 
ILE HG12 H N N 174 
ILE HG13 H N N 175 
ILE HG21 H N N 176 
ILE HG22 H N N 177 
ILE HG23 H N N 178 
ILE HD11 H N N 179 
ILE HD12 H N N 180 
ILE HD13 H N N 181 
ILE HXT  H N N 182 
LEU N    N N N 183 
LEU CA   C N S 184 
LEU C    C N N 185 
LEU O    O N N 186 
LEU CB   C N N 187 
LEU CG   C N N 188 
LEU CD1  C N N 189 
LEU CD2  C N N 190 
LEU OXT  O N N 191 
LEU H    H N N 192 
LEU H2   H N N 193 
LEU HA   H N N 194 
LEU HB2  H N N 195 
LEU HB3  H N N 196 
LEU HG   H N N 197 
LEU HD11 H N N 198 
LEU HD12 H N N 199 
LEU HD13 H N N 200 
LEU HD21 H N N 201 
LEU HD22 H N N 202 
LEU HD23 H N N 203 
LEU HXT  H N N 204 
LYS N    N N N 205 
LYS CA   C N S 206 
LYS C    C N N 207 
LYS O    O N N 208 
LYS CB   C N N 209 
LYS CG   C N N 210 
LYS CD   C N N 211 
LYS CE   C N N 212 
LYS NZ   N N N 213 
LYS OXT  O N N 214 
LYS H    H N N 215 
LYS H2   H N N 216 
LYS HA   H N N 217 
LYS HB2  H N N 218 
LYS HB3  H N N 219 
LYS HG2  H N N 220 
LYS HG3  H N N 221 
LYS HD2  H N N 222 
LYS HD3  H N N 223 
LYS HE2  H N N 224 
LYS HE3  H N N 225 
LYS HZ1  H N N 226 
LYS HZ2  H N N 227 
LYS HZ3  H N N 228 
LYS HXT  H N N 229 
MET N    N N N 230 
MET CA   C N S 231 
MET C    C N N 232 
MET O    O N N 233 
MET CB   C N N 234 
MET CG   C N N 235 
MET SD   S N N 236 
MET CE   C N N 237 
MET OXT  O N N 238 
MET H    H N N 239 
MET H2   H N N 240 
MET HA   H N N 241 
MET HB2  H N N 242 
MET HB3  H N N 243 
MET HG2  H N N 244 
MET HG3  H N N 245 
MET HE1  H N N 246 
MET HE2  H N N 247 
MET HE3  H N N 248 
MET HXT  H N N 249 
PHE N    N N N 250 
PHE CA   C N S 251 
PHE C    C N N 252 
PHE O    O N N 253 
PHE CB   C N N 254 
PHE CG   C Y N 255 
PHE CD1  C Y N 256 
PHE CD2  C Y N 257 
PHE CE1  C Y N 258 
PHE CE2  C Y N 259 
PHE CZ   C Y N 260 
PHE OXT  O N N 261 
PHE H    H N N 262 
PHE H2   H N N 263 
PHE HA   H N N 264 
PHE HB2  H N N 265 
PHE HB3  H N N 266 
PHE HD1  H N N 267 
PHE HD2  H N N 268 
PHE HE1  H N N 269 
PHE HE2  H N N 270 
PHE HZ   H N N 271 
PHE HXT  H N N 272 
PRO N    N N N 273 
PRO CA   C N S 274 
PRO C    C N N 275 
PRO O    O N N 276 
PRO CB   C N N 277 
PRO CG   C N N 278 
PRO CD   C N N 279 
PRO OXT  O N N 280 
PRO H    H N N 281 
PRO HA   H N N 282 
PRO HB2  H N N 283 
PRO HB3  H N N 284 
PRO HG2  H N N 285 
PRO HG3  H N N 286 
PRO HD2  H N N 287 
PRO HD3  H N N 288 
PRO HXT  H N N 289 
SER N    N N N 290 
SER CA   C N S 291 
SER C    C N N 292 
SER O    O N N 293 
SER CB   C N N 294 
SER OG   O N N 295 
SER OXT  O N N 296 
SER H    H N N 297 
SER H2   H N N 298 
SER HA   H N N 299 
SER HB2  H N N 300 
SER HB3  H N N 301 
SER HG   H N N 302 
SER HXT  H N N 303 
THR N    N N N 304 
THR CA   C N S 305 
THR C    C N N 306 
THR O    O N N 307 
THR CB   C N R 308 
THR OG1  O N N 309 
THR CG2  C N N 310 
THR OXT  O N N 311 
THR H    H N N 312 
THR H2   H N N 313 
THR HA   H N N 314 
THR HB   H N N 315 
THR HG1  H N N 316 
THR HG21 H N N 317 
THR HG22 H N N 318 
THR HG23 H N N 319 
THR HXT  H N N 320 
TRP N    N N N 321 
TRP CA   C N S 322 
TRP C    C N N 323 
TRP O    O N N 324 
TRP CB   C N N 325 
TRP CG   C Y N 326 
TRP CD1  C Y N 327 
TRP CD2  C Y N 328 
TRP NE1  N Y N 329 
TRP CE2  C Y N 330 
TRP CE3  C Y N 331 
TRP CZ2  C Y N 332 
TRP CZ3  C Y N 333 
TRP CH2  C Y N 334 
TRP OXT  O N N 335 
TRP H    H N N 336 
TRP H2   H N N 337 
TRP HA   H N N 338 
TRP HB2  H N N 339 
TRP HB3  H N N 340 
TRP HD1  H N N 341 
TRP HE1  H N N 342 
TRP HE3  H N N 343 
TRP HZ2  H N N 344 
TRP HZ3  H N N 345 
TRP HH2  H N N 346 
TRP HXT  H N N 347 
TYR N    N N N 348 
TYR CA   C N S 349 
TYR C    C N N 350 
TYR O    O N N 351 
TYR CB   C N N 352 
TYR CG   C Y N 353 
TYR CD1  C Y N 354 
TYR CD2  C Y N 355 
TYR CE1  C Y N 356 
TYR CE2  C Y N 357 
TYR CZ   C Y N 358 
TYR OH   O N N 359 
TYR OXT  O N N 360 
TYR H    H N N 361 
TYR H2   H N N 362 
TYR HA   H N N 363 
TYR HB2  H N N 364 
TYR HB3  H N N 365 
TYR HD1  H N N 366 
TYR HD2  H N N 367 
TYR HE1  H N N 368 
TYR HE2  H N N 369 
TYR HH   H N N 370 
TYR HXT  H N N 371 
VAL N    N N N 372 
VAL CA   C N S 373 
VAL C    C N N 374 
VAL O    O N N 375 
VAL CB   C N N 376 
VAL CG1  C N N 377 
VAL CG2  C N N 378 
VAL OXT  O N N 379 
VAL H    H N N 380 
VAL H2   H N N 381 
VAL HA   H N N 382 
VAL HB   H N N 383 
VAL HG11 H N N 384 
VAL HG12 H N N 385 
VAL HG13 H N N 386 
VAL HG21 H N N 387 
VAL HG22 H N N 388 
VAL HG23 H N N 389 
VAL HXT  H N N 390 
# 
loop_
_chem_comp_bond.comp_id 
_chem_comp_bond.atom_id_1 
_chem_comp_bond.atom_id_2 
_chem_comp_bond.value_order 
_chem_comp_bond.pdbx_aromatic_flag 
_chem_comp_bond.pdbx_stereo_config 
_chem_comp_bond.pdbx_ordinal 
ALA N   CA   sing N N 1   
ALA N   H    sing N N 2   
ALA N   H2   sing N N 3   
ALA CA  C    sing N N 4   
ALA CA  CB   sing N N 5   
ALA CA  HA   sing N N 6   
ALA C   O    doub N N 7   
ALA C   OXT  sing N N 8   
ALA CB  HB1  sing N N 9   
ALA CB  HB2  sing N N 10  
ALA CB  HB3  sing N N 11  
ALA OXT HXT  sing N N 12  
ARG N   CA   sing N N 13  
ARG N   H    sing N N 14  
ARG N   H2   sing N N 15  
ARG CA  C    sing N N 16  
ARG CA  CB   sing N N 17  
ARG CA  HA   sing N N 18  
ARG C   O    doub N N 19  
ARG C   OXT  sing N N 20  
ARG CB  CG   sing N N 21  
ARG CB  HB2  sing N N 22  
ARG CB  HB3  sing N N 23  
ARG CG  CD   sing N N 24  
ARG CG  HG2  sing N N 25  
ARG CG  HG3  sing N N 26  
ARG CD  NE   sing N N 27  
ARG CD  HD2  sing N N 28  
ARG CD  HD3  sing N N 29  
ARG NE  CZ   sing N N 30  
ARG NE  HE   sing N N 31  
ARG CZ  NH1  sing N N 32  
ARG CZ  NH2  doub N N 33  
ARG NH1 HH11 sing N N 34  
ARG NH1 HH12 sing N N 35  
ARG NH2 HH21 sing N N 36  
ARG NH2 HH22 sing N N 37  
ARG OXT HXT  sing N N 38  
ASN N   CA   sing N N 39  
ASN N   H    sing N N 40  
ASN N   H2   sing N N 41  
ASN CA  C    sing N N 42  
ASN CA  CB   sing N N 43  
ASN CA  HA   sing N N 44  
ASN C   O    doub N N 45  
ASN C   OXT  sing N N 46  
ASN CB  CG   sing N N 47  
ASN CB  HB2  sing N N 48  
ASN CB  HB3  sing N N 49  
ASN CG  OD1  doub N N 50  
ASN CG  ND2  sing N N 51  
ASN ND2 HD21 sing N N 52  
ASN ND2 HD22 sing N N 53  
ASN OXT HXT  sing N N 54  
ASP N   CA   sing N N 55  
ASP N   H    sing N N 56  
ASP N   H2   sing N N 57  
ASP CA  C    sing N N 58  
ASP CA  CB   sing N N 59  
ASP CA  HA   sing N N 60  
ASP C   O    doub N N 61  
ASP C   OXT  sing N N 62  
ASP CB  CG   sing N N 63  
ASP CB  HB2  sing N N 64  
ASP CB  HB3  sing N N 65  
ASP CG  OD1  doub N N 66  
ASP CG  OD2  sing N N 67  
ASP OD2 HD2  sing N N 68  
ASP OXT HXT  sing N N 69  
CYS N   CA   sing N N 70  
CYS N   H    sing N N 71  
CYS N   H2   sing N N 72  
CYS CA  C    sing N N 73  
CYS CA  CB   sing N N 74  
CYS CA  HA   sing N N 75  
CYS C   O    doub N N 76  
CYS C   OXT  sing N N 77  
CYS CB  SG   sing N N 78  
CYS CB  HB2  sing N N 79  
CYS CB  HB3  sing N N 80  
CYS SG  HG   sing N N 81  
CYS OXT HXT  sing N N 82  
GLN N   CA   sing N N 83  
GLN N   H    sing N N 84  
GLN N   H2   sing N N 85  
GLN CA  C    sing N N 86  
GLN CA  CB   sing N N 87  
GLN CA  HA   sing N N 88  
GLN C   O    doub N N 89  
GLN C   OXT  sing N N 90  
GLN CB  CG   sing N N 91  
GLN CB  HB2  sing N N 92  
GLN CB  HB3  sing N N 93  
GLN CG  CD   sing N N 94  
GLN CG  HG2  sing N N 95  
GLN CG  HG3  sing N N 96  
GLN CD  OE1  doub N N 97  
GLN CD  NE2  sing N N 98  
GLN NE2 HE21 sing N N 99  
GLN NE2 HE22 sing N N 100 
GLN OXT HXT  sing N N 101 
GLU N   CA   sing N N 102 
GLU N   H    sing N N 103 
GLU N   H2   sing N N 104 
GLU CA  C    sing N N 105 
GLU CA  CB   sing N N 106 
GLU CA  HA   sing N N 107 
GLU C   O    doub N N 108 
GLU C   OXT  sing N N 109 
GLU CB  CG   sing N N 110 
GLU CB  HB2  sing N N 111 
GLU CB  HB3  sing N N 112 
GLU CG  CD   sing N N 113 
GLU CG  HG2  sing N N 114 
GLU CG  HG3  sing N N 115 
GLU CD  OE1  doub N N 116 
GLU CD  OE2  sing N N 117 
GLU OE2 HE2  sing N N 118 
GLU OXT HXT  sing N N 119 
GLY N   CA   sing N N 120 
GLY N   H    sing N N 121 
GLY N   H2   sing N N 122 
GLY CA  C    sing N N 123 
GLY CA  HA2  sing N N 124 
GLY CA  HA3  sing N N 125 
GLY C   O    doub N N 126 
GLY C   OXT  sing N N 127 
GLY OXT HXT  sing N N 128 
HIS N   CA   sing N N 129 
HIS N   H    sing N N 130 
HIS N   H2   sing N N 131 
HIS CA  C    sing N N 132 
HIS CA  CB   sing N N 133 
HIS CA  HA   sing N N 134 
HIS C   O    doub N N 135 
HIS C   OXT  sing N N 136 
HIS CB  CG   sing N N 137 
HIS CB  HB2  sing N N 138 
HIS CB  HB3  sing N N 139 
HIS CG  ND1  sing Y N 140 
HIS CG  CD2  doub Y N 141 
HIS ND1 CE1  doub Y N 142 
HIS ND1 HD1  sing N N 143 
HIS CD2 NE2  sing Y N 144 
HIS CD2 HD2  sing N N 145 
HIS CE1 NE2  sing Y N 146 
HIS CE1 HE1  sing N N 147 
HIS NE2 HE2  sing N N 148 
HIS OXT HXT  sing N N 149 
HOH O   H1   sing N N 150 
HOH O   H2   sing N N 151 
ILE N   CA   sing N N 152 
ILE N   H    sing N N 153 
ILE N   H2   sing N N 154 
ILE CA  C    sing N N 155 
ILE CA  CB   sing N N 156 
ILE CA  HA   sing N N 157 
ILE C   O    doub N N 158 
ILE C   OXT  sing N N 159 
ILE CB  CG1  sing N N 160 
ILE CB  CG2  sing N N 161 
ILE CB  HB   sing N N 162 
ILE CG1 CD1  sing N N 163 
ILE CG1 HG12 sing N N 164 
ILE CG1 HG13 sing N N 165 
ILE CG2 HG21 sing N N 166 
ILE CG2 HG22 sing N N 167 
ILE CG2 HG23 sing N N 168 
ILE CD1 HD11 sing N N 169 
ILE CD1 HD12 sing N N 170 
ILE CD1 HD13 sing N N 171 
ILE OXT HXT  sing N N 172 
LEU N   CA   sing N N 173 
LEU N   H    sing N N 174 
LEU N   H2   sing N N 175 
LEU CA  C    sing N N 176 
LEU CA  CB   sing N N 177 
LEU CA  HA   sing N N 178 
LEU C   O    doub N N 179 
LEU C   OXT  sing N N 180 
LEU CB  CG   sing N N 181 
LEU CB  HB2  sing N N 182 
LEU CB  HB3  sing N N 183 
LEU CG  CD1  sing N N 184 
LEU CG  CD2  sing N N 185 
LEU CG  HG   sing N N 186 
LEU CD1 HD11 sing N N 187 
LEU CD1 HD12 sing N N 188 
LEU CD1 HD13 sing N N 189 
LEU CD2 HD21 sing N N 190 
LEU CD2 HD22 sing N N 191 
LEU CD2 HD23 sing N N 192 
LEU OXT HXT  sing N N 193 
LYS N   CA   sing N N 194 
LYS N   H    sing N N 195 
LYS N   H2   sing N N 196 
LYS CA  C    sing N N 197 
LYS CA  CB   sing N N 198 
LYS CA  HA   sing N N 199 
LYS C   O    doub N N 200 
LYS C   OXT  sing N N 201 
LYS CB  CG   sing N N 202 
LYS CB  HB2  sing N N 203 
LYS CB  HB3  sing N N 204 
LYS CG  CD   sing N N 205 
LYS CG  HG2  sing N N 206 
LYS CG  HG3  sing N N 207 
LYS CD  CE   sing N N 208 
LYS CD  HD2  sing N N 209 
LYS CD  HD3  sing N N 210 
LYS CE  NZ   sing N N 211 
LYS CE  HE2  sing N N 212 
LYS CE  HE3  sing N N 213 
LYS NZ  HZ1  sing N N 214 
LYS NZ  HZ2  sing N N 215 
LYS NZ  HZ3  sing N N 216 
LYS OXT HXT  sing N N 217 
MET N   CA   sing N N 218 
MET N   H    sing N N 219 
MET N   H2   sing N N 220 
MET CA  C    sing N N 221 
MET CA  CB   sing N N 222 
MET CA  HA   sing N N 223 
MET C   O    doub N N 224 
MET C   OXT  sing N N 225 
MET CB  CG   sing N N 226 
MET CB  HB2  sing N N 227 
MET CB  HB3  sing N N 228 
MET CG  SD   sing N N 229 
MET CG  HG2  sing N N 230 
MET CG  HG3  sing N N 231 
MET SD  CE   sing N N 232 
MET CE  HE1  sing N N 233 
MET CE  HE2  sing N N 234 
MET CE  HE3  sing N N 235 
MET OXT HXT  sing N N 236 
PHE N   CA   sing N N 237 
PHE N   H    sing N N 238 
PHE N   H2   sing N N 239 
PHE CA  C    sing N N 240 
PHE CA  CB   sing N N 241 
PHE CA  HA   sing N N 242 
PHE C   O    doub N N 243 
PHE C   OXT  sing N N 244 
PHE CB  CG   sing N N 245 
PHE CB  HB2  sing N N 246 
PHE CB  HB3  sing N N 247 
PHE CG  CD1  doub Y N 248 
PHE CG  CD2  sing Y N 249 
PHE CD1 CE1  sing Y N 250 
PHE CD1 HD1  sing N N 251 
PHE CD2 CE2  doub Y N 252 
PHE CD2 HD2  sing N N 253 
PHE CE1 CZ   doub Y N 254 
PHE CE1 HE1  sing N N 255 
PHE CE2 CZ   sing Y N 256 
PHE CE2 HE2  sing N N 257 
PHE CZ  HZ   sing N N 258 
PHE OXT HXT  sing N N 259 
PRO N   CA   sing N N 260 
PRO N   CD   sing N N 261 
PRO N   H    sing N N 262 
PRO CA  C    sing N N 263 
PRO CA  CB   sing N N 264 
PRO CA  HA   sing N N 265 
PRO C   O    doub N N 266 
PRO C   OXT  sing N N 267 
PRO CB  CG   sing N N 268 
PRO CB  HB2  sing N N 269 
PRO CB  HB3  sing N N 270 
PRO CG  CD   sing N N 271 
PRO CG  HG2  sing N N 272 
PRO CG  HG3  sing N N 273 
PRO CD  HD2  sing N N 274 
PRO CD  HD3  sing N N 275 
PRO OXT HXT  sing N N 276 
SER N   CA   sing N N 277 
SER N   H    sing N N 278 
SER N   H2   sing N N 279 
SER CA  C    sing N N 280 
SER CA  CB   sing N N 281 
SER CA  HA   sing N N 282 
SER C   O    doub N N 283 
SER C   OXT  sing N N 284 
SER CB  OG   sing N N 285 
SER CB  HB2  sing N N 286 
SER CB  HB3  sing N N 287 
SER OG  HG   sing N N 288 
SER OXT HXT  sing N N 289 
THR N   CA   sing N N 290 
THR N   H    sing N N 291 
THR N   H2   sing N N 292 
THR CA  C    sing N N 293 
THR CA  CB   sing N N 294 
THR CA  HA   sing N N 295 
THR C   O    doub N N 296 
THR C   OXT  sing N N 297 
THR CB  OG1  sing N N 298 
THR CB  CG2  sing N N 299 
THR CB  HB   sing N N 300 
THR OG1 HG1  sing N N 301 
THR CG2 HG21 sing N N 302 
THR CG2 HG22 sing N N 303 
THR CG2 HG23 sing N N 304 
THR OXT HXT  sing N N 305 
TRP N   CA   sing N N 306 
TRP N   H    sing N N 307 
TRP N   H2   sing N N 308 
TRP CA  C    sing N N 309 
TRP CA  CB   sing N N 310 
TRP CA  HA   sing N N 311 
TRP C   O    doub N N 312 
TRP C   OXT  sing N N 313 
TRP CB  CG   sing N N 314 
TRP CB  HB2  sing N N 315 
TRP CB  HB3  sing N N 316 
TRP CG  CD1  doub Y N 317 
TRP CG  CD2  sing Y N 318 
TRP CD1 NE1  sing Y N 319 
TRP CD1 HD1  sing N N 320 
TRP CD2 CE2  doub Y N 321 
TRP CD2 CE3  sing Y N 322 
TRP NE1 CE2  sing Y N 323 
TRP NE1 HE1  sing N N 324 
TRP CE2 CZ2  sing Y N 325 
TRP CE3 CZ3  doub Y N 326 
TRP CE3 HE3  sing N N 327 
TRP CZ2 CH2  doub Y N 328 
TRP CZ2 HZ2  sing N N 329 
TRP CZ3 CH2  sing Y N 330 
TRP CZ3 HZ3  sing N N 331 
TRP CH2 HH2  sing N N 332 
TRP OXT HXT  sing N N 333 
TYR N   CA   sing N N 334 
TYR N   H    sing N N 335 
TYR N   H2   sing N N 336 
TYR CA  C    sing N N 337 
TYR CA  CB   sing N N 338 
TYR CA  HA   sing N N 339 
TYR C   O    doub N N 340 
TYR C   OXT  sing N N 341 
TYR CB  CG   sing N N 342 
TYR CB  HB2  sing N N 343 
TYR CB  HB3  sing N N 344 
TYR CG  CD1  doub Y N 345 
TYR CG  CD2  sing Y N 346 
TYR CD1 CE1  sing Y N 347 
TYR CD1 HD1  sing N N 348 
TYR CD2 CE2  doub Y N 349 
TYR CD2 HD2  sing N N 350 
TYR CE1 CZ   doub Y N 351 
TYR CE1 HE1  sing N N 352 
TYR CE2 CZ   sing Y N 353 
TYR CE2 HE2  sing N N 354 
TYR CZ  OH   sing N N 355 
TYR OH  HH   sing N N 356 
TYR OXT HXT  sing N N 357 
VAL N   CA   sing N N 358 
VAL N   H    sing N N 359 
VAL N   H2   sing N N 360 
VAL CA  C    sing N N 361 
VAL CA  CB   sing N N 362 
VAL CA  HA   sing N N 363 
VAL C   O    doub N N 364 
VAL C   OXT  sing N N 365 
VAL CB  CG1  sing N N 366 
VAL CB  CG2  sing N N 367 
VAL CB  HB   sing N N 368 
VAL CG1 HG11 sing N N 369 
VAL CG1 HG12 sing N N 370 
VAL CG1 HG13 sing N N 371 
VAL CG2 HG21 sing N N 372 
VAL CG2 HG22 sing N N 373 
VAL CG2 HG23 sing N N 374 
VAL OXT HXT  sing N N 375 
# 
_atom_sites.entry_id                    1YGS 
_atom_sites.fract_transf_matrix[1][1]   -0.00394218 
_atom_sites.fract_transf_matrix[1][2]   -0.00296831 
_atom_sites.fract_transf_matrix[1][3]   0.00109606 
_atom_sites.fract_transf_matrix[2][1]   0.00099896 
_atom_sites.fract_transf_matrix[2][2]   0.00049395 
_atom_sites.fract_transf_matrix[2][3]   0.00493063 
_atom_sites.fract_transf_matrix[3][1]   -0.00300238 
_atom_sites.fract_transf_matrix[3][2]   0.00406179 
_atom_sites.fract_transf_matrix[3][3]   0.00020139 
_atom_sites.fract_transf_vector[1]      0.117188 
_atom_sites.fract_transf_vector[2]      0.104739 
_atom_sites.fract_transf_vector[3]      0.274229 
# 
loop_
_atom_type.symbol 
C 
N 
O 
S 
# 
loop_
_atom_site.group_PDB 
_atom_site.id 
_atom_site.type_symbol 
_atom_site.label_atom_id 
_atom_site.label_alt_id 
_atom_site.label_comp_id 
_atom_site.label_asym_id 
_atom_site.label_entity_id 
_atom_site.label_seq_id 
_atom_site.pdbx_PDB_ins_code 
_atom_site.Cartn_x 
_atom_site.Cartn_y 
_atom_site.Cartn_z 
_atom_site.occupancy 
_atom_site.B_iso_or_equiv 
_atom_site.pdbx_formal_charge 
_atom_site.auth_seq_id 
_atom_site.auth_comp_id 
_atom_site.auth_asym_id 
_atom_site.auth_atom_id 
_atom_site.pdbx_PDB_model_num 
ATOM   1    N N   . ALA A 1 1   ? 4.381   -8.116  18.813  1.00 68.21 ? 319 ALA A N   1 
ATOM   2    C CA  . ALA A 1 1   ? 4.757   -6.716  19.155  1.00 68.66 ? 319 ALA A CA  1 
ATOM   3    C C   . ALA A 1 1   ? 3.681   -5.747  18.676  1.00 66.09 ? 319 ALA A C   1 
ATOM   4    O O   . ALA A 1 1   ? 3.155   -4.978  19.478  1.00 71.25 ? 319 ALA A O   1 
ATOM   5    C CB  . ALA A 1 1   ? 6.137   -6.347  18.576  1.00 70.17 ? 319 ALA A CB  1 
ATOM   6    N N   . PRO A 1 2   ? 3.359   -5.738  17.363  1.00 61.09 ? 320 PRO A N   1 
ATOM   7    C CA  . PRO A 1 2   ? 2.315   -4.796  16.952  1.00 56.51 ? 320 PRO A CA  1 
ATOM   8    C C   . PRO A 1 2   ? 0.938   -5.395  17.239  1.00 55.40 ? 320 PRO A C   1 
ATOM   9    O O   . PRO A 1 2   ? 0.777   -6.623  17.276  1.00 55.17 ? 320 PRO A O   1 
ATOM   10   C CB  . PRO A 1 2   ? 2.533   -4.666  15.437  1.00 55.17 ? 320 PRO A CB  1 
ATOM   11   C CG  . PRO A 1 2   ? 3.921   -5.144  15.215  1.00 57.36 ? 320 PRO A CG  1 
ATOM   12   C CD  . PRO A 1 2   ? 4.021   -6.296  16.173  1.00 59.62 ? 320 PRO A CD  1 
ATOM   13   N N   . GLU A 1 3   ? -0.034  -4.532  17.509  1.00 50.57 ? 321 GLU A N   1 
ATOM   14   C CA  . GLU A 1 3   ? -1.390  -4.986  17.745  1.00 44.88 ? 321 GLU A CA  1 
ATOM   15   C C   . GLU A 1 3   ? -1.943  -5.249  16.353  1.00 39.63 ? 321 GLU A C   1 
ATOM   16   O O   . GLU A 1 3   ? -2.565  -6.269  16.107  1.00 36.12 ? 321 GLU A O   1 
ATOM   17   C CB  . GLU A 1 3   ? -2.205  -3.896  18.430  1.00 51.04 ? 321 GLU A CB  1 
ATOM   18   C CG  . GLU A 1 3   ? -3.632  -4.306  18.726  1.00 55.84 ? 321 GLU A CG  1 
ATOM   19   C CD  . GLU A 1 3   ? -4.399  -3.265  19.515  1.00 60.63 ? 321 GLU A CD  1 
ATOM   20   O OE1 . GLU A 1 3   ? -4.005  -2.074  19.492  1.00 59.31 ? 321 GLU A OE1 1 
ATOM   21   O OE2 . GLU A 1 3   ? -5.409  -3.651  20.154  1.00 65.27 ? 321 GLU A OE2 1 
ATOM   22   N N   . TYR A 1 4   ? -1.696  -4.306  15.452  1.00 36.53 ? 322 TYR A N   1 
ATOM   23   C CA  . TYR A 1 4   ? -2.128  -4.410  14.064  1.00 35.34 ? 322 TYR A CA  1 
ATOM   24   C C   . TYR A 1 4   ? -0.865  -4.431  13.208  1.00 36.14 ? 322 TYR A C   1 
ATOM   25   O O   . TYR A 1 4   ? -0.009  -3.559  13.369  1.00 38.90 ? 322 TYR A O   1 
ATOM   26   C CB  . TYR A 1 4   ? -2.949  -3.187  13.665  1.00 31.60 ? 322 TYR A CB  1 
ATOM   27   C CG  . TYR A 1 4   ? -4.132  -2.933  14.545  1.00 34.55 ? 322 TYR A CG  1 
ATOM   28   C CD1 . TYR A 1 4   ? -5.319  -3.649  14.380  1.00 33.27 ? 322 TYR A CD1 1 
ATOM   29   C CD2 . TYR A 1 4   ? -4.072  -1.970  15.545  1.00 36.00 ? 322 TYR A CD2 1 
ATOM   30   C CE1 . TYR A 1 4   ? -6.425  -3.407  15.193  1.00 35.98 ? 322 TYR A CE1 1 
ATOM   31   C CE2 . TYR A 1 4   ? -5.167  -1.715  16.368  1.00 39.98 ? 322 TYR A CE2 1 
ATOM   32   C CZ  . TYR A 1 4   ? -6.341  -2.436  16.189  1.00 38.75 ? 322 TYR A CZ  1 
ATOM   33   O OH  . TYR A 1 4   ? -7.408  -2.178  17.018  1.00 34.84 ? 322 TYR A OH  1 
ATOM   34   N N   . TRP A 1 5   ? -0.734  -5.399  12.302  1.00 32.13 ? 323 TRP A N   1 
ATOM   35   C CA  . TRP A 1 5   ? 0.460   -5.422  11.468  1.00 29.85 ? 323 TRP A CA  1 
ATOM   36   C C   . TRP A 1 5   ? 0.417   -4.297  10.445  1.00 24.49 ? 323 TRP A C   1 
ATOM   37   O O   . TRP A 1 5   ? 1.454   -3.847  9.964   1.00 24.72 ? 323 TRP A O   1 
ATOM   38   C CB  . TRP A 1 5   ? 0.740   -6.811  10.861  1.00 31.94 ? 323 TRP A CB  1 
ATOM   39   C CG  . TRP A 1 5   ? -0.104  -7.267  9.706   1.00 28.95 ? 323 TRP A CG  1 
ATOM   40   C CD1 . TRP A 1 5   ? -1.187  -8.097  9.758   1.00 24.78 ? 323 TRP A CD1 1 
ATOM   41   C CD2 . TRP A 1 5   ? 0.121   -6.982  8.319   1.00 28.33 ? 323 TRP A CD2 1 
ATOM   42   N NE1 . TRP A 1 5   ? -1.653  -8.343  8.488   1.00 21.68 ? 323 TRP A NE1 1 
ATOM   43   C CE2 . TRP A 1 5   ? -0.866  -7.676  7.586   1.00 25.35 ? 323 TRP A CE2 1 
ATOM   44   C CE3 . TRP A 1 5   ? 1.068   -6.215  7.623   1.00 25.29 ? 323 TRP A CE3 1 
ATOM   45   C CZ2 . TRP A 1 5   ? -0.933  -7.625  6.190   1.00 27.02 ? 323 TRP A CZ2 1 
ATOM   46   C CZ3 . TRP A 1 5   ? 1.000   -6.162  6.237   1.00 24.68 ? 323 TRP A CZ3 1 
ATOM   47   C CH2 . TRP A 1 5   ? 0.008   -6.864  5.535   1.00 26.27 ? 323 TRP A CH2 1 
ATOM   48   N N   . CYS A 1 6   ? -0.778  -3.778  10.173  1.00 21.07 ? 324 CYS A N   1 
ATOM   49   C CA  . CYS A 1 6   ? -0.913  -2.652  9.255   1.00 24.08 ? 324 CYS A CA  1 
ATOM   50   C C   . CYS A 1 6   ? -2.256  -1.918  9.375   1.00 22.11 ? 324 CYS A C   1 
ATOM   51   O O   . CYS A 1 6   ? -3.162  -2.374  10.062  1.00 23.19 ? 324 CYS A O   1 
ATOM   52   C CB  . CYS A 1 6   ? -0.647  -3.075  7.793   1.00 26.55 ? 324 CYS A CB  1 
ATOM   53   S SG  . CYS A 1 6   ? -1.980  -3.948  6.910   1.00 26.61 ? 324 CYS A SG  1 
ATOM   54   N N   . SER A 1 7   ? -2.314  -0.713  8.821   1.00 20.23 ? 325 SER A N   1 
ATOM   55   C CA  . SER A 1 7   ? -3.533  0.079   8.797   1.00 22.94 ? 325 SER A CA  1 
ATOM   56   C C   . SER A 1 7   ? -3.600  0.570   7.336   1.00 23.96 ? 325 SER A C   1 
ATOM   57   O O   . SER A 1 7   ? -2.566  0.896   6.744   1.00 21.00 ? 325 SER A O   1 
ATOM   58   C CB  . SER A 1 7   ? -3.484  1.221   9.830   1.00 25.00 ? 325 SER A CB  1 
ATOM   59   O OG  . SER A 1 7   ? -2.374  2.087   9.647   1.00 25.90 ? 325 SER A OG  1 
ATOM   60   N N   . ILE A 1 8   ? -4.802  0.580   6.757   1.00 21.27 ? 326 ILE A N   1 
ATOM   61   C CA  . ILE A 1 8   ? -5.009  0.930   5.357   1.00 14.84 ? 326 ILE A CA  1 
ATOM   62   C C   . ILE A 1 8   ? -6.028  2.034   5.204   1.00 18.57 ? 326 ILE A C   1 
ATOM   63   O O   . ILE A 1 8   ? -7.116  1.959   5.757   1.00 20.82 ? 326 ILE A O   1 
ATOM   64   C CB  . ILE A 1 8   ? -5.569  -0.334  4.584   1.00 17.65 ? 326 ILE A CB  1 
ATOM   65   C CG1 . ILE A 1 8   ? -4.708  -1.565  4.868   1.00 14.51 ? 326 ILE A CG1 1 
ATOM   66   C CG2 . ILE A 1 8   ? -5.654  -0.083  3.103   1.00 15.05 ? 326 ILE A CG2 1 
ATOM   67   C CD1 . ILE A 1 8   ? -5.252  -2.863  4.296   1.00 19.33 ? 326 ILE A CD1 1 
ATOM   68   N N   . ALA A 1 9   ? -5.684  3.039   4.413   1.00 22.25 ? 327 ALA A N   1 
ATOM   69   C CA  . ALA A 1 9   ? -6.578  4.158   4.139   1.00 21.16 ? 327 ALA A CA  1 
ATOM   70   C C   . ALA A 1 9   ? -6.875  4.095   2.640   1.00 25.50 ? 327 ALA A C   1 
ATOM   71   O O   . ALA A 1 9   ? -5.949  3.965   1.821   1.00 20.97 ? 327 ALA A O   1 
ATOM   72   C CB  . ALA A 1 9   ? -5.903  5.493   4.478   1.00 16.39 ? 327 ALA A CB  1 
ATOM   73   N N   . TYR A 1 10  ? -8.155  4.215   2.287   1.00 20.98 ? 328 TYR A N   1 
ATOM   74   C CA  . TYR A 1 10  ? -8.596  4.159   0.898   1.00 20.12 ? 328 TYR A CA  1 
ATOM   75   C C   . TYR A 1 10  ? -8.882  5.583   0.429   1.00 19.82 ? 328 TYR A C   1 
ATOM   76   O O   . TYR A 1 10  ? -9.375  6.408   1.205   1.00 23.51 ? 328 TYR A O   1 
ATOM   77   C CB  . TYR A 1 10  ? -9.838  3.225   0.794   1.00 19.69 ? 328 TYR A CB  1 
ATOM   78   C CG  . TYR A 1 10  ? -10.629 3.314   -0.495  1.00 17.39 ? 328 TYR A CG  1 
ATOM   79   C CD1 . TYR A 1 10  ? -10.055 2.971   -1.712  1.00 15.25 ? 328 TYR A CD1 1 
ATOM   80   C CD2 . TYR A 1 10  ? -11.946 3.783   -0.491  1.00 21.82 ? 328 TYR A CD2 1 
ATOM   81   C CE1 . TYR A 1 10  ? -10.760 3.101   -2.908  1.00 26.08 ? 328 TYR A CE1 1 
ATOM   82   C CE2 . TYR A 1 10  ? -12.675 3.920   -1.683  1.00 24.92 ? 328 TYR A CE2 1 
ATOM   83   C CZ  . TYR A 1 10  ? -12.073 3.579   -2.894  1.00 27.25 ? 328 TYR A CZ  1 
ATOM   84   O OH  . TYR A 1 10  ? -12.758 3.744   -4.086  1.00 18.38 ? 328 TYR A OH  1 
ATOM   85   N N   . PHE A 1 11  ? -8.508  5.887   -0.811  1.00 18.40 ? 329 PHE A N   1 
ATOM   86   C CA  . PHE A 1 11  ? -8.703  7.208   -1.400  1.00 17.30 ? 329 PHE A CA  1 
ATOM   87   C C   . PHE A 1 11  ? -9.321  7.098   -2.777  1.00 18.87 ? 329 PHE A C   1 
ATOM   88   O O   . PHE A 1 11  ? -9.193  6.075   -3.448  1.00 21.81 ? 329 PHE A O   1 
ATOM   89   C CB  . PHE A 1 11  ? -7.372  7.945   -1.570  1.00 17.78 ? 329 PHE A CB  1 
ATOM   90   C CG  . PHE A 1 11  ? -6.582  8.095   -0.300  1.00 20.30 ? 329 PHE A CG  1 
ATOM   91   C CD1 . PHE A 1 11  ? -5.956  6.993   0.285   1.00 20.41 ? 329 PHE A CD1 1 
ATOM   92   C CD2 . PHE A 1 11  ? -6.471  9.331   0.320   1.00 23.17 ? 329 PHE A CD2 1 
ATOM   93   C CE1 . PHE A 1 11  ? -5.245  7.120   1.467   1.00 20.60 ? 329 PHE A CE1 1 
ATOM   94   C CE2 . PHE A 1 11  ? -5.756  9.462   1.506   1.00 17.18 ? 329 PHE A CE2 1 
ATOM   95   C CZ  . PHE A 1 11  ? -5.149  8.356   2.074   1.00 20.96 ? 329 PHE A CZ  1 
ATOM   96   N N   . GLU A 1 12  ? -9.988  8.164   -3.190  1.00 20.83 ? 330 GLU A N   1 
ATOM   97   C CA  . GLU A 1 12  ? -10.609 8.263   -4.506  1.00 22.30 ? 330 GLU A CA  1 
ATOM   98   C C   . GLU A 1 12  ? -10.146 9.644   -4.895  1.00 25.52 ? 330 GLU A C   1 
ATOM   99   O O   . GLU A 1 12  ? -10.636 10.644  -4.363  1.00 30.48 ? 330 GLU A O   1 
ATOM   100  C CB  . GLU A 1 12  ? -12.134 8.167   -4.406  1.00 24.36 ? 330 GLU A CB  1 
ATOM   101  C CG  . GLU A 1 12  ? -12.611 6.749   -4.091  1.00 23.85 ? 330 GLU A CG  1 
ATOM   102  C CD  . GLU A 1 12  ? -14.120 6.593   -4.030  1.00 25.87 ? 330 GLU A CD  1 
ATOM   103  O OE1 . GLU A 1 12  ? -14.855 7.568   -4.271  1.00 25.05 ? 330 GLU A OE1 1 
ATOM   104  O OE2 . GLU A 1 12  ? -14.583 5.477   -3.748  1.00 24.04 ? 330 GLU A OE2 1 
ATOM   105  N N   . MET A 1 13  ? -9.172  9.690   -5.797  1.00 25.79 ? 331 MET A N   1 
ATOM   106  C CA  . MET A 1 13  ? -8.525  10.933  -6.198  1.00 27.84 ? 331 MET A CA  1 
ATOM   107  C C   . MET A 1 13  ? -7.758  11.411  -4.932  1.00 30.29 ? 331 MET A C   1 
ATOM   108  O O   . MET A 1 13  ? -7.054  10.599  -4.319  1.00 27.94 ? 331 MET A O   1 
ATOM   109  C CB  . MET A 1 13  ? -9.525  11.958  -6.723  1.00 29.15 ? 331 MET A CB  1 
ATOM   110  C CG  . MET A 1 13  ? -10.195 11.546  -8.013  1.00 31.46 ? 331 MET A CG  1 
ATOM   111  S SD  . MET A 1 13  ? -9.036  11.231  -9.364  1.00 37.06 ? 331 MET A SD  1 
ATOM   112  C CE  . MET A 1 13  ? -8.639  12.899  -9.885  1.00 34.54 ? 331 MET A CE  1 
ATOM   113  N N   . ASP A 1 14  ? -7.937  12.654  -4.481  1.00 27.57 ? 332 ASP A N   1 
ATOM   114  C CA  . ASP A 1 14  ? -7.209  13.131  -3.302  1.00 25.88 ? 332 ASP A CA  1 
ATOM   115  C C   . ASP A 1 14  ? -8.052  13.204  -2.031  1.00 28.90 ? 332 ASP A C   1 
ATOM   116  O O   . ASP A 1 14  ? -7.716  13.938  -1.096  1.00 28.61 ? 332 ASP A O   1 
ATOM   117  C CB  . ASP A 1 14  ? -6.600  14.505  -3.581  1.00 33.28 ? 332 ASP A CB  1 
ATOM   118  C CG  . ASP A 1 14  ? -7.657  15.574  -3.865  1.00 40.97 ? 332 ASP A CG  1 
ATOM   119  O OD1 . ASP A 1 14  ? -8.841  15.234  -4.088  1.00 42.79 ? 332 ASP A OD1 1 
ATOM   120  O OD2 . ASP A 1 14  ? -7.299  16.767  -3.880  1.00 42.86 ? 332 ASP A OD2 1 
ATOM   121  N N   . VAL A 1 15  ? -9.147  12.453  -2.002  1.00 27.42 ? 333 VAL A N   1 
ATOM   122  C CA  . VAL A 1 15  ? -10.072 12.423  -0.867  1.00 24.19 ? 333 VAL A CA  1 
ATOM   123  C C   . VAL A 1 15  ? -10.005 11.065  -0.155  1.00 24.23 ? 333 VAL A C   1 
ATOM   124  O O   . VAL A 1 15  ? -10.062 10.025  -0.817  1.00 27.02 ? 333 VAL A O   1 
ATOM   125  C CB  . VAL A 1 15  ? -11.541 12.636  -1.385  1.00 21.96 ? 333 VAL A CB  1 
ATOM   126  C CG1 . VAL A 1 15  ? -12.556 12.509  -0.262  1.00 19.40 ? 333 VAL A CG1 1 
ATOM   127  C CG2 . VAL A 1 15  ? -11.681 13.983  -2.077  1.00 20.64 ? 333 VAL A CG2 1 
ATOM   128  N N   . GLN A 1 16  ? -9.829  11.036  1.164   1.00 21.96 ? 334 GLN A N   1 
ATOM   129  C CA  . GLN A 1 16  ? -9.846  9.728   1.816   1.00 24.90 ? 334 GLN A CA  1 
ATOM   130  C C   . GLN A 1 16  ? -11.302 9.362   1.982   1.00 27.80 ? 334 GLN A C   1 
ATOM   131  O O   . GLN A 1 16  ? -12.095 10.180  2.469   1.00 26.96 ? 334 GLN A O   1 
ATOM   132  C CB  . GLN A 1 16  ? -9.187  9.680   3.193   1.00 25.15 ? 334 GLN A CB  1 
ATOM   133  C CG  . GLN A 1 16  ? -9.501  8.324   3.857   1.00 24.06 ? 334 GLN A CG  1 
ATOM   134  C CD  . GLN A 1 16  ? -8.758  8.042   5.131   1.00 20.75 ? 334 GLN A CD  1 
ATOM   135  O OE1 . GLN A 1 16  ? -9.120  7.133   5.878   1.00 25.86 ? 334 GLN A OE1 1 
ATOM   136  N NE2 . GLN A 1 16  ? -7.697  8.782   5.376   1.00 24.88 ? 334 GLN A NE2 1 
ATOM   137  N N   . VAL A 1 17  ? -11.635 8.125   1.619   1.00 26.76 ? 335 VAL A N   1 
ATOM   138  C CA  . VAL A 1 17  ? -13.007 7.630   1.683   1.00 22.69 ? 335 VAL A CA  1 
ATOM   139  C C   . VAL A 1 17  ? -13.107 6.503   2.674   1.00 19.94 ? 335 VAL A C   1 
ATOM   140  O O   . VAL A 1 17  ? -12.286 5.592   2.667   1.00 19.04 ? 335 VAL A O   1 
ATOM   141  C CB  . VAL A 1 17  ? -13.489 7.175   0.292   1.00 23.41 ? 335 VAL A CB  1 
ATOM   142  C CG1 . VAL A 1 17  ? -14.801 6.400   0.402   1.00 20.84 ? 335 VAL A CG1 1 
ATOM   143  C CG2 . VAL A 1 17  ? -13.618 8.398   -0.640  1.00 18.35 ? 335 VAL A CG2 1 
ATOM   144  N N   . GLY A 1 18  ? -14.108 6.586   3.545   1.00 22.07 ? 336 GLY A N   1 
ATOM   145  C CA  . GLY A 1 18  ? -14.284 5.584   4.579   1.00 23.69 ? 336 GLY A CA  1 
ATOM   146  C C   . GLY A 1 18  ? -13.255 5.847   5.672   1.00 26.74 ? 336 GLY A C   1 
ATOM   147  O O   . GLY A 1 18  ? -12.506 6.827   5.603   1.00 29.78 ? 336 GLY A O   1 
ATOM   148  N N   . GLU A 1 19  ? -13.209 4.998   6.691   1.00 25.20 ? 337 GLU A N   1 
ATOM   149  C CA  . GLU A 1 19  ? -12.240 5.191   7.760   1.00 25.76 ? 337 GLU A CA  1 
ATOM   150  C C   . GLU A 1 19  ? -11.097 4.239   7.531   1.00 27.26 ? 337 GLU A C   1 
ATOM   151  O O   . GLU A 1 19  ? -11.183 3.349   6.685   1.00 27.42 ? 337 GLU A O   1 
ATOM   152  C CB  . GLU A 1 19  ? -12.868 4.914   9.117   1.00 27.83 ? 337 GLU A CB  1 
ATOM   153  C CG  . GLU A 1 19  ? -13.477 3.548   9.222   1.00 43.28 ? 337 GLU A CG  1 
ATOM   154  C CD  . GLU A 1 19  ? -14.132 3.311   10.559  1.00 51.45 ? 337 GLU A CD  1 
ATOM   155  O OE1 . GLU A 1 19  ? -14.697 4.271   11.132  1.00 51.17 ? 337 GLU A OE1 1 
ATOM   156  O OE2 . GLU A 1 19  ? -14.076 2.159   11.037  1.00 56.20 ? 337 GLU A OE2 1 
ATOM   157  N N   . THR A 1 20  ? -10.040 4.423   8.307   1.00 22.55 ? 338 THR A N   1 
ATOM   158  C CA  . THR A 1 20  ? -8.856  3.595   8.216   1.00 22.34 ? 338 THR A CA  1 
ATOM   159  C C   . THR A 1 20  ? -9.124  2.198   8.757   1.00 23.48 ? 338 THR A C   1 
ATOM   160  O O   . THR A 1 20  ? -9.735  2.048   9.810   1.00 24.99 ? 338 THR A O   1 
ATOM   161  C CB  . THR A 1 20  ? -7.692  4.260   8.968   1.00 20.89 ? 338 THR A CB  1 
ATOM   162  O OG1 . THR A 1 20  ? -7.400  5.510   8.339   1.00 24.67 ? 338 THR A OG1 1 
ATOM   163  C CG2 . THR A 1 20  ? -6.443  3.388   8.943   1.00 20.50 ? 338 THR A CG2 1 
ATOM   164  N N   . PHE A 1 21  ? -8.712  1.184   7.999   1.00 20.12 ? 339 PHE A N   1 
ATOM   165  C CA  . PHE A 1 21  ? -8.877  -0.200  8.394   1.00 20.39 ? 339 PHE A CA  1 
ATOM   166  C C   . PHE A 1 21  ? -7.590  -0.634  9.099   1.00 24.61 ? 339 PHE A C   1 
ATOM   167  O O   . PHE A 1 21  ? -6.496  -0.391  8.596   1.00 26.64 ? 339 PHE A O   1 
ATOM   168  C CB  . PHE A 1 21  ? -9.105  -1.060  7.153   1.00 17.79 ? 339 PHE A CB  1 
ATOM   169  C CG  . PHE A 1 21  ? -9.644  -2.432  7.445   1.00 19.26 ? 339 PHE A CG  1 
ATOM   170  C CD1 . PHE A 1 21  ? -11.015 -2.648  7.517   1.00 19.53 ? 339 PHE A CD1 1 
ATOM   171  C CD2 . PHE A 1 21  ? -8.793  -3.520  7.557   1.00 17.94 ? 339 PHE A CD2 1 
ATOM   172  C CE1 . PHE A 1 21  ? -11.524 -3.929  7.686   1.00 20.13 ? 339 PHE A CE1 1 
ATOM   173  C CE2 . PHE A 1 21  ? -9.291  -4.811  7.724   1.00 18.59 ? 339 PHE A CE2 1 
ATOM   174  C CZ  . PHE A 1 21  ? -10.658 -5.016  7.789   1.00 22.29 ? 339 PHE A CZ  1 
ATOM   175  N N   . LYS A 1 22  ? -7.723  -1.286  10.249  1.00 26.40 ? 340 LYS A N   1 
ATOM   176  C CA  . LYS A 1 22  ? -6.576  -1.748  11.029  1.00 25.96 ? 340 LYS A CA  1 
ATOM   177  C C   . LYS A 1 22  ? -6.598  -3.259  11.047  1.00 27.32 ? 340 LYS A C   1 
ATOM   178  O O   . LYS A 1 22  ? -7.549  -3.860  11.533  1.00 27.77 ? 340 LYS A O   1 
ATOM   179  C CB  . LYS A 1 22  ? -6.653  -1.215  12.454  1.00 26.39 ? 340 LYS A CB  1 
ATOM   180  C CG  . LYS A 1 22  ? -6.557  0.278   12.527  1.00 29.83 ? 340 LYS A CG  1 
ATOM   181  C CD  . LYS A 1 22  ? -6.768  0.776   13.933  1.00 38.08 ? 340 LYS A CD  1 
ATOM   182  C CE  . LYS A 1 22  ? -6.934  2.269   13.899  1.00 43.62 ? 340 LYS A CE  1 
ATOM   183  N NZ  . LYS A 1 22  ? -7.997  2.626   12.900  1.00 49.68 ? 340 LYS A NZ  1 
ATOM   184  N N   . VAL A 1 23  ? -5.539  -3.864  10.525  1.00 25.22 ? 341 VAL A N   1 
ATOM   185  C CA  . VAL A 1 23  ? -5.464  -5.307  10.438  1.00 26.64 ? 341 VAL A CA  1 
ATOM   186  C C   . VAL A 1 23  ? -4.755  -5.908  11.642  1.00 30.87 ? 341 VAL A C   1 
ATOM   187  O O   . VAL A 1 23  ? -3.577  -5.661  11.861  1.00 33.85 ? 341 VAL A O   1 
ATOM   188  C CB  . VAL A 1 23  ? -4.785  -5.731  9.125   1.00 23.78 ? 341 VAL A CB  1 
ATOM   189  C CG1 . VAL A 1 23  ? -4.965  -7.249  8.909   1.00 26.82 ? 341 VAL A CG1 1 
ATOM   190  C CG2 . VAL A 1 23  ? -5.369  -4.931  7.963   1.00 16.47 ? 341 VAL A CG2 1 
ATOM   191  N N   . PRO A 1 24  ? -5.467  -6.727  12.431  1.00 34.17 ? 342 PRO A N   1 
ATOM   192  C CA  . PRO A 1 24  ? -4.862  -7.339  13.613  1.00 33.67 ? 342 PRO A CA  1 
ATOM   193  C C   . PRO A 1 24  ? -3.693  -8.212  13.215  1.00 36.43 ? 342 PRO A C   1 
ATOM   194  O O   . PRO A 1 24  ? -3.635  -8.718  12.094  1.00 38.91 ? 342 PRO A O   1 
ATOM   195  C CB  . PRO A 1 24  ? -5.996  -8.210  14.161  1.00 29.33 ? 342 PRO A CB  1 
ATOM   196  C CG  . PRO A 1 24  ? -7.221  -7.588  13.597  1.00 30.77 ? 342 PRO A CG  1 
ATOM   197  C CD  . PRO A 1 24  ? -6.815  -7.272  12.209  1.00 29.84 ? 342 PRO A CD  1 
ATOM   198  N N   . SER A 1 25  ? -2.764  -8.401  14.136  1.00 38.21 ? 343 SER A N   1 
ATOM   199  C CA  . SER A 1 25  ? -1.632  -9.259  13.862  1.00 40.71 ? 343 SER A CA  1 
ATOM   200  C C   . SER A 1 25  ? -2.156  -10.689 13.737  1.00 39.61 ? 343 SER A C   1 
ATOM   201  O O   . SER A 1 25  ? -1.462  -11.558 13.233  1.00 39.26 ? 343 SER A O   1 
ATOM   202  C CB  . SER A 1 25  ? -0.589  -9.140  14.975  1.00 46.19 ? 343 SER A CB  1 
ATOM   203  O OG  . SER A 1 25  ? 0.038   -7.861  14.959  1.00 49.80 ? 343 SER A OG  1 
ATOM   204  N N   . SER A 1 26  ? -3.404  -10.903 14.157  1.00 43.07 ? 344 SER A N   1 
ATOM   205  C CA  . SER A 1 26  ? -4.063  -12.211 14.087  1.00 45.81 ? 344 SER A CA  1 
ATOM   206  C C   . SER A 1 26  ? -4.553  -12.532 12.661  1.00 46.26 ? 344 SER A C   1 
ATOM   207  O O   . SER A 1 26  ? -4.995  -13.650 12.389  1.00 46.68 ? 344 SER A O   1 
ATOM   208  C CB  . SER A 1 26  ? -5.259  -12.255 15.047  1.00 45.35 ? 344 SER A CB  1 
ATOM   209  O OG  . SER A 1 26  ? -6.310  -11.405 14.605  1.00 48.72 ? 344 SER A OG  1 
ATOM   210  N N   . CYS A 1 27  ? -4.542  -11.530 11.782  1.00 43.05 ? 345 CYS A N   1 
ATOM   211  C CA  . CYS A 1 27  ? -4.949  -11.709 10.390  1.00 40.54 ? 345 CYS A CA  1 
ATOM   212  C C   . CYS A 1 27  ? -3.742  -11.457 9.486   1.00 36.09 ? 345 CYS A C   1 
ATOM   213  O O   . CYS A 1 27  ? -3.553  -10.347 8.992   1.00 34.38 ? 345 CYS A O   1 
ATOM   214  C CB  . CYS A 1 27  ? -6.076  -10.746 10.012  1.00 41.59 ? 345 CYS A CB  1 
ATOM   215  S SG  . CYS A 1 27  ? -7.602  -10.970 10.947  1.00 56.44 ? 345 CYS A SG  1 
ATOM   216  N N   . PRO A 1 28  ? -2.892  -12.482 9.290   1.00 34.84 ? 346 PRO A N   1 
ATOM   217  C CA  . PRO A 1 28  ? -1.689  -12.423 8.456   1.00 31.12 ? 346 PRO A CA  1 
ATOM   218  C C   . PRO A 1 28  ? -2.021  -12.023 7.032   1.00 28.90 ? 346 PRO A C   1 
ATOM   219  O O   . PRO A 1 28  ? -1.197  -11.445 6.339   1.00 29.38 ? 346 PRO A O   1 
ATOM   220  C CB  . PRO A 1 28  ? -1.189  -13.858 8.499   1.00 29.92 ? 346 PRO A CB  1 
ATOM   221  C CG  . PRO A 1 28  ? -1.595  -14.301 9.852   1.00 31.05 ? 346 PRO A CG  1 
ATOM   222  C CD  . PRO A 1 28  ? -2.999  -13.803 9.932   1.00 34.02 ? 346 PRO A CD  1 
ATOM   223  N N   . ILE A 1 29  ? -3.225  -12.363 6.594   1.00 29.47 ? 347 ILE A N   1 
ATOM   224  C CA  . ILE A 1 29  ? -3.677  -12.038 5.244   1.00 29.05 ? 347 ILE A CA  1 
ATOM   225  C C   . ILE A 1 29  ? -4.958  -11.212 5.301   1.00 29.47 ? 347 ILE A C   1 
ATOM   226  O O   . ILE A 1 29  ? -5.910  -11.554 6.016   1.00 28.49 ? 347 ILE A O   1 
ATOM   227  C CB  . ILE A 1 29  ? -3.930  -13.325 4.409   1.00 26.29 ? 347 ILE A CB  1 
ATOM   228  C CG1 . ILE A 1 29  ? -2.615  -14.075 4.211   1.00 25.81 ? 347 ILE A CG1 1 
ATOM   229  C CG2 . ILE A 1 29  ? -4.503  -12.974 3.042   1.00 23.87 ? 347 ILE A CG2 1 
ATOM   230  C CD1 . ILE A 1 29  ? -2.774  -15.434 3.639   1.00 26.94 ? 347 ILE A CD1 1 
ATOM   231  N N   . VAL A 1 30  ? -4.963  -10.108 4.571   1.00 28.02 ? 348 VAL A N   1 
ATOM   232  C CA  . VAL A 1 30  ? -6.127  -9.250  4.518   1.00 27.75 ? 348 VAL A CA  1 
ATOM   233  C C   . VAL A 1 30  ? -6.470  -9.019  3.049   1.00 27.70 ? 348 VAL A C   1 
ATOM   234  O O   . VAL A 1 30  ? -5.588  -8.847  2.216   1.00 29.07 ? 348 VAL A O   1 
ATOM   235  C CB  . VAL A 1 30  ? -5.903  -7.891  5.266   1.00 27.77 ? 348 VAL A CB  1 
ATOM   236  C CG1 . VAL A 1 30  ? -4.720  -7.101  4.666   1.00 19.70 ? 348 VAL A CG1 1 
ATOM   237  C CG2 . VAL A 1 30  ? -7.201  -7.055  5.245   1.00 26.83 ? 348 VAL A CG2 1 
ATOM   238  N N   . THR A 1 31  ? -7.749  -9.110  2.726   1.00 25.89 ? 349 THR A N   1 
ATOM   239  C CA  . THR A 1 31  ? -8.204  -8.901  1.371   1.00 23.35 ? 349 THR A CA  1 
ATOM   240  C C   . THR A 1 31  ? -8.899  -7.560  1.276   1.00 23.87 ? 349 THR A C   1 
ATOM   241  O O   . THR A 1 31  ? -9.680  -7.198  2.153   1.00 25.87 ? 349 THR A O   1 
ATOM   242  C CB  . THR A 1 31  ? -9.200  -9.986  0.979   1.00 24.04 ? 349 THR A CB  1 
ATOM   243  O OG1 . THR A 1 31  ? -8.604  -11.271 1.200   1.00 26.87 ? 349 THR A OG1 1 
ATOM   244  C CG2 . THR A 1 31  ? -9.611  -9.833  -0.485  1.00 20.36 ? 349 THR A CG2 1 
ATOM   245  N N   . VAL A 1 32  ? -8.595  -6.813  0.226   1.00 21.12 ? 350 VAL A N   1 
ATOM   246  C CA  . VAL A 1 32  ? -9.210  -5.516  0.001   1.00 26.04 ? 350 VAL A CA  1 
ATOM   247  C C   . VAL A 1 32  ? -9.895  -5.665  -1.353  1.00 26.43 ? 350 VAL A C   1 
ATOM   248  O O   . VAL A 1 32  ? -9.221  -5.841  -2.365  1.00 28.19 ? 350 VAL A O   1 
ATOM   249  C CB  . VAL A 1 32  ? -8.147  -4.368  -0.054  1.00 27.93 ? 350 VAL A CB  1 
ATOM   250  C CG1 . VAL A 1 32  ? -8.840  -3.021  -0.139  1.00 24.74 ? 350 VAL A CG1 1 
ATOM   251  C CG2 . VAL A 1 32  ? -7.207  -4.421  1.173   1.00 22.91 ? 350 VAL A CG2 1 
ATOM   252  N N   . ASP A 1 33  ? -11.226 -5.638  -1.369  1.00 28.94 ? 351 ASP A N   1 
ATOM   253  C CA  . ASP A 1 33  ? -11.984 -5.804  -2.615  1.00 27.98 ? 351 ASP A CA  1 
ATOM   254  C C   . ASP A 1 33  ? -13.082 -4.771  -2.894  1.00 28.47 ? 351 ASP A C   1 
ATOM   255  O O   . ASP A 1 33  ? -13.346 -3.876  -2.083  1.00 27.87 ? 351 ASP A O   1 
ATOM   256  C CB  . ASP A 1 33  ? -12.586 -7.208  -2.673  1.00 26.44 ? 351 ASP A CB  1 
ATOM   257  C CG  . ASP A 1 33  ? -13.514 -7.501  -1.514  1.00 25.99 ? 351 ASP A CG  1 
ATOM   258  O OD1 . ASP A 1 33  ? -14.257 -6.602  -1.075  1.00 30.34 ? 351 ASP A OD1 1 
ATOM   259  O OD2 . ASP A 1 33  ? -13.520 -8.650  -1.050  1.00 25.23 ? 351 ASP A OD2 1 
ATOM   260  N N   . GLY A 1 34  ? -13.748 -4.937  -4.032  1.00 20.60 ? 352 GLY A N   1 
ATOM   261  C CA  . GLY A 1 34  ? -14.808 -4.029  -4.416  1.00 21.11 ? 352 GLY A CA  1 
ATOM   262  C C   . GLY A 1 34  ? -16.168 -4.464  -3.922  1.00 18.22 ? 352 GLY A C   1 
ATOM   263  O O   . GLY A 1 34  ? -17.176 -3.901  -4.331  1.00 25.45 ? 352 GLY A O   1 
ATOM   264  N N   . TYR A 1 35  ? -16.194 -5.456  -3.042  1.00 21.46 ? 353 TYR A N   1 
ATOM   265  C CA  . TYR A 1 35  ? -17.441 -5.982  -2.494  1.00 23.23 ? 353 TYR A CA  1 
ATOM   266  C C   . TYR A 1 35  ? -18.056 -5.115  -1.414  1.00 21.83 ? 353 TYR A C   1 
ATOM   267  O O   . TYR A 1 35  ? -17.658 -3.959  -1.246  1.00 24.13 ? 353 TYR A O   1 
ATOM   268  C CB  . TYR A 1 35  ? -17.293 -7.449  -2.066  1.00 28.74 ? 353 TYR A CB  1 
ATOM   269  C CG  . TYR A 1 35  ? -17.170 -8.366  -3.272  1.00 37.78 ? 353 TYR A CG  1 
ATOM   270  C CD1 . TYR A 1 35  ? -16.076 -8.263  -4.131  1.00 40.80 ? 353 TYR A CD1 1 
ATOM   271  C CD2 . TYR A 1 35  ? -18.176 -9.275  -3.599  1.00 38.94 ? 353 TYR A CD2 1 
ATOM   272  C CE1 . TYR A 1 35  ? -15.981 -9.032  -5.283  1.00 45.95 ? 353 TYR A CE1 1 
ATOM   273  C CE2 . TYR A 1 35  ? -18.091 -10.057 -4.762  1.00 43.07 ? 353 TYR A CE2 1 
ATOM   274  C CZ  . TYR A 1 35  ? -16.986 -9.927  -5.597  1.00 46.23 ? 353 TYR A CZ  1 
ATOM   275  O OH  . TYR A 1 35  ? -16.849 -10.679 -6.744  1.00 45.79 ? 353 TYR A OH  1 
ATOM   276  N N   . VAL A 1 36  ? -18.952 -5.673  -0.612  1.00 24.66 ? 354 VAL A N   1 
ATOM   277  C CA  . VAL A 1 36  ? -19.657 -4.826  0.339   1.00 23.94 ? 354 VAL A CA  1 
ATOM   278  C C   . VAL A 1 36  ? -19.801 -5.228  1.795   1.00 24.23 ? 354 VAL A C   1 
ATOM   279  O O   . VAL A 1 36  ? -20.413 -4.485  2.562   1.00 22.69 ? 354 VAL A O   1 
ATOM   280  C CB  . VAL A 1 36  ? -21.076 -4.466  -0.230  1.00 24.83 ? 354 VAL A CB  1 
ATOM   281  C CG1 . VAL A 1 36  ? -20.959 -3.802  -1.619  1.00 18.80 ? 354 VAL A CG1 1 
ATOM   282  C CG2 . VAL A 1 36  ? -21.930 -5.705  -0.341  1.00 18.24 ? 354 VAL A CG2 1 
ATOM   283  N N   . ASP A 1 37  ? -19.210 -6.351  2.200   1.00 24.32 ? 355 ASP A N   1 
ATOM   284  C CA  . ASP A 1 37  ? -19.326 -6.784  3.594   1.00 29.00 ? 355 ASP A CA  1 
ATOM   285  C C   . ASP A 1 37  ? -18.539 -5.823  4.503   1.00 34.73 ? 355 ASP A C   1 
ATOM   286  O O   . ASP A 1 37  ? -17.323 -5.720  4.398   1.00 35.06 ? 355 ASP A O   1 
ATOM   287  C CB  . ASP A 1 37  ? -18.836 -8.225  3.765   1.00 28.40 ? 355 ASP A CB  1 
ATOM   288  C CG  . ASP A 1 37  ? -19.254 -8.828  5.102   1.00 31.94 ? 355 ASP A CG  1 
ATOM   289  O OD1 . ASP A 1 37  ? -19.374 -8.087  6.088   1.00 35.89 ? 355 ASP A OD1 1 
ATOM   290  O OD2 . ASP A 1 37  ? -19.488 -10.046 5.183   1.00 42.18 ? 355 ASP A OD2 1 
ATOM   291  N N   . PRO A 1 38  ? -19.227 -5.147  5.440   1.00 41.38 ? 356 PRO A N   1 
ATOM   292  C CA  . PRO A 1 38  ? -18.606 -4.189  6.364   1.00 43.55 ? 356 PRO A CA  1 
ATOM   293  C C   . PRO A 1 38  ? -18.010 -4.799  7.632   1.00 43.37 ? 356 PRO A C   1 
ATOM   294  O O   . PRO A 1 38  ? -17.422 -4.087  8.444   1.00 43.02 ? 356 PRO A O   1 
ATOM   295  C CB  . PRO A 1 38  ? -19.777 -3.282  6.710   1.00 43.58 ? 356 PRO A CB  1 
ATOM   296  C CG  . PRO A 1 38  ? -20.883 -4.300  6.880   1.00 43.10 ? 356 PRO A CG  1 
ATOM   297  C CD  . PRO A 1 38  ? -20.685 -5.215  5.673   1.00 43.63 ? 356 PRO A CD  1 
ATOM   298  N N   . SER A 1 39  ? -18.212 -6.098  7.816   1.00 47.71 ? 357 SER A N   1 
ATOM   299  C CA  . SER A 1 39  ? -17.720 -6.824  8.985   1.00 50.74 ? 357 SER A CA  1 
ATOM   300  C C   . SER A 1 39  ? -16.247 -6.567  9.240   1.00 52.03 ? 357 SER A C   1 
ATOM   301  O O   . SER A 1 39  ? -15.789 -6.603  10.380  1.00 54.06 ? 357 SER A O   1 
ATOM   302  C CB  . SER A 1 39  ? -17.982 -8.323  8.822   1.00 51.43 ? 357 SER A CB  1 
ATOM   303  O OG  . SER A 1 39  ? -19.382 -8.577  8.692   1.00 53.67 ? 357 SER A OG  1 
ATOM   304  N N   . GLY A 1 40  ? -15.519 -6.330  8.160   1.00 53.15 ? 358 GLY A N   1 
ATOM   305  C CA  . GLY A 1 40  ? -14.109 -6.037  8.231   1.00 51.47 ? 358 GLY A CA  1 
ATOM   306  C C   . GLY A 1 40  ? -13.257 -6.510  9.395   1.00 50.07 ? 358 GLY A C   1 
ATOM   307  O O   . GLY A 1 40  ? -13.226 -5.883  10.456  1.00 52.16 ? 358 GLY A O   1 
ATOM   308  N N   . GLY A 1 41  ? -12.585 -7.634  9.193   1.00 44.58 ? 359 GLY A N   1 
ATOM   309  C CA  . GLY A 1 41  ? -11.661 -8.163  10.181  1.00 38.77 ? 359 GLY A CA  1 
ATOM   310  C C   . GLY A 1 41  ? -10.411 -8.412  9.349   1.00 38.64 ? 359 GLY A C   1 
ATOM   311  O O   . GLY A 1 41  ? -9.453  -7.639  9.393   1.00 35.21 ? 359 GLY A O   1 
ATOM   312  N N   . ASP A 1 42  ? -10.494 -9.436  8.495   1.00 34.87 ? 360 ASP A N   1 
ATOM   313  C CA  . ASP A 1 42  ? -9.421  -9.818  7.582   1.00 32.60 ? 360 ASP A CA  1 
ATOM   314  C C   . ASP A 1 42  ? -9.831  -9.532  6.141   1.00 29.75 ? 360 ASP A C   1 
ATOM   315  O O   . ASP A 1 42  ? -9.347  -10.162 5.213   1.00 29.74 ? 360 ASP A O   1 
ATOM   316  C CB  . ASP A 1 42  ? -9.106  -11.307 7.725   1.00 42.06 ? 360 ASP A CB  1 
ATOM   317  C CG  . ASP A 1 42  ? -10.266 -12.209 7.303   1.00 45.93 ? 360 ASP A CG  1 
ATOM   318  O OD1 . ASP A 1 42  ? -11.412 -11.737 7.171   1.00 52.90 ? 360 ASP A OD1 1 
ATOM   319  O OD2 . ASP A 1 42  ? -10.029 -13.417 7.114   1.00 53.40 ? 360 ASP A OD2 1 
ATOM   320  N N   . ARG A 1 43  ? -10.752 -8.597  5.965   1.00 28.99 ? 361 ARG A N   1 
ATOM   321  C CA  . ARG A 1 43  ? -11.247 -8.237  4.646   1.00 26.17 ? 361 ARG A CA  1 
ATOM   322  C C   . ARG A 1 43  ? -11.849 -6.832  4.759   1.00 27.61 ? 361 ARG A C   1 
ATOM   323  O O   . ARG A 1 43  ? -12.727 -6.576  5.596   1.00 24.87 ? 361 ARG A O   1 
ATOM   324  C CB  . ARG A 1 43  ? -12.294 -9.261  4.196   1.00 26.02 ? 361 ARG A CB  1 
ATOM   325  C CG  . ARG A 1 43  ? -12.831 -9.046  2.806   1.00 28.60 ? 361 ARG A CG  1 
ATOM   326  C CD  . ARG A 1 43  ? -13.775 -10.163 2.460   1.00 31.97 ? 361 ARG A CD  1 
ATOM   327  N NE  . ARG A 1 43  ? -14.548 -9.867  1.260   1.00 35.39 ? 361 ARG A NE  1 
ATOM   328  C CZ  . ARG A 1 43  ? -15.870 -9.977  1.173   1.00 27.75 ? 361 ARG A CZ  1 
ATOM   329  N NH1 . ARG A 1 43  ? -16.579 -10.386 2.218   1.00 23.41 ? 361 ARG A NH1 1 
ATOM   330  N NH2 . ARG A 1 43  ? -16.481 -9.634  0.048   1.00 33.89 ? 361 ARG A NH2 1 
ATOM   331  N N   . PHE A 1 44  ? -11.343 -5.937  3.916   1.00 24.42 ? 362 PHE A N   1 
ATOM   332  C CA  . PHE A 1 44  ? -11.702 -4.530  3.871   1.00 21.38 ? 362 PHE A CA  1 
ATOM   333  C C   . PHE A 1 44  ? -12.448 -4.315  2.572   1.00 23.94 ? 362 PHE A C   1 
ATOM   334  O O   . PHE A 1 44  ? -11.825 -4.242  1.520   1.00 27.11 ? 362 PHE A O   1 
ATOM   335  C CB  . PHE A 1 44  ? -10.374 -3.739  3.869   1.00 20.36 ? 362 PHE A CB  1 
ATOM   336  C CG  . PHE A 1 44  ? -10.515 -2.240  3.791   1.00 21.27 ? 362 PHE A CG  1 
ATOM   337  C CD1 . PHE A 1 44  ? -11.690 -1.590  4.193   1.00 22.08 ? 362 PHE A CD1 1 
ATOM   338  C CD2 . PHE A 1 44  ? -9.437  -1.473  3.339   1.00 16.43 ? 362 PHE A CD2 1 
ATOM   339  C CE1 . PHE A 1 44  ? -11.785 -0.185  4.152   1.00 17.01 ? 362 PHE A CE1 1 
ATOM   340  C CE2 . PHE A 1 44  ? -9.507  -0.074  3.289   1.00 19.34 ? 362 PHE A CE2 1 
ATOM   341  C CZ  . PHE A 1 44  ? -10.686 0.576   3.697   1.00 22.17 ? 362 PHE A CZ  1 
ATOM   342  N N   . CYS A 1 45  ? -13.774 -4.222  2.626   1.00 23.06 ? 363 CYS A N   1 
ATOM   343  C CA  . CYS A 1 45  ? -14.563 -4.014  1.412   1.00 19.69 ? 363 CYS A CA  1 
ATOM   344  C C   . CYS A 1 45  ? -14.793 -2.539  1.059   1.00 22.49 ? 363 CYS A C   1 
ATOM   345  O O   . CYS A 1 45  ? -15.249 -1.762  1.884   1.00 30.02 ? 363 CYS A O   1 
ATOM   346  C CB  . CYS A 1 45  ? -15.895 -4.737  1.542   1.00 19.11 ? 363 CYS A CB  1 
ATOM   347  S SG  . CYS A 1 45  ? -15.775 -6.524  1.798   1.00 23.55 ? 363 CYS A SG  1 
ATOM   348  N N   . LEU A 1 46  ? -14.505 -2.158  -0.177  1.00 20.42 ? 364 LEU A N   1 
ATOM   349  C CA  . LEU A 1 46  ? -14.673 -0.774  -0.617  1.00 20.86 ? 364 LEU A CA  1 
ATOM   350  C C   . LEU A 1 46  ? -15.989 -0.467  -1.332  1.00 23.60 ? 364 LEU A C   1 
ATOM   351  O O   . LEU A 1 46  ? -16.286 0.699   -1.629  1.00 19.22 ? 364 LEU A O   1 
ATOM   352  C CB  . LEU A 1 46  ? -13.541 -0.408  -1.581  1.00 22.76 ? 364 LEU A CB  1 
ATOM   353  C CG  . LEU A 1 46  ? -12.089 -0.276  -1.095  1.00 29.36 ? 364 LEU A CG  1 
ATOM   354  C CD1 . LEU A 1 46  ? -11.988 -0.540  0.392   1.00 23.35 ? 364 LEU A CD1 1 
ATOM   355  C CD2 . LEU A 1 46  ? -11.169 -1.192  -1.901  1.00 21.63 ? 364 LEU A CD2 1 
ATOM   356  N N   . GLY A 1 47  ? -16.753 -1.511  -1.643  1.00 25.59 ? 365 GLY A N   1 
ATOM   357  C CA  . GLY A 1 47  ? -17.985 -1.340  -2.390  1.00 29.66 ? 365 GLY A CA  1 
ATOM   358  C C   . GLY A 1 47  ? -19.155 -0.677  -1.706  1.00 31.14 ? 365 GLY A C   1 
ATOM   359  O O   . GLY A 1 47  ? -19.968 -0.030  -2.371  1.00 33.26 ? 365 GLY A O   1 
ATOM   360  N N   . GLN A 1 48  ? -19.239 -0.828  -0.389  1.00 30.41 ? 366 GLN A N   1 
ATOM   361  C CA  . GLN A 1 48  ? -20.337 -0.245  0.370   1.00 31.63 ? 366 GLN A CA  1 
ATOM   362  C C   . GLN A 1 48  ? -20.092 1.193   0.867   1.00 32.55 ? 366 GLN A C   1 
ATOM   363  O O   . GLN A 1 48  ? -20.989 1.816   1.446   1.00 33.78 ? 366 GLN A O   1 
ATOM   364  C CB  . GLN A 1 48  ? -20.684 -1.153  1.554   1.00 30.45 ? 366 GLN A CB  1 
ATOM   365  C CG  . GLN A 1 48  ? -19.950 -0.854  2.859   1.00 38.26 ? 366 GLN A CG  1 
ATOM   366  C CD  . GLN A 1 48  ? -18.568 -1.479  2.966   1.00 40.26 ? 366 GLN A CD  1 
ATOM   367  O OE1 . GLN A 1 48  ? -17.942 -1.437  4.027   1.00 37.76 ? 366 GLN A OE1 1 
ATOM   368  N NE2 . GLN A 1 48  ? -18.093 -2.074  1.883   1.00 42.66 ? 366 GLN A NE2 1 
ATOM   369  N N   . LEU A 1 49  ? -18.901 1.728   0.604   1.00 29.37 ? 367 LEU A N   1 
ATOM   370  C CA  . LEU A 1 49  ? -18.531 3.057   1.079   1.00 22.47 ? 367 LEU A CA  1 
ATOM   371  C C   . LEU A 1 49  ? -19.044 4.184   0.215   1.00 24.43 ? 367 LEU A C   1 
ATOM   372  O O   . LEU A 1 49  ? -18.978 4.122   -1.015  1.00 23.37 ? 367 LEU A O   1 
ATOM   373  C CB  . LEU A 1 49  ? -17.008 3.168   1.221   1.00 22.72 ? 367 LEU A CB  1 
ATOM   374  C CG  . LEU A 1 49  ? -16.280 2.152   2.107   1.00 21.58 ? 367 LEU A CG  1 
ATOM   375  C CD1 . LEU A 1 49  ? -14.752 2.335   2.005   1.00 20.56 ? 367 LEU A CD1 1 
ATOM   376  C CD2 . LEU A 1 49  ? -16.743 2.272   3.537   1.00 21.33 ? 367 LEU A CD2 1 
ATOM   377  N N   . SER A 1 50  ? -19.509 5.242   0.869   1.00 21.39 ? 368 SER A N   1 
ATOM   378  C CA  . SER A 1 50  ? -20.036 6.394   0.161   1.00 23.93 ? 368 SER A CA  1 
ATOM   379  C C   . SER A 1 50  ? -18.986 7.495   0.059   1.00 21.87 ? 368 SER A C   1 
ATOM   380  O O   . SER A 1 50  ? -18.033 7.519   0.832   1.00 24.75 ? 368 SER A O   1 
ATOM   381  C CB  . SER A 1 50  ? -21.274 6.929   0.894   1.00 31.26 ? 368 SER A CB  1 
ATOM   382  O OG  . SER A 1 50  ? -22.166 5.886   1.280   1.00 34.54 ? 368 SER A OG  1 
ATOM   383  N N   . ASN A 1 51  ? -19.161 8.399   -0.897  1.00 23.91 ? 369 ASN A N   1 
ATOM   384  C CA  . ASN A 1 51  ? -18.254 9.527   -1.084  1.00 26.55 ? 369 ASN A CA  1 
ATOM   385  C C   . ASN A 1 51  ? -19.093 10.561  -1.798  1.00 26.23 ? 369 ASN A C   1 
ATOM   386  O O   . ASN A 1 51  ? -19.344 10.432  -2.991  1.00 24.05 ? 369 ASN A O   1 
ATOM   387  C CB  . ASN A 1 51  ? -17.024 9.154   -1.947  1.00 21.91 ? 369 ASN A CB  1 
ATOM   388  C CG  . ASN A 1 51  ? -16.198 10.381  -2.348  1.00 25.38 ? 369 ASN A CG  1 
ATOM   389  O OD1 . ASN A 1 51  ? -16.418 11.475  -1.841  1.00 30.20 ? 369 ASN A OD1 1 
ATOM   390  N ND2 . ASN A 1 51  ? -15.292 10.213  -3.292  1.00 21.26 ? 369 ASN A ND2 1 
ATOM   391  N N   . VAL A 1 52  ? -19.504 11.608  -1.087  1.00 30.88 ? 370 VAL A N   1 
ATOM   392  C CA  . VAL A 1 52  ? -20.358 12.637  -1.700  1.00 35.96 ? 370 VAL A CA  1 
ATOM   393  C C   . VAL A 1 52  ? -19.726 13.372  -2.882  1.00 32.71 ? 370 VAL A C   1 
ATOM   394  O O   . VAL A 1 52  ? -20.414 14.070  -3.621  1.00 35.32 ? 370 VAL A O   1 
ATOM   395  C CB  . VAL A 1 52  ? -20.904 13.678  -0.660  1.00 36.55 ? 370 VAL A CB  1 
ATOM   396  C CG1 . VAL A 1 52  ? -21.501 12.964  0.547   1.00 36.56 ? 370 VAL A CG1 1 
ATOM   397  C CG2 . VAL A 1 52  ? -19.815 14.641  -0.236  1.00 38.63 ? 370 VAL A CG2 1 
ATOM   398  N N   . HIS A 1 53  ? -18.422 13.220  -3.061  1.00 33.31 ? 371 HIS A N   1 
ATOM   399  C CA  . HIS A 1 53  ? -17.747 13.876  -4.173  1.00 38.08 ? 371 HIS A CA  1 
ATOM   400  C C   . HIS A 1 53  ? -17.498 12.888  -5.325  1.00 35.90 ? 371 HIS A C   1 
ATOM   401  O O   . HIS A 1 53  ? -16.909 13.255  -6.341  1.00 39.65 ? 371 HIS A O   1 
ATOM   402  C CB  . HIS A 1 53  ? -16.394 14.460  -3.724  1.00 43.59 ? 371 HIS A CB  1 
ATOM   403  C CG  . HIS A 1 53  ? -16.462 15.310  -2.490  1.00 47.22 ? 371 HIS A CG  1 
ATOM   404  N ND1 . HIS A 1 53  ? -15.748 15.017  -1.347  1.00 49.36 ? 371 HIS A ND1 1 
ATOM   405  C CD2 . HIS A 1 53  ? -17.148 16.445  -2.222  1.00 44.15 ? 371 HIS A CD2 1 
ATOM   406  C CE1 . HIS A 1 53  ? -15.990 15.935  -0.428  1.00 48.85 ? 371 HIS A CE1 1 
ATOM   407  N NE2 . HIS A 1 53  ? -16.837 16.812  -0.935  1.00 47.84 ? 371 HIS A NE2 1 
ATOM   408  N N   . ARG A 1 54  ? -17.941 11.644  -5.174  1.00 32.40 ? 372 ARG A N   1 
ATOM   409  C CA  . ARG A 1 54  ? -17.709 10.621  -6.200  1.00 32.52 ? 372 ARG A CA  1 
ATOM   410  C C   . ARG A 1 54  ? -18.210 11.022  -7.585  1.00 38.72 ? 372 ARG A C   1 
ATOM   411  O O   . ARG A 1 54  ? -19.269 11.646  -7.714  1.00 42.66 ? 372 ARG A O   1 
ATOM   412  C CB  . ARG A 1 54  ? -18.348 9.302   -5.771  1.00 26.91 ? 372 ARG A CB  1 
ATOM   413  C CG  . ARG A 1 54  ? -17.957 8.083   -6.583  1.00 24.38 ? 372 ARG A CG  1 
ATOM   414  C CD  . ARG A 1 54  ? -18.447 6.809   -5.884  1.00 24.26 ? 372 ARG A CD  1 
ATOM   415  N NE  . ARG A 1 54  ? -17.642 6.434   -4.716  1.00 22.73 ? 372 ARG A NE  1 
ATOM   416  C CZ  . ARG A 1 54  ? -18.092 5.755   -3.659  1.00 23.40 ? 372 ARG A CZ  1 
ATOM   417  N NH1 . ARG A 1 54  ? -19.361 5.381   -3.591  1.00 17.33 ? 372 ARG A NH1 1 
ATOM   418  N NH2 . ARG A 1 54  ? -17.244 5.351   -2.713  1.00 18.20 ? 372 ARG A NH2 1 
ATOM   419  N N   . THR A 1 55  ? -17.430 10.701  -8.614  1.00 38.41 ? 373 THR A N   1 
ATOM   420  C CA  . THR A 1 55  ? -17.811 11.012  -9.989  1.00 35.95 ? 373 THR A CA  1 
ATOM   421  C C   . THR A 1 55  ? -18.135 9.704   -10.711 1.00 38.09 ? 373 THR A C   1 
ATOM   422  O O   . THR A 1 55  ? -17.822 8.623   -10.197 1.00 37.45 ? 373 THR A O   1 
ATOM   423  C CB  . THR A 1 55  ? -16.689 11.748  -10.728 1.00 33.86 ? 373 THR A CB  1 
ATOM   424  O OG1 . THR A 1 55  ? -15.575 10.864  -10.921 1.00 38.43 ? 373 THR A OG1 1 
ATOM   425  C CG2 . THR A 1 55  ? -16.245 12.968  -9.927  1.00 33.32 ? 373 THR A CG2 1 
ATOM   426  N N   . GLU A 1 56  ? -18.757 9.791   -11.889 1.00 40.74 ? 374 GLU A N   1 
ATOM   427  C CA  . GLU A 1 56  ? -19.108 8.588   -12.651 1.00 42.01 ? 374 GLU A CA  1 
ATOM   428  C C   . GLU A 1 56  ? -17.854 7.833   -13.068 1.00 37.83 ? 374 GLU A C   1 
ATOM   429  O O   . GLU A 1 56  ? -17.862 6.609   -13.179 1.00 37.37 ? 374 GLU A O   1 
ATOM   430  C CB  . GLU A 1 56  ? -19.953 8.927   -13.879 1.00 49.23 ? 374 GLU A CB  1 
ATOM   431  C CG  . GLU A 1 56  ? -19.182 9.524   -15.056 1.00 59.41 ? 374 GLU A CG  1 
ATOM   432  C CD  . GLU A 1 56  ? -19.769 9.121   -16.412 1.00 65.51 ? 374 GLU A CD  1 
ATOM   433  O OE1 . GLU A 1 56  ? -20.197 7.949   -16.549 1.00 67.83 ? 374 GLU A OE1 1 
ATOM   434  O OE2 . GLU A 1 56  ? -19.787 9.969   -17.340 1.00 64.73 ? 374 GLU A OE2 1 
ATOM   435  N N   . ALA A 1 57  ? -16.774 8.576   -13.289 1.00 36.21 ? 375 ALA A N   1 
ATOM   436  C CA  . ALA A 1 57  ? -15.491 7.994   -13.653 1.00 36.43 ? 375 ALA A CA  1 
ATOM   437  C C   . ALA A 1 57  ? -14.968 7.133   -12.503 1.00 37.44 ? 375 ALA A C   1 
ATOM   438  O O   . ALA A 1 57  ? -14.387 6.060   -12.741 1.00 37.65 ? 375 ALA A O   1 
ATOM   439  C CB  . ALA A 1 57  ? -14.495 9.088   -13.972 1.00 39.23 ? 375 ALA A CB  1 
ATOM   440  N N   . ILE A 1 58  ? -15.163 7.607   -11.265 1.00 34.19 ? 376 ILE A N   1 
ATOM   441  C CA  . ILE A 1 58  ? -14.722 6.865   -10.076 1.00 32.53 ? 376 ILE A CA  1 
ATOM   442  C C   . ILE A 1 58  ? -15.583 5.614   -9.893  1.00 32.26 ? 376 ILE A C   1 
ATOM   443  O O   . ILE A 1 58  ? -15.087 4.544   -9.489  1.00 28.05 ? 376 ILE A O   1 
ATOM   444  C CB  . ILE A 1 58  ? -14.758 7.732   -8.779  1.00 29.09 ? 376 ILE A CB  1 
ATOM   445  C CG1 . ILE A 1 58  ? -13.762 8.891   -8.889  1.00 33.04 ? 376 ILE A CG1 1 
ATOM   446  C CG2 . ILE A 1 58  ? -14.397 6.885   -7.574  1.00 23.15 ? 376 ILE A CG2 1 
ATOM   447  C CD1 . ILE A 1 58  ? -13.878 9.935   -7.775  1.00 30.59 ? 376 ILE A CD1 1 
ATOM   448  N N   . GLU A 1 59  ? -16.874 5.751   -10.180 1.00 35.60 ? 377 GLU A N   1 
ATOM   449  C CA  . GLU A 1 59  ? -17.789 4.618   -10.068 1.00 41.30 ? 377 GLU A CA  1 
ATOM   450  C C   . GLU A 1 59  ? -17.446 3.602   -11.150 1.00 41.55 ? 377 GLU A C   1 
ATOM   451  O O   . GLU A 1 59  ? -17.560 2.395   -10.929 1.00 43.09 ? 377 GLU A O   1 
ATOM   452  C CB  . GLU A 1 59  ? -19.242 5.057   -10.234 1.00 47.41 ? 377 GLU A CB  1 
ATOM   453  C CG  . GLU A 1 59  ? -19.880 5.645   -8.997  1.00 54.13 ? 377 GLU A CG  1 
ATOM   454  C CD  . GLU A 1 59  ? -21.316 6.079   -9.245  1.00 59.07 ? 377 GLU A CD  1 
ATOM   455  O OE1 . GLU A 1 59  ? -22.203 5.195   -9.347  1.00 55.19 ? 377 GLU A OE1 1 
ATOM   456  O OE2 . GLU A 1 59  ? -21.549 7.308   -9.351  1.00 60.17 ? 377 GLU A OE2 1 
ATOM   457  N N   . ARG A 1 60  ? -17.030 4.090   -12.318 1.00 40.91 ? 378 ARG A N   1 
ATOM   458  C CA  . ARG A 1 60  ? -16.674 3.198   -13.417 1.00 42.98 ? 378 ARG A CA  1 
ATOM   459  C C   . ARG A 1 60  ? -15.482 2.336   -13.026 1.00 41.52 ? 378 ARG A C   1 
ATOM   460  O O   . ARG A 1 60  ? -15.491 1.118   -13.222 1.00 41.07 ? 378 ARG A O   1 
ATOM   461  C CB  . ARG A 1 60  ? -16.369 3.989   -14.698 1.00 44.21 ? 378 ARG A CB  1 
ATOM   462  C CG  . ARG A 1 60  ? -17.616 4.380   -15.503 1.00 48.68 ? 378 ARG A CG  1 
ATOM   463  C CD  . ARG A 1 60  ? -17.286 5.014   -16.856 1.00 45.97 ? 378 ARG A CD  1 
ATOM   464  N NE  . ARG A 1 60  ? -17.483 6.467   -16.885 1.00 47.84 ? 378 ARG A NE  1 
ATOM   465  C CZ  . ARG A 1 60  ? -16.519 7.344   -17.153 1.00 49.37 ? 378 ARG A CZ  1 
ATOM   466  N NH1 . ARG A 1 60  ? -15.288 6.929   -17.412 1.00 51.47 ? 378 ARG A NH1 1 
ATOM   467  N NH2 . ARG A 1 60  ? -16.778 8.643   -17.175 1.00 52.95 ? 378 ARG A NH2 1 
ATOM   468  N N   . ALA A 1 61  ? -14.483 2.974   -12.421 1.00 40.19 ? 379 ALA A N   1 
ATOM   469  C CA  . ALA A 1 61  ? -13.261 2.307   -11.991 1.00 35.15 ? 379 ALA A CA  1 
ATOM   470  C C   . ALA A 1 61  ? -13.501 1.360   -10.825 1.00 35.50 ? 379 ALA A C   1 
ATOM   471  O O   . ALA A 1 61  ? -12.926 0.268   -10.783 1.00 34.35 ? 379 ALA A O   1 
ATOM   472  C CB  . ALA A 1 61  ? -12.208 3.345   -11.631 1.00 36.45 ? 379 ALA A CB  1 
ATOM   473  N N   . ARG A 1 62  ? -14.337 1.774   -9.872  1.00 35.23 ? 380 ARG A N   1 
ATOM   474  C CA  . ARG A 1 62  ? -14.654 0.934   -8.716  1.00 32.46 ? 380 ARG A CA  1 
ATOM   475  C C   . ARG A 1 62  ? -15.290 -0.357  -9.188  1.00 33.96 ? 380 ARG A C   1 
ATOM   476  O O   . ARG A 1 62  ? -15.251 -1.373  -8.494  1.00 35.53 ? 380 ARG A O   1 
ATOM   477  C CB  . ARG A 1 62  ? -15.604 1.660   -7.756  1.00 34.13 ? 380 ARG A CB  1 
ATOM   478  C CG  . ARG A 1 62  ? -14.897 2.668   -6.873  1.00 34.13 ? 380 ARG A CG  1 
ATOM   479  C CD  . ARG A 1 62  ? -15.831 3.690   -6.229  1.00 27.87 ? 380 ARG A CD  1 
ATOM   480  N NE  . ARG A 1 62  ? -16.891 3.099   -5.421  1.00 23.22 ? 380 ARG A NE  1 
ATOM   481  C CZ  . ARG A 1 62  ? -16.718 2.451   -4.276  1.00 22.39 ? 380 ARG A CZ  1 
ATOM   482  N NH1 . ARG A 1 62  ? -15.504 2.277   -3.769  1.00 26.28 ? 380 ARG A NH1 1 
ATOM   483  N NH2 . ARG A 1 62  ? -17.786 2.024   -3.604  1.00 24.39 ? 380 ARG A NH2 1 
ATOM   484  N N   . LEU A 1 63  ? -15.916 -0.295  -10.360 1.00 36.75 ? 381 LEU A N   1 
ATOM   485  C CA  . LEU A 1 63  ? -16.553 -1.451  -10.967 1.00 38.12 ? 381 LEU A CA  1 
ATOM   486  C C   . LEU A 1 63  ? -15.508 -2.500  -11.314 1.00 36.30 ? 381 LEU A C   1 
ATOM   487  O O   . LEU A 1 63  ? -15.796 -3.686  -11.296 1.00 38.91 ? 381 LEU A O   1 
ATOM   488  C CB  . LEU A 1 63  ? -17.294 -1.026  -12.238 1.00 44.15 ? 381 LEU A CB  1 
ATOM   489  C CG  . LEU A 1 63  ? -18.827 -1.009  -12.247 1.00 49.34 ? 381 LEU A CG  1 
ATOM   490  C CD1 . LEU A 1 63  ? -19.416 -0.969  -10.829 1.00 46.55 ? 381 LEU A CD1 1 
ATOM   491  C CD2 . LEU A 1 63  ? -19.299 0.182   -13.079 1.00 50.72 ? 381 LEU A CD2 1 
ATOM   492  N N   . HIS A 1 64  ? -14.281 -2.052  -11.569 1.00 34.73 ? 382 HIS A N   1 
ATOM   493  C CA  . HIS A 1 64  ? -13.186 -2.942  -11.942 1.00 36.35 ? 382 HIS A CA  1 
ATOM   494  C C   . HIS A 1 64  ? -12.276 -3.429  -10.851 1.00 35.57 ? 382 HIS A C   1 
ATOM   495  O O   . HIS A 1 64  ? -11.319 -4.148  -11.139 1.00 35.55 ? 382 HIS A O   1 
ATOM   496  C CB  . HIS A 1 64  ? -12.325 -2.322  -13.039 1.00 40.73 ? 382 HIS A CB  1 
ATOM   497  C CG  . HIS A 1 64  ? -13.046 -2.167  -14.333 1.00 45.63 ? 382 HIS A CG  1 
ATOM   498  N ND1 . HIS A 1 64  ? -13.024 -0.997  -15.058 1.00 49.77 ? 382 HIS A ND1 1 
ATOM   499  C CD2 . HIS A 1 64  ? -13.888 -3.003  -14.982 1.00 46.11 ? 382 HIS A CD2 1 
ATOM   500  C CE1 . HIS A 1 64  ? -13.832 -1.114  -16.096 1.00 55.79 ? 382 HIS A CE1 1 
ATOM   501  N NE2 . HIS A 1 64  ? -14.368 -2.323  -16.073 1.00 56.05 ? 382 HIS A NE2 1 
ATOM   502  N N   . ILE A 1 65  ? -12.532 -3.046  -9.610  1.00 33.89 ? 383 ILE A N   1 
ATOM   503  C CA  . ILE A 1 65  ? -11.662 -3.520  -8.559  1.00 37.46 ? 383 ILE A CA  1 
ATOM   504  C C   . ILE A 1 65  ? -11.970 -4.982  -8.240  1.00 33.85 ? 383 ILE A C   1 
ATOM   505  O O   . ILE A 1 65  ? -11.083 -5.757  -7.865  1.00 35.18 ? 383 ILE A O   1 
ATOM   506  C CB  . ILE A 1 65  ? -11.651 -2.562  -7.334  1.00 43.53 ? 383 ILE A CB  1 
ATOM   507  C CG1 . ILE A 1 65  ? -13.034 -2.394  -6.723  1.00 54.05 ? 383 ILE A CG1 1 
ATOM   508  C CG2 . ILE A 1 65  ? -11.215 -1.173  -7.793  1.00 49.32 ? 383 ILE A CG2 1 
ATOM   509  C CD1 . ILE A 1 65  ? -13.118 -1.197  -5.733  1.00 56.64 ? 383 ILE A CD1 1 
ATOM   510  N N   . GLY A 1 66  ? -13.211 -5.376  -8.499  1.00 30.71 ? 384 GLY A N   1 
ATOM   511  C CA  . GLY A 1 66  ? -13.646 -6.744  -8.272  1.00 26.40 ? 384 GLY A CA  1 
ATOM   512  C C   . GLY A 1 66  ? -13.097 -7.434  -7.042  1.00 27.39 ? 384 GLY A C   1 
ATOM   513  O O   . GLY A 1 66  ? -13.232 -6.937  -5.929  1.00 24.56 ? 384 GLY A O   1 
ATOM   514  N N   . LYS A 1 67  ? -12.463 -8.584  -7.246  1.00 29.91 ? 385 LYS A N   1 
ATOM   515  C CA  . LYS A 1 67  ? -11.904 -9.346  -6.140  1.00 30.77 ? 385 LYS A CA  1 
ATOM   516  C C   . LYS A 1 67  ? -10.668 -8.705  -5.508  1.00 27.83 ? 385 LYS A C   1 
ATOM   517  O O   . LYS A 1 67  ? -10.137 -9.217  -4.526  1.00 27.22 ? 385 LYS A O   1 
ATOM   518  C CB  . LYS A 1 67  ? -11.618 -10.785 -6.564  1.00 37.30 ? 385 LYS A CB  1 
ATOM   519  C CG  . LYS A 1 67  ? -12.860 -11.546 -6.996  1.00 43.75 ? 385 LYS A CG  1 
ATOM   520  C CD  . LYS A 1 67  ? -12.611 -13.044 -7.058  1.00 45.87 ? 385 LYS A CD  1 
ATOM   521  C CE  . LYS A 1 67  ? -13.887 -13.781 -7.442  1.00 48.69 ? 385 LYS A CE  1 
ATOM   522  N NZ  . LYS A 1 67  ? -15.017 -13.445 -6.525  1.00 51.20 ? 385 LYS A NZ  1 
ATOM   523  N N   . GLY A 1 68  ? -10.205 -7.602  -6.090  1.00 28.06 ? 386 GLY A N   1 
ATOM   524  C CA  . GLY A 1 68  ? -9.074  -6.875  -5.544  1.00 25.18 ? 386 GLY A CA  1 
ATOM   525  C C   . GLY A 1 68  ? -7.765  -7.604  -5.323  1.00 28.86 ? 386 GLY A C   1 
ATOM   526  O O   . GLY A 1 68  ? -7.260  -8.289  -6.224  1.00 28.40 ? 386 GLY A O   1 
ATOM   527  N N   . VAL A 1 69  ? -7.207  -7.447  -4.123  1.00 26.76 ? 387 VAL A N   1 
ATOM   528  C CA  . VAL A 1 69  ? -5.916  -8.044  -3.774  1.00 27.32 ? 387 VAL A CA  1 
ATOM   529  C C   . VAL A 1 69  ? -5.875  -8.592  -2.357  1.00 27.46 ? 387 VAL A C   1 
ATOM   530  O O   . VAL A 1 69  ? -6.732  -8.278  -1.533  1.00 31.42 ? 387 VAL A O   1 
ATOM   531  C CB  . VAL A 1 69  ? -4.762  -6.995  -3.831  1.00 23.17 ? 387 VAL A CB  1 
ATOM   532  C CG1 . VAL A 1 69  ? -4.683  -6.315  -5.191  1.00 19.13 ? 387 VAL A CG1 1 
ATOM   533  C CG2 . VAL A 1 69  ? -4.941  -5.959  -2.715  1.00 22.49 ? 387 VAL A CG2 1 
ATOM   534  N N   . GLN A 1 70  ? -4.867  -9.410  -2.082  1.00 25.00 ? 388 GLN A N   1 
ATOM   535  C CA  . GLN A 1 70  ? -4.655  -9.937  -0.742  1.00 27.98 ? 388 GLN A CA  1 
ATOM   536  C C   . GLN A 1 70  ? -3.292  -9.410  -0.333  1.00 29.79 ? 388 GLN A C   1 
ATOM   537  O O   . GLN A 1 70  ? -2.356  -9.410  -1.146  1.00 30.16 ? 388 GLN A O   1 
ATOM   538  C CB  . GLN A 1 70  ? -4.578  -11.454 -0.715  1.00 28.69 ? 388 GLN A CB  1 
ATOM   539  C CG  . GLN A 1 70  ? -5.824  -12.176 -1.127  1.00 34.98 ? 388 GLN A CG  1 
ATOM   540  C CD  . GLN A 1 70  ? -5.703  -13.680 -0.940  1.00 40.21 ? 388 GLN A CD  1 
ATOM   541  O OE1 . GLN A 1 70  ? -6.706  -14.388 -0.916  1.00 43.85 ? 388 GLN A OE1 1 
ATOM   542  N NE2 . GLN A 1 70  ? -4.474  -14.179 -0.812  1.00 36.19 ? 388 GLN A NE2 1 
ATOM   543  N N   . LEU A 1 71  ? -3.205  -8.892  0.887   1.00 30.41 ? 389 LEU A N   1 
ATOM   544  C CA  . LEU A 1 71  ? -1.950  -8.398  1.442   1.00 27.97 ? 389 LEU A CA  1 
ATOM   545  C C   . LEU A 1 71  ? -1.617  -9.428  2.515   1.00 26.94 ? 389 LEU A C   1 
ATOM   546  O O   . LEU A 1 71  ? -2.468  -9.807  3.330   1.00 25.70 ? 389 LEU A O   1 
ATOM   547  C CB  . LEU A 1 71  ? -2.105  -6.997  2.035   1.00 24.50 ? 389 LEU A CB  1 
ATOM   548  C CG  . LEU A 1 71  ? -2.735  -5.974  1.086   1.00 28.24 ? 389 LEU A CG  1 
ATOM   549  C CD1 . LEU A 1 71  ? -2.650  -4.605  1.708   1.00 27.12 ? 389 LEU A CD1 1 
ATOM   550  C CD2 . LEU A 1 71  ? -2.061  -5.981  -0.271  1.00 28.02 ? 389 LEU A CD2 1 
ATOM   551  N N   . GLU A 1 72  ? -0.407  -9.957  2.442   1.00 26.45 ? 390 GLU A N   1 
ATOM   552  C CA  . GLU A 1 72  ? 0.022   -10.978 3.368   1.00 28.64 ? 390 GLU A CA  1 
ATOM   553  C C   . GLU A 1 72  ? 1.331   -10.602 4.039   1.00 31.17 ? 390 GLU A C   1 
ATOM   554  O O   . GLU A 1 72  ? 2.278   -10.159 3.388   1.00 31.33 ? 390 GLU A O   1 
ATOM   555  C CB  . GLU A 1 72  ? 0.171   -12.298 2.622   1.00 29.62 ? 390 GLU A CB  1 
ATOM   556  C CG  . GLU A 1 72  ? 0.752   -13.420 3.444   1.00 34.99 ? 390 GLU A CG  1 
ATOM   557  C CD  . GLU A 1 72  ? 0.774   -14.745 2.697   1.00 40.63 ? 390 GLU A CD  1 
ATOM   558  O OE1 . GLU A 1 72  ? 0.463   -14.769 1.484   1.00 44.29 ? 390 GLU A OE1 1 
ATOM   559  O OE2 . GLU A 1 72  ? 1.105   -15.768 3.331   1.00 43.79 ? 390 GLU A OE2 1 
ATOM   560  N N   . CYS A 1 73  ? 1.361   -10.772 5.351   1.00 33.75 ? 391 CYS A N   1 
ATOM   561  C CA  . CYS A 1 73  ? 2.535   -10.478 6.148   1.00 37.34 ? 391 CYS A CA  1 
ATOM   562  C C   . CYS A 1 73  ? 3.166   -11.810 6.537   1.00 36.65 ? 391 CYS A C   1 
ATOM   563  O O   . CYS A 1 73  ? 2.538   -12.635 7.203   1.00 31.02 ? 391 CYS A O   1 
ATOM   564  C CB  . CYS A 1 73  ? 2.137   -9.687  7.397   1.00 37.45 ? 391 CYS A CB  1 
ATOM   565  S SG  . CYS A 1 73  ? 3.484   -9.296  8.529   1.00 42.66 ? 391 CYS A SG  1 
ATOM   566  N N   . LYS A 1 74  ? 4.362   -12.052 6.020   1.00 36.83 ? 392 LYS A N   1 
ATOM   567  C CA  . LYS A 1 74  ? 5.099   -13.265 6.312   1.00 40.37 ? 392 LYS A CA  1 
ATOM   568  C C   . LYS A 1 74  ? 6.146   -12.948 7.366   1.00 46.54 ? 392 LYS A C   1 
ATOM   569  O O   . LYS A 1 74  ? 6.846   -11.928 7.282   1.00 51.23 ? 392 LYS A O   1 
ATOM   570  C CB  . LYS A 1 74  ? 5.738   -13.801 5.037   1.00 40.29 ? 392 LYS A CB  1 
ATOM   571  C CG  . LYS A 1 74  ? 4.724   -14.480 4.122   1.00 42.54 ? 392 LYS A CG  1 
ATOM   572  C CD  . LYS A 1 74  ? 5.304   -14.891 2.790   1.00 41.29 ? 392 LYS A CD  1 
ATOM   573  C CE  . LYS A 1 74  ? 4.381   -15.890 2.105   1.00 48.57 ? 392 LYS A CE  1 
ATOM   574  N NZ  . LYS A 1 74  ? 4.920   -16.402 0.807   1.00 51.02 ? 392 LYS A NZ  1 
ATOM   575  N N   . GLY A 1 75  ? 6.226   -13.798 8.382   1.00 48.20 ? 393 GLY A N   1 
ATOM   576  C CA  . GLY A 1 75  ? 7.184   -13.578 9.447   1.00 52.48 ? 393 GLY A CA  1 
ATOM   577  C C   . GLY A 1 75  ? 6.837   -12.346 10.267  1.00 58.99 ? 393 GLY A C   1 
ATOM   578  O O   . GLY A 1 75  ? 5.653   -12.014 10.465  1.00 57.90 ? 393 GLY A O   1 
ATOM   579  N N   . GLU A 1 76  ? 7.876   -11.652 10.722  1.00 59.51 ? 394 GLU A N   1 
ATOM   580  C CA  . GLU A 1 76  ? 7.721   -10.452 11.536  1.00 58.56 ? 394 GLU A CA  1 
ATOM   581  C C   . GLU A 1 76  ? 7.082   -9.291  10.778  1.00 58.05 ? 394 GLU A C   1 
ATOM   582  O O   . GLU A 1 76  ? 6.306   -8.537  11.350  1.00 57.45 ? 394 GLU A O   1 
ATOM   583  C CB  . GLU A 1 76  ? 9.075   -10.026 12.086  1.00 57.22 ? 394 GLU A CB  1 
ATOM   584  C CG  . GLU A 1 76  ? 9.031   -8.821  12.996  1.00 64.99 ? 394 GLU A CG  1 
ATOM   585  C CD  . GLU A 1 76  ? 10.408  -8.422  13.507  1.00 72.41 ? 394 GLU A CD  1 
ATOM   586  O OE1 . GLU A 1 76  ? 11.428  -8.756  12.857  1.00 76.28 ? 394 GLU A OE1 1 
ATOM   587  O OE2 . GLU A 1 76  ? 10.475  -7.769  14.566  1.00 75.64 ? 394 GLU A OE2 1 
ATOM   588  N N   . GLY A 1 77  ? 7.415   -9.143  9.497   1.00 59.62 ? 395 GLY A N   1 
ATOM   589  C CA  . GLY A 1 77  ? 6.855   -8.047  8.725   1.00 54.11 ? 395 GLY A CA  1 
ATOM   590  C C   . GLY A 1 77  ? 7.210   -7.985  7.249   1.00 51.37 ? 395 GLY A C   1 
ATOM   591  O O   . GLY A 1 77  ? 7.436   -6.891  6.717   1.00 50.62 ? 395 GLY A O   1 
ATOM   592  N N   . ASP A 1 78  ? 7.336   -9.140  6.601   1.00 47.89 ? 396 ASP A N   1 
ATOM   593  C CA  . ASP A 1 78  ? 7.615   -9.182  5.164   1.00 45.41 ? 396 ASP A CA  1 
ATOM   594  C C   . ASP A 1 78  ? 6.239   -9.123  4.510   1.00 43.11 ? 396 ASP A C   1 
ATOM   595  O O   . ASP A 1 78  ? 5.311   -9.791  4.976   1.00 42.96 ? 396 ASP A O   1 
ATOM   596  C CB  . ASP A 1 78  ? 8.326   -10.479 4.774   1.00 46.42 ? 396 ASP A CB  1 
ATOM   597  C CG  . ASP A 1 78  ? 9.800   -10.271 4.496   1.00 50.67 ? 396 ASP A CG  1 
ATOM   598  O OD1 . ASP A 1 78  ? 10.394  -9.344  5.084   1.00 54.23 ? 396 ASP A OD1 1 
ATOM   599  O OD2 . ASP A 1 78  ? 10.364  -11.029 3.680   1.00 51.23 ? 396 ASP A OD2 1 
ATOM   600  N N   . VAL A 1 79  ? 6.088   -8.324  3.457   1.00 37.05 ? 397 VAL A N   1 
ATOM   601  C CA  . VAL A 1 79  ? 4.780   -8.202  2.824   1.00 35.61 ? 397 VAL A CA  1 
ATOM   602  C C   . VAL A 1 79  ? 4.715   -8.647  1.367   1.00 34.71 ? 397 VAL A C   1 
ATOM   603  O O   . VAL A 1 79  ? 5.559   -8.276  0.535   1.00 32.59 ? 397 VAL A O   1 
ATOM   604  C CB  . VAL A 1 79  ? 4.191   -6.754  2.975   1.00 32.99 ? 397 VAL A CB  1 
ATOM   605  C CG1 . VAL A 1 79  ? 2.759   -6.685  2.401   1.00 29.41 ? 397 VAL A CG1 1 
ATOM   606  C CG2 . VAL A 1 79  ? 4.183   -6.342  4.445   1.00 25.59 ? 397 VAL A CG2 1 
ATOM   607  N N   . TRP A 1 80  ? 3.670   -9.416  1.075   1.00 31.00 ? 398 TRP A N   1 
ATOM   608  C CA  . TRP A 1 80  ? 3.403   -9.942  -0.253  1.00 31.80 ? 398 TRP A CA  1 
ATOM   609  C C   . TRP A 1 80  ? 2.031   -9.481  -0.740  1.00 28.29 ? 398 TRP A C   1 
ATOM   610  O O   . TRP A 1 80  ? 1.122   -9.281  0.055   1.00 27.66 ? 398 TRP A O   1 
ATOM   611  C CB  . TRP A 1 80  ? 3.426   -11.473 -0.203  1.00 32.46 ? 398 TRP A CB  1 
ATOM   612  C CG  . TRP A 1 80  ? 4.804   -12.065 -0.049  1.00 37.52 ? 398 TRP A CG  1 
ATOM   613  C CD1 . TRP A 1 80  ? 5.661   -11.910 1.010   1.00 36.59 ? 398 TRP A CD1 1 
ATOM   614  C CD2 . TRP A 1 80  ? 5.484   -12.901 -0.996  1.00 39.09 ? 398 TRP A CD2 1 
ATOM   615  N NE1 . TRP A 1 80  ? 6.828   -12.597 0.777   1.00 35.32 ? 398 TRP A NE1 1 
ATOM   616  C CE2 . TRP A 1 80  ? 6.749   -13.213 -0.444  1.00 39.46 ? 398 TRP A CE2 1 
ATOM   617  C CE3 . TRP A 1 80  ? 5.145   -13.417 -2.257  1.00 35.16 ? 398 TRP A CE3 1 
ATOM   618  C CZ2 . TRP A 1 80  ? 7.674   -14.019 -1.111  1.00 40.35 ? 398 TRP A CZ2 1 
ATOM   619  C CZ3 . TRP A 1 80  ? 6.062   -14.219 -2.917  1.00 39.44 ? 398 TRP A CZ3 1 
ATOM   620  C CH2 . TRP A 1 80  ? 7.313   -14.511 -2.344  1.00 39.91 ? 398 TRP A CH2 1 
ATOM   621  N N   . VAL A 1 81  ? 1.905   -9.253  -2.036  1.00 29.84 ? 399 VAL A N   1 
ATOM   622  C CA  . VAL A 1 81  ? 0.632   -8.866  -2.627  1.00 32.85 ? 399 VAL A CA  1 
ATOM   623  C C   . VAL A 1 81  ? 0.238   -9.972  -3.603  1.00 34.47 ? 399 VAL A C   1 
ATOM   624  O O   . VAL A 1 81  ? 1.099   -10.553 -4.265  1.00 37.11 ? 399 VAL A O   1 
ATOM   625  C CB  . VAL A 1 81  ? 0.739   -7.545  -3.443  1.00 34.45 ? 399 VAL A CB  1 
ATOM   626  C CG1 . VAL A 1 81  ? -0.523  -7.322  -4.268  1.00 33.20 ? 399 VAL A CG1 1 
ATOM   627  C CG2 . VAL A 1 81  ? 0.935   -6.362  -2.522  1.00 40.40 ? 399 VAL A CG2 1 
ATOM   628  N N   . ARG A 1 82  ? -1.043  -10.301 -3.651  1.00 33.31 ? 400 ARG A N   1 
ATOM   629  C CA  . ARG A 1 82  ? -1.546  -11.284 -4.602  1.00 30.72 ? 400 ARG A CA  1 
ATOM   630  C C   . ARG A 1 82  ? -2.675  -10.574 -5.354  1.00 30.07 ? 400 ARG A C   1 
ATOM   631  O O   . ARG A 1 82  ? -3.615  -10.081 -4.738  1.00 33.03 ? 400 ARG A O   1 
ATOM   632  C CB  . ARG A 1 82  ? -2.062  -12.529 -3.886  1.00 34.73 ? 400 ARG A CB  1 
ATOM   633  C CG  . ARG A 1 82  ? -2.606  -13.593 -4.843  1.00 42.48 ? 400 ARG A CG  1 
ATOM   634  C CD  . ARG A 1 82  ? -2.877  -14.912 -4.131  1.00 40.88 ? 400 ARG A CD  1 
ATOM   635  N NE  . ARG A 1 82  ? -1.758  -15.839 -4.252  1.00 47.20 ? 400 ARG A NE  1 
ATOM   636  C CZ  . ARG A 1 82  ? -1.362  -16.660 -3.288  1.00 47.04 ? 400 ARG A CZ  1 
ATOM   637  N NH1 . ARG A 1 82  ? -1.989  -16.669 -2.122  1.00 55.19 ? 400 ARG A NH1 1 
ATOM   638  N NH2 . ARG A 1 82  ? -0.343  -17.479 -3.492  1.00 50.91 ? 400 ARG A NH2 1 
ATOM   639  N N   . CYS A 1 83  ? -2.545  -10.441 -6.666  1.00 25.07 ? 401 CYS A N   1 
ATOM   640  C CA  . CYS A 1 83  ? -3.552  -9.769  -7.465  1.00 27.24 ? 401 CYS A CA  1 
ATOM   641  C C   . CYS A 1 83  ? -4.695  -10.717 -7.818  1.00 33.65 ? 401 CYS A C   1 
ATOM   642  O O   . CYS A 1 83  ? -4.545  -11.570 -8.695  1.00 39.02 ? 401 CYS A O   1 
ATOM   643  C CB  . CYS A 1 83  ? -2.908  -9.208  -8.724  1.00 21.88 ? 401 CYS A CB  1 
ATOM   644  S SG  . CYS A 1 83  ? -4.025  -8.224  -9.715  1.00 32.72 ? 401 CYS A SG  1 
ATOM   645  N N   . LEU A 1 84  ? -5.826  -10.576 -7.122  1.00 34.72 ? 402 LEU A N   1 
ATOM   646  C CA  . LEU A 1 84  ? -6.993  -11.435 -7.340  1.00 31.90 ? 402 LEU A CA  1 
ATOM   647  C C   . LEU A 1 84  ? -7.941  -10.951 -8.440  1.00 32.87 ? 402 LEU A C   1 
ATOM   648  O O   . LEU A 1 84  ? -8.650  -11.752 -9.050  1.00 38.06 ? 402 LEU A O   1 
ATOM   649  C CB  . LEU A 1 84  ? -7.783  -11.622 -6.037  1.00 31.52 ? 402 LEU A CB  1 
ATOM   650  C CG  . LEU A 1 84  ? -7.085  -12.224 -4.816  1.00 33.48 ? 402 LEU A CG  1 
ATOM   651  C CD1 . LEU A 1 84  ? -8.044  -12.255 -3.643  1.00 35.35 ? 402 LEU A CD1 1 
ATOM   652  C CD2 . LEU A 1 84  ? -6.605  -13.620 -5.124  1.00 36.95 ? 402 LEU A CD2 1 
ATOM   653  N N   . SER A 1 85  ? -7.992  -9.651  -8.681  1.00 32.94 ? 403 SER A N   1 
ATOM   654  C CA  . SER A 1 85  ? -8.882  -9.144  -9.711  1.00 39.18 ? 403 SER A CA  1 
ATOM   655  C C   . SER A 1 85  ? -8.347  -9.528  -11.089 1.00 44.07 ? 403 SER A C   1 
ATOM   656  O O   . SER A 1 85  ? -7.231  -10.038 -11.217 1.00 45.77 ? 403 SER A O   1 
ATOM   657  C CB  . SER A 1 85  ? -9.001  -7.623  -9.619  1.00 36.39 ? 403 SER A CB  1 
ATOM   658  O OG  . SER A 1 85  ? -7.772  -7.014  -9.937  1.00 37.04 ? 403 SER A OG  1 
ATOM   659  N N   . ASP A 1 86  ? -9.156  -9.319  -12.120 1.00 46.30 ? 404 ASP A N   1 
ATOM   660  C CA  . ASP A 1 86  ? -8.704  -9.634  -13.456 1.00 47.21 ? 404 ASP A CA  1 
ATOM   661  C C   . ASP A 1 86  ? -8.231  -8.364  -14.134 1.00 45.92 ? 404 ASP A C   1 
ATOM   662  O O   . ASP A 1 86  ? -8.204  -8.250  -15.359 1.00 45.04 ? 404 ASP A O   1 
ATOM   663  C CB  . ASP A 1 86  ? -9.765  -10.383 -14.263 1.00 52.12 ? 404 ASP A CB  1 
ATOM   664  C CG  . ASP A 1 86  ? -11.121 -9.766  -14.154 1.00 56.21 ? 404 ASP A CG  1 
ATOM   665  O OD1 . ASP A 1 86  ? -11.301 -8.644  -14.675 1.00 62.26 ? 404 ASP A OD1 1 
ATOM   666  O OD2 . ASP A 1 86  ? -12.006 -10.417 -13.557 1.00 57.21 ? 404 ASP A OD2 1 
ATOM   667  N N   . HIS A 1 87  ? -7.852  -7.403  -13.306 1.00 46.36 ? 405 HIS A N   1 
ATOM   668  C CA  . HIS A 1 87  ? -7.322  -6.147  -13.794 1.00 50.75 ? 405 HIS A CA  1 
ATOM   669  C C   . HIS A 1 87  ? -5.983  -5.977  -13.083 1.00 48.52 ? 405 HIS A C   1 
ATOM   670  O O   . HIS A 1 87  ? -5.817  -6.450  -11.958 1.00 47.76 ? 405 HIS A O   1 
ATOM   671  C CB  . HIS A 1 87  ? -8.301  -5.004  -13.511 1.00 53.87 ? 405 HIS A CB  1 
ATOM   672  C CG  . HIS A 1 87  ? -9.583  -5.126  -14.278 1.00 62.47 ? 405 HIS A CG  1 
ATOM   673  N ND1 . HIS A 1 87  ? -9.713  -4.703  -15.585 1.00 65.61 ? 405 HIS A ND1 1 
ATOM   674  C CD2 . HIS A 1 87  ? -10.767 -5.698  -13.953 1.00 63.88 ? 405 HIS A CD2 1 
ATOM   675  C CE1 . HIS A 1 87  ? -10.918 -5.012  -16.033 1.00 61.19 ? 405 HIS A CE1 1 
ATOM   676  N NE2 . HIS A 1 87  ? -11.576 -5.616  -15.061 1.00 63.85 ? 405 HIS A NE2 1 
ATOM   677  N N   . ALA A 1 88  ? -4.991  -5.441  -13.787 1.00 44.69 ? 406 ALA A N   1 
ATOM   678  C CA  . ALA A 1 88  ? -3.682  -5.243  -13.182 1.00 41.92 ? 406 ALA A CA  1 
ATOM   679  C C   . ALA A 1 88  ? -3.751  -4.167  -12.109 1.00 41.87 ? 406 ALA A C   1 
ATOM   680  O O   . ALA A 1 88  ? -4.581  -3.261  -12.162 1.00 41.63 ? 406 ALA A O   1 
ATOM   681  C CB  . ALA A 1 88  ? -2.656  -4.871  -14.226 1.00 44.09 ? 406 ALA A CB  1 
ATOM   682  N N   . VAL A 1 89  ? -2.851  -4.283  -11.148 1.00 37.33 ? 407 VAL A N   1 
ATOM   683  C CA  . VAL A 1 89  ? -2.758  -3.371  -10.032 1.00 34.41 ? 407 VAL A CA  1 
ATOM   684  C C   . VAL A 1 89  ? -1.453  -2.579  -10.179 1.00 36.22 ? 407 VAL A C   1 
ATOM   685  O O   . VAL A 1 89  ? -0.545  -3.007  -10.884 1.00 37.22 ? 407 VAL A O   1 
ATOM   686  C CB  . VAL A 1 89  ? -2.814  -4.200  -8.733  1.00 30.70 ? 407 VAL A CB  1 
ATOM   687  C CG1 . VAL A 1 89  ? -1.868  -3.670  -7.695  1.00 34.39 ? 407 VAL A CG1 1 
ATOM   688  C CG2 . VAL A 1 89  ? -4.248  -4.256  -8.226  1.00 24.10 ? 407 VAL A CG2 1 
ATOM   689  N N   . PHE A 1 90  ? -1.369  -1.412  -9.547  1.00 35.36 ? 408 PHE A N   1 
ATOM   690  C CA  . PHE A 1 90  ? -0.173  -0.579  -9.632  1.00 31.81 ? 408 PHE A CA  1 
ATOM   691  C C   . PHE A 1 90  ? 0.384   -0.217  -8.245  1.00 32.10 ? 408 PHE A C   1 
ATOM   692  O O   . PHE A 1 90  ? -0.189  0.600   -7.524  1.00 33.08 ? 408 PHE A O   1 
ATOM   693  C CB  . PHE A 1 90  ? -0.476  0.667   -10.465 1.00 31.06 ? 408 PHE A CB  1 
ATOM   694  C CG  . PHE A 1 90  ? -0.858  0.357   -11.885 1.00 34.00 ? 408 PHE A CG  1 
ATOM   695  C CD1 . PHE A 1 90  ? -2.159  -0.040  -12.199 1.00 33.69 ? 408 PHE A CD1 1 
ATOM   696  C CD2 . PHE A 1 90  ? 0.085   0.457   -12.912 1.00 31.99 ? 408 PHE A CD2 1 
ATOM   697  C CE1 . PHE A 1 90  ? -2.519  -0.333  -13.517 1.00 32.89 ? 408 PHE A CE1 1 
ATOM   698  C CE2 . PHE A 1 90  ? -0.260  0.171   -14.225 1.00 25.84 ? 408 PHE A CE2 1 
ATOM   699  C CZ  . PHE A 1 90  ? -1.568  -0.226  -14.530 1.00 31.98 ? 408 PHE A CZ  1 
ATOM   700  N N   . VAL A 1 91  ? 1.528   -0.802  -7.908  1.00 27.36 ? 409 VAL A N   1 
ATOM   701  C CA  . VAL A 1 91  ? 2.159   -0.607  -6.615  1.00 28.36 ? 409 VAL A CA  1 
ATOM   702  C C   . VAL A 1 91  ? 3.424   0.266   -6.513  1.00 34.50 ? 409 VAL A C   1 
ATOM   703  O O   . VAL A 1 91  ? 4.332   0.187   -7.348  1.00 35.99 ? 409 VAL A O   1 
ATOM   704  C CB  . VAL A 1 91  ? 2.464   -1.974  -5.996  1.00 27.15 ? 409 VAL A CB  1 
ATOM   705  C CG1 . VAL A 1 91  ? 3.181   -1.815  -4.679  1.00 29.25 ? 409 VAL A CG1 1 
ATOM   706  C CG2 . VAL A 1 91  ? 1.178   -2.748  -5.806  1.00 25.51 ? 409 VAL A CG2 1 
ATOM   707  N N   . GLN A 1 92  ? 3.460   1.108   -5.481  1.00 34.19 ? 410 GLN A N   1 
ATOM   708  C CA  . GLN A 1 92  ? 4.607   1.957   -5.186  1.00 33.67 ? 410 GLN A CA  1 
ATOM   709  C C   . GLN A 1 92  ? 5.259   1.249   -4.003  1.00 36.12 ? 410 GLN A C   1 
ATOM   710  O O   . GLN A 1 92  ? 4.625   1.027   -2.955  1.00 32.60 ? 410 GLN A O   1 
ATOM   711  C CB  . GLN A 1 92  ? 4.173   3.378   -4.823  1.00 38.17 ? 410 GLN A CB  1 
ATOM   712  C CG  . GLN A 1 92  ? 5.265   4.268   -4.220  1.00 44.66 ? 410 GLN A CG  1 
ATOM   713  C CD  . GLN A 1 92  ? 5.209   4.333   -2.681  1.00 55.51 ? 410 GLN A CD  1 
ATOM   714  O OE1 . GLN A 1 92  ? 6.081   3.799   -1.974  1.00 61.25 ? 410 GLN A OE1 1 
ATOM   715  N NE2 . GLN A 1 92  ? 4.187   5.000   -2.163  1.00 51.08 ? 410 GLN A NE2 1 
ATOM   716  N N   . SER A 1 93  ? 6.490   0.805   -4.223  1.00 34.24 ? 411 SER A N   1 
ATOM   717  C CA  . SER A 1 93  ? 7.251   0.080   -3.226  1.00 36.72 ? 411 SER A CA  1 
ATOM   718  C C   . SER A 1 93  ? 8.756   0.303   -3.416  1.00 40.19 ? 411 SER A C   1 
ATOM   719  O O   . SER A 1 93  ? 9.303   0.120   -4.512  1.00 40.00 ? 411 SER A O   1 
ATOM   720  C CB  . SER A 1 93  ? 6.932   -1.415  -3.337  1.00 34.60 ? 411 SER A CB  1 
ATOM   721  O OG  . SER A 1 93  ? 7.829   -2.191  -2.563  1.00 34.39 ? 411 SER A OG  1 
ATOM   722  N N   . TYR A 1 94  ? 9.420   0.689   -2.336  1.00 39.45 ? 412 TYR A N   1 
ATOM   723  C CA  . TYR A 1 94  ? 10.853  0.921   -2.359  1.00 39.19 ? 412 TYR A CA  1 
ATOM   724  C C   . TYR A 1 94  ? 11.610  -0.387  -2.546  1.00 40.81 ? 412 TYR A C   1 
ATOM   725  O O   . TYR A 1 94  ? 12.686  -0.403  -3.149  1.00 41.15 ? 412 TYR A O   1 
ATOM   726  C CB  . TYR A 1 94  ? 11.283  1.602   -1.074  1.00 37.45 ? 412 TYR A CB  1 
ATOM   727  C CG  . TYR A 1 94  ? 10.865  3.039   -1.042  1.00 42.37 ? 412 TYR A CG  1 
ATOM   728  C CD1 . TYR A 1 94  ? 11.684  4.020   -1.589  1.00 45.52 ? 412 TYR A CD1 1 
ATOM   729  C CD2 . TYR A 1 94  ? 9.649   3.427   -0.470  1.00 46.42 ? 412 TYR A CD2 1 
ATOM   730  C CE1 . TYR A 1 94  ? 11.314  5.352   -1.571  1.00 47.33 ? 412 TYR A CE1 1 
ATOM   731  C CE2 . TYR A 1 94  ? 9.266   4.763   -0.449  1.00 45.73 ? 412 TYR A CE2 1 
ATOM   732  C CZ  . TYR A 1 94  ? 10.111  5.719   -1.003  1.00 47.73 ? 412 TYR A CZ  1 
ATOM   733  O OH  . TYR A 1 94  ? 9.767   7.048   -1.011  1.00 52.36 ? 412 TYR A OH  1 
ATOM   734  N N   . TYR A 1 95  ? 11.040  -1.476  -2.038  1.00 41.28 ? 413 TYR A N   1 
ATOM   735  C CA  . TYR A 1 95  ? 11.646  -2.791  -2.170  1.00 39.27 ? 413 TYR A CA  1 
ATOM   736  C C   . TYR A 1 95  ? 11.640  -3.149  -3.647  1.00 40.47 ? 413 TYR A C   1 
ATOM   737  O O   . TYR A 1 95  ? 12.658  -3.580  -4.189  1.00 41.75 ? 413 TYR A O   1 
ATOM   738  C CB  . TYR A 1 95  ? 10.865  -3.842  -1.374  1.00 34.74 ? 413 TYR A CB  1 
ATOM   739  C CG  . TYR A 1 95  ? 11.273  -5.261  -1.687  1.00 30.32 ? 413 TYR A CG  1 
ATOM   740  C CD1 . TYR A 1 95  ? 12.314  -5.875  -0.997  1.00 34.54 ? 413 TYR A CD1 1 
ATOM   741  C CD2 . TYR A 1 95  ? 10.629  -5.986  -2.696  1.00 34.61 ? 413 TYR A CD2 1 
ATOM   742  C CE1 . TYR A 1 95  ? 12.713  -7.178  -1.300  1.00 32.91 ? 413 TYR A CE1 1 
ATOM   743  C CE2 . TYR A 1 95  ? 11.015  -7.280  -3.010  1.00 34.09 ? 413 TYR A CE2 1 
ATOM   744  C CZ  . TYR A 1 95  ? 12.059  -7.869  -2.306  1.00 37.82 ? 413 TYR A CZ  1 
ATOM   745  O OH  . TYR A 1 95  ? 12.446  -9.150  -2.613  1.00 43.39 ? 413 TYR A OH  1 
ATOM   746  N N   . LEU A 1 96  ? 10.496  -2.958  -4.299  1.00 37.17 ? 414 LEU A N   1 
ATOM   747  C CA  . LEU A 1 96  ? 10.383  -3.267  -5.714  1.00 34.28 ? 414 LEU A CA  1 
ATOM   748  C C   . LEU A 1 96  ? 11.244  -2.324  -6.542  1.00 36.35 ? 414 LEU A C   1 
ATOM   749  O O   . LEU A 1 96  ? 11.685  -2.684  -7.630  1.00 35.25 ? 414 LEU A O   1 
ATOM   750  C CB  . LEU A 1 96  ? 8.929   -3.206  -6.179  1.00 39.77 ? 414 LEU A CB  1 
ATOM   751  C CG  . LEU A 1 96  ? 7.915   -4.247  -5.686  1.00 40.66 ? 414 LEU A CG  1 
ATOM   752  C CD1 . LEU A 1 96  ? 6.586   -3.955  -6.350  1.00 38.76 ? 414 LEU A CD1 1 
ATOM   753  C CD2 . LEU A 1 96  ? 8.357   -5.670  -6.008  1.00 35.33 ? 414 LEU A CD2 1 
ATOM   754  N N   . ASP A 1 97  ? 11.442  -1.100  -6.058  1.00 35.15 ? 415 ASP A N   1 
ATOM   755  C CA  . ASP A 1 97  ? 12.287  -0.127  -6.754  1.00 36.50 ? 415 ASP A CA  1 
ATOM   756  C C   . ASP A 1 97  ? 13.708  -0.689  -6.825  1.00 39.44 ? 415 ASP A C   1 
ATOM   757  O O   . ASP A 1 97  ? 14.301  -0.801  -7.905  1.00 40.66 ? 415 ASP A O   1 
ATOM   758  C CB  . ASP A 1 97  ? 12.334  1.200   -5.992  1.00 38.28 ? 415 ASP A CB  1 
ATOM   759  C CG  . ASP A 1 97  ? 11.097  2.046   -6.196  1.00 40.71 ? 415 ASP A CG  1 
ATOM   760  O OD1 . ASP A 1 97  ? 10.447  1.939   -7.258  1.00 38.34 ? 415 ASP A OD1 1 
ATOM   761  O OD2 . ASP A 1 97  ? 10.790  2.837   -5.284  1.00 40.41 ? 415 ASP A OD2 1 
ATOM   762  N N   . ARG A 1 98  ? 14.238  -1.035  -5.657  1.00 39.04 ? 416 ARG A N   1 
ATOM   763  C CA  . ARG A 1 98  ? 15.567  -1.595  -5.545  1.00 39.04 ? 416 ARG A CA  1 
ATOM   764  C C   . ARG A 1 98  ? 15.701  -2.837  -6.414  1.00 42.96 ? 416 ARG A C   1 
ATOM   765  O O   . ARG A 1 98  ? 16.642  -2.931  -7.205  1.00 48.36 ? 416 ARG A O   1 
ATOM   766  C CB  . ARG A 1 98  ? 15.879  -1.906  -4.088  1.00 36.60 ? 416 ARG A CB  1 
ATOM   767  C CG  . ARG A 1 98  ? 17.080  -2.780  -3.893  1.00 44.74 ? 416 ARG A CG  1 
ATOM   768  C CD  . ARG A 1 98  ? 17.732  -2.561  -2.535  1.00 45.86 ? 416 ARG A CD  1 
ATOM   769  N NE  . ARG A 1 98  ? 18.721  -1.491  -2.605  1.00 49.38 ? 416 ARG A NE  1 
ATOM   770  C CZ  . ARG A 1 98  ? 19.971  -1.586  -2.163  1.00 46.61 ? 416 ARG A CZ  1 
ATOM   771  N NH1 . ARG A 1 98  ? 20.414  -2.700  -1.598  1.00 47.86 ? 416 ARG A NH1 1 
ATOM   772  N NH2 . ARG A 1 98  ? 20.800  -0.572  -2.336  1.00 44.54 ? 416 ARG A NH2 1 
ATOM   773  N N   . GLU A 1 99  ? 14.736  -3.753  -6.332  1.00 40.91 ? 417 GLU A N   1 
ATOM   774  C CA  . GLU A 1 99  ? 14.777  -4.987  -7.126  1.00 39.52 ? 417 GLU A CA  1 
ATOM   775  C C   . GLU A 1 99  ? 14.619  -4.762  -8.627  1.00 41.68 ? 417 GLU A C   1 
ATOM   776  O O   . GLU A 1 99  ? 14.659  -5.713  -9.405  1.00 46.92 ? 417 GLU A O   1 
ATOM   777  C CB  . GLU A 1 99  ? 13.716  -5.987  -6.668  1.00 42.04 ? 417 GLU A CB  1 
ATOM   778  C CG  . GLU A 1 99  ? 13.643  -6.220  -5.169  1.00 49.55 ? 417 GLU A CG  1 
ATOM   779  C CD  . GLU A 1 99  ? 15.004  -6.378  -4.502  1.00 55.58 ? 417 GLU A CD  1 
ATOM   780  O OE1 . GLU A 1 99  ? 15.655  -7.431  -4.724  1.00 52.32 ? 417 GLU A OE1 1 
ATOM   781  O OE2 . GLU A 1 99  ? 15.396  -5.457  -3.731  1.00 55.13 ? 417 GLU A OE2 1 
ATOM   782  N N   . ALA A 1 100 ? 14.362  -3.525  -9.030  1.00 40.80 ? 418 ALA A N   1 
ATOM   783  C CA  . ALA A 1 100 ? 14.227  -3.208  -10.444 1.00 40.60 ? 418 ALA A CA  1 
ATOM   784  C C   . ALA A 1 100 ? 15.334  -2.229  -10.829 1.00 41.38 ? 418 ALA A C   1 
ATOM   785  O O   . ALA A 1 100 ? 15.358  -1.700  -11.935 1.00 39.16 ? 418 ALA A O   1 
ATOM   786  C CB  . ALA A 1 100 ? 12.863  -2.618  -10.731 1.00 38.52 ? 418 ALA A CB  1 
ATOM   787  N N   . GLY A 1 101 ? 16.244  -1.983  -9.893  1.00 41.42 ? 419 GLY A N   1 
ATOM   788  C CA  . GLY A 1 101 ? 17.349  -1.082  -10.144 1.00 41.44 ? 419 GLY A CA  1 
ATOM   789  C C   . GLY A 1 101 ? 16.871  0.297   -10.518 1.00 43.84 ? 419 GLY A C   1 
ATOM   790  O O   . GLY A 1 101 ? 17.575  1.048   -11.193 1.00 45.05 ? 419 GLY A O   1 
ATOM   791  N N   . ARG A 1 102 ? 15.650  0.615   -10.110 1.00 45.64 ? 420 ARG A N   1 
ATOM   792  C CA  . ARG A 1 102 ? 15.080  1.920   -10.385 1.00 42.21 ? 420 ARG A CA  1 
ATOM   793  C C   . ARG A 1 102 ? 15.436  2.851   -9.226  1.00 40.33 ? 420 ARG A C   1 
ATOM   794  O O   . ARG A 1 102 ? 15.650  2.404   -8.089  1.00 34.78 ? 420 ARG A O   1 
ATOM   795  C CB  . ARG A 1 102 ? 13.561  1.812   -10.528 1.00 45.70 ? 420 ARG A CB  1 
ATOM   796  C CG  . ARG A 1 102 ? 13.074  0.866   -11.612 1.00 51.08 ? 420 ARG A CG  1 
ATOM   797  C CD  . ARG A 1 102 ? 13.401  1.354   -13.014 1.00 58.29 ? 420 ARG A CD  1 
ATOM   798  N NE  . ARG A 1 102 ? 14.764  1.013   -13.422 1.00 72.65 ? 420 ARG A NE  1 
ATOM   799  C CZ  . ARG A 1 102 ? 15.081  0.022   -14.258 1.00 75.34 ? 420 ARG A CZ  1 
ATOM   800  N NH1 . ARG A 1 102 ? 14.133  -0.746  -14.790 1.00 73.70 ? 420 ARG A NH1 1 
ATOM   801  N NH2 . ARG A 1 102 ? 16.358  -0.204  -14.562 1.00 76.61 ? 420 ARG A NH2 1 
ATOM   802  N N   . ALA A 1 103 ? 15.543  4.141   -9.522  1.00 41.76 ? 421 ALA A N   1 
ATOM   803  C CA  . ALA A 1 103 ? 15.857  5.130   -8.499  1.00 44.90 ? 421 ALA A CA  1 
ATOM   804  C C   . ALA A 1 103 ? 14.751  5.062   -7.457  1.00 45.12 ? 421 ALA A C   1 
ATOM   805  O O   . ALA A 1 103 ? 13.577  4.944   -7.805  1.00 42.21 ? 421 ALA A O   1 
ATOM   806  C CB  . ALA A 1 103 ? 15.915  6.511   -9.109  1.00 47.64 ? 421 ALA A CB  1 
ATOM   807  N N   . PRO A 1 104 ? 15.109  5.167   -6.170  1.00 47.40 ? 422 PRO A N   1 
ATOM   808  C CA  . PRO A 1 104 ? 14.145  5.109   -5.065  1.00 51.55 ? 422 PRO A CA  1 
ATOM   809  C C   . PRO A 1 104 ? 12.928  5.989   -5.331  1.00 55.81 ? 422 PRO A C   1 
ATOM   810  O O   . PRO A 1 104 ? 13.068  7.169   -5.658  1.00 57.81 ? 422 PRO A O   1 
ATOM   811  C CB  . PRO A 1 104 ? 14.961  5.622   -3.879  1.00 51.20 ? 422 PRO A CB  1 
ATOM   812  C CG  . PRO A 1 104 ? 16.350  5.179   -4.210  1.00 48.84 ? 422 PRO A CG  1 
ATOM   813  C CD  . PRO A 1 104 ? 16.450  5.524   -5.678  1.00 47.20 ? 422 PRO A CD  1 
ATOM   814  N N   . GLY A 1 105 ? 11.743  5.389   -5.250  1.00 58.28 ? 423 GLY A N   1 
ATOM   815  C CA  . GLY A 1 105 ? 10.504  6.115   -5.487  1.00 61.35 ? 423 GLY A CA  1 
ATOM   816  C C   . GLY A 1 105 ? 10.150  6.458   -6.930  1.00 62.50 ? 423 GLY A C   1 
ATOM   817  O O   . GLY A 1 105 ? 8.982   6.676   -7.242  1.00 67.25 ? 423 GLY A O   1 
ATOM   818  N N   . ASP A 1 106 ? 11.141  6.481   -7.816  1.00 62.80 ? 424 ASP A N   1 
ATOM   819  C CA  . ASP A 1 106 ? 10.944  6.820   -9.224  1.00 61.46 ? 424 ASP A CA  1 
ATOM   820  C C   . ASP A 1 106 ? 10.377  5.671   -10.079 1.00 62.36 ? 424 ASP A C   1 
ATOM   821  O O   . ASP A 1 106 ? 10.773  5.494   -11.234 1.00 65.73 ? 424 ASP A O   1 
ATOM   822  C CB  . ASP A 1 106 ? 12.286  7.311   -9.791  1.00 64.89 ? 424 ASP A CB  1 
ATOM   823  C CG  . ASP A 1 106 ? 12.209  7.716   -11.253 1.00 68.19 ? 424 ASP A CG  1 
ATOM   824  O OD1 . ASP A 1 106 ? 11.228  8.384   -11.643 1.00 72.79 ? 424 ASP A OD1 1 
ATOM   825  O OD2 . ASP A 1 106 ? 13.132  7.349   -12.016 1.00 70.15 ? 424 ASP A OD2 1 
ATOM   826  N N   . ALA A 1 107 ? 9.434   4.902   -9.536  1.00 58.53 ? 425 ALA A N   1 
ATOM   827  C CA  . ALA A 1 107 ? 8.852   3.789   -10.291 1.00 52.76 ? 425 ALA A CA  1 
ATOM   828  C C   . ALA A 1 107 ? 7.480   3.341   -9.785  1.00 50.99 ? 425 ALA A C   1 
ATOM   829  O O   . ALA A 1 107 ? 7.185   3.437   -8.591  1.00 52.12 ? 425 ALA A O   1 
ATOM   830  C CB  . ALA A 1 107 ? 9.810   2.601   -10.298 1.00 46.34 ? 425 ALA A CB  1 
ATOM   831  N N   . VAL A 1 108 ? 6.632   2.897   -10.712 1.00 45.41 ? 426 VAL A N   1 
ATOM   832  C CA  . VAL A 1 108 ? 5.303   2.384   -10.384 1.00 42.14 ? 426 VAL A CA  1 
ATOM   833  C C   . VAL A 1 108 ? 5.357   0.977   -10.945 1.00 40.17 ? 426 VAL A C   1 
ATOM   834  O O   . VAL A 1 108 ? 5.674   0.779   -12.111 1.00 42.70 ? 426 VAL A O   1 
ATOM   835  C CB  . VAL A 1 108 ? 4.166   3.146   -11.086 1.00 42.12 ? 426 VAL A CB  1 
ATOM   836  C CG1 . VAL A 1 108 ? 2.827   2.582   -10.637 1.00 39.94 ? 426 VAL A CG1 1 
ATOM   837  C CG2 . VAL A 1 108 ? 4.244   4.641   -10.786 1.00 41.51 ? 426 VAL A CG2 1 
ATOM   838  N N   . HIS A 1 109 ? 5.046   -0.001  -10.118 1.00 38.42 ? 427 HIS A N   1 
ATOM   839  C CA  . HIS A 1 109 ? 5.129   -1.385  -10.533 1.00 33.90 ? 427 HIS A CA  1 
ATOM   840  C C   . HIS A 1 109 ? 3.792   -2.047  -10.820 1.00 34.58 ? 427 HIS A C   1 
ATOM   841  O O   . HIS A 1 109 ? 2.951   -2.197  -9.936  1.00 33.60 ? 427 HIS A O   1 
ATOM   842  C CB  . HIS A 1 109 ? 5.922   -2.158  -9.477  1.00 36.58 ? 427 HIS A CB  1 
ATOM   843  C CG  . HIS A 1 109 ? 7.269   -1.563  -9.202  1.00 38.65 ? 427 HIS A CG  1 
ATOM   844  N ND1 . HIS A 1 109 ? 7.451   -0.474  -8.374  1.00 38.33 ? 427 HIS A ND1 1 
ATOM   845  C CD2 . HIS A 1 109 ? 8.492   -1.856  -9.704  1.00 35.31 ? 427 HIS A CD2 1 
ATOM   846  C CE1 . HIS A 1 109 ? 8.722   -0.120  -8.382  1.00 34.81 ? 427 HIS A CE1 1 
ATOM   847  N NE2 . HIS A 1 109 ? 9.374   -0.944  -9.182  1.00 37.78 ? 427 HIS A NE2 1 
ATOM   848  N N   . LYS A 1 110 ? 3.622   -2.470  -12.067 1.00 34.27 ? 428 LYS A N   1 
ATOM   849  C CA  . LYS A 1 110 ? 2.403   -3.125  -12.512 1.00 29.39 ? 428 LYS A CA  1 
ATOM   850  C C   . LYS A 1 110 ? 2.427   -4.595  -12.132 1.00 31.33 ? 428 LYS A C   1 
ATOM   851  O O   . LYS A 1 110 ? 3.352   -5.317  -12.497 1.00 35.89 ? 428 LYS A O   1 
ATOM   852  C CB  . LYS A 1 110 ? 2.280   -2.976  -14.023 1.00 27.28 ? 428 LYS A CB  1 
ATOM   853  C CG  . LYS A 1 110 ? 1.104   -3.683  -14.653 1.00 30.63 ? 428 LYS A CG  1 
ATOM   854  C CD  . LYS A 1 110 ? 1.000   -3.268  -16.120 1.00 32.93 ? 428 LYS A CD  1 
ATOM   855  C CE  . LYS A 1 110 ? -0.334  -3.657  -16.725 1.00 34.95 ? 428 LYS A CE  1 
ATOM   856  N NZ  . LYS A 1 110 ? -0.605  -2.955  -18.018 1.00 40.07 ? 428 LYS A NZ  1 
ATOM   857  N N   . ILE A 1 111 ? 1.442   -5.017  -11.348 1.00 29.07 ? 429 ILE A N   1 
ATOM   858  C CA  . ILE A 1 111 ? 1.314   -6.410  -10.923 1.00 28.89 ? 429 ILE A CA  1 
ATOM   859  C C   . ILE A 1 111 ? 0.111   -6.973  -11.672 1.00 31.58 ? 429 ILE A C   1 
ATOM   860  O O   . ILE A 1 111 ? -1.016  -6.511  -11.510 1.00 33.64 ? 429 ILE A O   1 
ATOM   861  C CB  . ILE A 1 111 ? 1.106   -6.531  -9.393  1.00 33.53 ? 429 ILE A CB  1 
ATOM   862  C CG1 . ILE A 1 111 ? 2.333   -5.992  -8.648  1.00 34.79 ? 429 ILE A CG1 1 
ATOM   863  C CG2 . ILE A 1 111 ? 0.830   -7.984  -8.985  1.00 29.48 ? 429 ILE A CG2 1 
ATOM   864  C CD1 . ILE A 1 111 ? 2.236   -6.149  -7.134  1.00 40.08 ? 429 ILE A CD1 1 
ATOM   865  N N   . TYR A 1 112 ? 0.365   -7.967  -12.509 1.00 30.17 ? 430 TYR A N   1 
ATOM   866  C CA  . TYR A 1 112 ? -0.664  -8.580  -13.329 1.00 26.21 ? 430 TYR A CA  1 
ATOM   867  C C   . TYR A 1 112 ? -1.588  -9.549  -12.593 1.00 27.20 ? 430 TYR A C   1 
ATOM   868  O O   . TYR A 1 112 ? -1.262  -10.033 -11.502 1.00 28.78 ? 430 TYR A O   1 
ATOM   869  C CB  . TYR A 1 112 ? 0.007   -9.272  -14.522 1.00 19.69 ? 430 TYR A CB  1 
ATOM   870  C CG  . TYR A 1 112 ? 0.683   -8.297  -15.444 1.00 19.55 ? 430 TYR A CG  1 
ATOM   871  C CD1 . TYR A 1 112 ? -0.045  -7.629  -16.428 1.00 21.42 ? 430 TYR A CD1 1 
ATOM   872  C CD2 . TYR A 1 112 ? 2.049   -8.028  -15.342 1.00 24.39 ? 430 TYR A CD2 1 
ATOM   873  C CE1 . TYR A 1 112 ? 0.559   -6.720  -17.293 1.00 20.14 ? 430 TYR A CE1 1 
ATOM   874  C CE2 . TYR A 1 112 ? 2.674   -7.101  -16.213 1.00 28.07 ? 430 TYR A CE2 1 
ATOM   875  C CZ  . TYR A 1 112 ? 1.911   -6.458  -17.186 1.00 26.45 ? 430 TYR A CZ  1 
ATOM   876  O OH  . TYR A 1 112 ? 2.480   -5.562  -18.071 1.00 33.55 ? 430 TYR A OH  1 
ATOM   877  N N   . PRO A 1 113 ? -2.773  -9.824  -13.171 1.00 28.17 ? 431 PRO A N   1 
ATOM   878  C CA  . PRO A 1 113 ? -3.743  -10.743 -12.573 1.00 28.48 ? 431 PRO A CA  1 
ATOM   879  C C   . PRO A 1 113 ? -3.118  -12.073 -12.171 1.00 29.73 ? 431 PRO A C   1 
ATOM   880  O O   . PRO A 1 113 ? -2.269  -12.619 -12.878 1.00 31.74 ? 431 PRO A O   1 
ATOM   881  C CB  . PRO A 1 113 ? -4.768  -10.915 -13.685 1.00 26.60 ? 431 PRO A CB  1 
ATOM   882  C CG  . PRO A 1 113 ? -4.813  -9.554  -14.266 1.00 30.75 ? 431 PRO A CG  1 
ATOM   883  C CD  . PRO A 1 113 ? -3.358  -9.142  -14.340 1.00 29.34 ? 431 PRO A CD  1 
ATOM   884  N N   . SER A 1 114 ? -3.533  -12.569 -11.012 1.00 32.61 ? 432 SER A N   1 
ATOM   885  C CA  . SER A 1 114 ? -3.043  -13.822 -10.455 1.00 33.67 ? 432 SER A CA  1 
ATOM   886  C C   . SER A 1 114 ? -1.620  -13.764 -9.924  1.00 34.42 ? 432 SER A C   1 
ATOM   887  O O   . SER A 1 114 ? -1.165  -14.720 -9.294  1.00 35.81 ? 432 SER A O   1 
ATOM   888  C CB  . SER A 1 114 ? -3.162  -14.956 -11.474 1.00 37.44 ? 432 SER A CB  1 
ATOM   889  O OG  . SER A 1 114 ? -4.515  -15.157 -11.851 1.00 42.28 ? 432 SER A OG  1 
ATOM   890  N N   . ALA A 1 115 ? -0.928  -12.647 -10.147 1.00 36.86 ? 433 ALA A N   1 
ATOM   891  C CA  . ALA A 1 115 ? 0.457   -12.501 -9.686  1.00 32.17 ? 433 ALA A CA  1 
ATOM   892  C C   . ALA A 1 115 ? 0.538   -12.518 -8.184  1.00 32.04 ? 433 ALA A C   1 
ATOM   893  O O   . ALA A 1 115 ? -0.303  -11.943 -7.508  1.00 35.86 ? 433 ALA A O   1 
ATOM   894  C CB  . ALA A 1 115 ? 1.080   -11.209 -10.219 1.00 32.02 ? 433 ALA A CB  1 
ATOM   895  N N   . TYR A 1 116 ? 1.538   -13.209 -7.664  1.00 31.51 ? 434 TYR A N   1 
ATOM   896  C CA  . TYR A 1 116 ? 1.755   -13.281 -6.228  1.00 34.35 ? 434 TYR A CA  1 
ATOM   897  C C   . TYR A 1 116 ? 3.218   -12.839 -6.037  1.00 36.42 ? 434 TYR A C   1 
ATOM   898  O O   . TYR A 1 116 ? 4.152   -13.633 -6.190  1.00 38.93 ? 434 TYR A O   1 
ATOM   899  C CB  . TYR A 1 116 ? 1.497   -14.696 -5.744  1.00 24.47 ? 434 TYR A CB  1 
ATOM   900  C CG  . TYR A 1 116 ? 1.756   -14.895 -4.281  1.00 31.07 ? 434 TYR A CG  1 
ATOM   901  C CD1 . TYR A 1 116 ? 1.075   -14.144 -3.314  1.00 30.99 ? 434 TYR A CD1 1 
ATOM   902  C CD2 . TYR A 1 116 ? 2.640   -15.877 -3.849  1.00 29.83 ? 434 TYR A CD2 1 
ATOM   903  C CE1 . TYR A 1 116 ? 1.264   -14.388 -1.954  1.00 26.23 ? 434 TYR A CE1 1 
ATOM   904  C CE2 . TYR A 1 116 ? 2.834   -16.127 -2.496  1.00 33.22 ? 434 TYR A CE2 1 
ATOM   905  C CZ  . TYR A 1 116 ? 2.142   -15.386 -1.554  1.00 27.52 ? 434 TYR A CZ  1 
ATOM   906  O OH  . TYR A 1 116 ? 2.305   -15.692 -0.224  1.00 26.44 ? 434 TYR A OH  1 
ATOM   907  N N   . ILE A 1 117 ? 3.390   -11.560 -5.711  1.00 35.82 ? 435 ILE A N   1 
ATOM   908  C CA  . ILE A 1 117 ? 4.698   -10.918 -5.576  1.00 38.05 ? 435 ILE A CA  1 
ATOM   909  C C   . ILE A 1 117 ? 5.020   -10.385 -4.177  1.00 38.47 ? 435 ILE A C   1 
ATOM   910  O O   . ILE A 1 117 ? 4.134   -9.931  -3.468  1.00 41.46 ? 435 ILE A O   1 
ATOM   911  C CB  . ILE A 1 117 ? 4.744   -9.704  -6.546  1.00 37.68 ? 435 ILE A CB  1 
ATOM   912  C CG1 . ILE A 1 117 ? 4.537   -10.166 -7.987  1.00 47.43 ? 435 ILE A CG1 1 
ATOM   913  C CG2 . ILE A 1 117 ? 6.031   -8.947  -6.425  1.00 42.54 ? 435 ILE A CG2 1 
ATOM   914  C CD1 . ILE A 1 117 ? 4.502   -9.027  -8.978  1.00 52.10 ? 435 ILE A CD1 1 
ATOM   915  N N   . LYS A 1 118 ? 6.296   -10.421 -3.797  1.00 35.94 ? 436 LYS A N   1 
ATOM   916  C CA  . LYS A 1 118 ? 6.748   -9.884  -2.509  1.00 33.60 ? 436 LYS A CA  1 
ATOM   917  C C   . LYS A 1 118 ? 6.972   -8.380  -2.720  1.00 31.55 ? 436 LYS A C   1 
ATOM   918  O O   . LYS A 1 118 ? 7.684   -7.990  -3.648  1.00 29.39 ? 436 LYS A O   1 
ATOM   919  C CB  . LYS A 1 118 ? 8.057   -10.550 -2.103  1.00 33.26 ? 436 LYS A CB  1 
ATOM   920  C CG  . LYS A 1 118 ? 8.739   -9.914  -0.920  1.00 35.64 ? 436 LYS A CG  1 
ATOM   921  C CD  . LYS A 1 118 ? 10.081  -10.569 -0.702  1.00 36.99 ? 436 LYS A CD  1 
ATOM   922  C CE  . LYS A 1 118 ? 10.792  -10.015 0.500   1.00 34.34 ? 436 LYS A CE  1 
ATOM   923  N NZ  . LYS A 1 118 ? 12.028  -10.799 0.722   1.00 41.54 ? 436 LYS A NZ  1 
ATOM   924  N N   . VAL A 1 119 ? 6.373   -7.530  -1.888  1.00 27.54 ? 437 VAL A N   1 
ATOM   925  C CA  . VAL A 1 119 ? 6.530   -6.085  -2.081  1.00 25.61 ? 437 VAL A CA  1 
ATOM   926  C C   . VAL A 1 119 ? 7.253   -5.316  -0.986  1.00 24.78 ? 437 VAL A C   1 
ATOM   927  O O   . VAL A 1 119 ? 7.505   -4.111  -1.123  1.00 21.57 ? 437 VAL A O   1 
ATOM   928  C CB  . VAL A 1 119 ? 5.177   -5.393  -2.360  1.00 26.63 ? 437 VAL A CB  1 
ATOM   929  C CG1 . VAL A 1 119 ? 4.583   -5.929  -3.662  1.00 28.06 ? 437 VAL A CG1 1 
ATOM   930  C CG2 . VAL A 1 119 ? 4.219   -5.613  -1.184  1.00 19.19 ? 437 VAL A CG2 1 
ATOM   931  N N   . PHE A 1 120 ? 7.615   -6.003  0.087   1.00 24.35 ? 438 PHE A N   1 
ATOM   932  C CA  . PHE A 1 120 ? 8.306   -5.345  1.179   1.00 24.34 ? 438 PHE A CA  1 
ATOM   933  C C   . PHE A 1 120 ? 9.152   -6.368  1.923   1.00 27.92 ? 438 PHE A C   1 
ATOM   934  O O   . PHE A 1 120 ? 8.744   -7.522  2.072   1.00 28.54 ? 438 PHE A O   1 
ATOM   935  C CB  . PHE A 1 120 ? 7.279   -4.695  2.129   1.00 22.26 ? 438 PHE A CB  1 
ATOM   936  C CG  . PHE A 1 120 ? 7.889   -4.056  3.345   1.00 18.99 ? 438 PHE A CG  1 
ATOM   937  C CD1 . PHE A 1 120 ? 8.353   -2.746  3.298   1.00 18.75 ? 438 PHE A CD1 1 
ATOM   938  C CD2 . PHE A 1 120 ? 8.034   -4.779  4.526   1.00 20.11 ? 438 PHE A CD2 1 
ATOM   939  C CE1 . PHE A 1 120 ? 8.958   -2.156  4.402   1.00 17.69 ? 438 PHE A CE1 1 
ATOM   940  C CE2 . PHE A 1 120 ? 8.630   -4.208  5.634   1.00 19.91 ? 438 PHE A CE2 1 
ATOM   941  C CZ  . PHE A 1 120 ? 9.099   -2.883  5.574   1.00 18.21 ? 438 PHE A CZ  1 
ATOM   942  N N   . ASP A 1 121 ? 10.341  -5.943  2.354   1.00 30.47 ? 439 ASP A N   1 
ATOM   943  C CA  . ASP A 1 121 ? 11.256  -6.790  3.118   1.00 26.89 ? 439 ASP A CA  1 
ATOM   944  C C   . ASP A 1 121 ? 11.645  -6.015  4.384   1.00 25.87 ? 439 ASP A C   1 
ATOM   945  O O   . ASP A 1 121 ? 12.273  -4.952  4.305   1.00 24.59 ? 439 ASP A O   1 
ATOM   946  C CB  . ASP A 1 121 ? 12.496  -7.119  2.281   1.00 30.85 ? 439 ASP A CB  1 
ATOM   947  C CG  . ASP A 1 121 ? 13.492  -7.972  3.037   1.00 33.37 ? 439 ASP A CG  1 
ATOM   948  O OD1 . ASP A 1 121 ? 13.356  -9.213  3.013   1.00 38.24 ? 439 ASP A OD1 1 
ATOM   949  O OD2 . ASP A 1 121 ? 14.393  -7.403  3.680   1.00 32.96 ? 439 ASP A OD2 1 
ATOM   950  N N   . LEU A 1 122 ? 11.284  -6.556  5.543   1.00 25.55 ? 440 LEU A N   1 
ATOM   951  C CA  . LEU A 1 122 ? 11.551  -5.894  6.821   1.00 32.26 ? 440 LEU A CA  1 
ATOM   952  C C   . LEU A 1 122 ? 13.005  -5.529  7.077   1.00 33.78 ? 440 LEU A C   1 
ATOM   953  O O   . LEU A 1 122 ? 13.316  -4.363  7.333   1.00 33.94 ? 440 LEU A O   1 
ATOM   954  C CB  . LEU A 1 122 ? 11.043  -6.741  7.995   1.00 28.52 ? 440 LEU A CB  1 
ATOM   955  C CG  . LEU A 1 122 ? 10.283  -6.054  9.137   1.00 30.73 ? 440 LEU A CG  1 
ATOM   956  C CD1 . LEU A 1 122 ? 10.252  -6.959  10.336  1.00 24.06 ? 440 LEU A CD1 1 
ATOM   957  C CD2 . LEU A 1 122 ? 10.891  -4.737  9.505   1.00 27.75 ? 440 LEU A CD2 1 
ATOM   958  N N   . ARG A 1 123 ? 13.883  -6.529  7.029   1.00 35.96 ? 441 ARG A N   1 
ATOM   959  C CA  . ARG A 1 123 ? 15.308  -6.338  7.281   1.00 35.90 ? 441 ARG A CA  1 
ATOM   960  C C   . ARG A 1 123 ? 15.964  -5.346  6.327   1.00 34.60 ? 441 ARG A C   1 
ATOM   961  O O   . ARG A 1 123 ? 16.700  -4.450  6.763   1.00 33.04 ? 441 ARG A O   1 
ATOM   962  C CB  . ARG A 1 123 ? 16.031  -7.685  7.280   1.00 42.36 ? 441 ARG A CB  1 
ATOM   963  C CG  . ARG A 1 123 ? 15.526  -8.637  8.375   1.00 53.35 ? 441 ARG A CG  1 
ATOM   964  C CD  . ARG A 1 123 ? 16.377  -9.902  8.504   1.00 63.86 ? 441 ARG A CD  1 
ATOM   965  N NE  . ARG A 1 123 ? 17.767  -9.601  8.862   1.00 74.72 ? 441 ARG A NE  1 
ATOM   966  C CZ  . ARG A 1 123 ? 18.612  -10.458 9.436   1.00 77.26 ? 441 ARG A CZ  1 
ATOM   967  N NH1 . ARG A 1 123 ? 18.230  -11.696 9.736   1.00 78.88 ? 441 ARG A NH1 1 
ATOM   968  N NH2 . ARG A 1 123 ? 19.853  -10.078 9.703   1.00 79.77 ? 441 ARG A NH2 1 
ATOM   969  N N   . GLN A 1 124 ? 15.629  -5.441  5.043   1.00 30.81 ? 442 GLN A N   1 
ATOM   970  C CA  . GLN A 1 124 ? 16.191  -4.524  4.061   1.00 34.39 ? 442 GLN A CA  1 
ATOM   971  C C   . GLN A 1 124 ? 15.808  -3.129  4.521   1.00 34.37 ? 442 GLN A C   1 
ATOM   972  O O   . GLN A 1 124 ? 16.666  -2.245  4.611   1.00 32.13 ? 442 GLN A O   1 
ATOM   973  C CB  . GLN A 1 124 ? 15.620  -4.773  2.661   1.00 38.83 ? 442 GLN A CB  1 
ATOM   974  C CG  . GLN A 1 124 ? 15.972  -3.670  1.648   1.00 45.53 ? 442 GLN A CG  1 
ATOM   975  C CD  . GLN A 1 124 ? 15.237  -3.803  0.309   1.00 54.19 ? 442 GLN A CD  1 
ATOM   976  O OE1 . GLN A 1 124 ? 14.321  -3.026  0.013   1.00 59.99 ? 442 GLN A OE1 1 
ATOM   977  N NE2 . GLN A 1 124 ? 15.654  -4.769  -0.515  1.00 50.25 ? 442 GLN A NE2 1 
ATOM   978  N N   . CYS A 1 125 ? 14.522  -2.984  4.870   1.00 35.03 ? 443 CYS A N   1 
ATOM   979  C CA  . CYS A 1 125 ? 13.922  -1.731  5.346   1.00 31.45 ? 443 CYS A CA  1 
ATOM   980  C C   . CYS A 1 125 ? 14.689  -1.185  6.552   1.00 26.81 ? 443 CYS A C   1 
ATOM   981  O O   . CYS A 1 125 ? 15.090  -0.020  6.581   1.00 28.98 ? 443 CYS A O   1 
ATOM   982  C CB  . CYS A 1 125 ? 12.452  -1.981  5.727   1.00 32.36 ? 443 CYS A CB  1 
ATOM   983  S SG  . CYS A 1 125 ? 11.540  -0.526  6.322   1.00 34.69 ? 443 CYS A SG  1 
ATOM   984  N N   . HIS A 1 126 ? 14.910  -2.053  7.530   1.00 26.01 ? 444 HIS A N   1 
ATOM   985  C CA  . HIS A 1 126 ? 15.630  -1.713  8.739   1.00 28.43 ? 444 HIS A CA  1 
ATOM   986  C C   . HIS A 1 126 ? 17.044  -1.217  8.425   1.00 34.51 ? 444 HIS A C   1 
ATOM   987  O O   . HIS A 1 126 ? 17.489  -0.220  9.000   1.00 36.17 ? 444 HIS A O   1 
ATOM   988  C CB  . HIS A 1 126 ? 15.699  -2.944  9.633   1.00 28.45 ? 444 HIS A CB  1 
ATOM   989  C CG  . HIS A 1 126 ? 16.122  -2.650  11.038  1.00 29.43 ? 444 HIS A CG  1 
ATOM   990  N ND1 . HIS A 1 126 ? 16.107  -1.379  11.572  1.00 31.21 ? 444 HIS A ND1 1 
ATOM   991  C CD2 . HIS A 1 126 ? 16.521  -3.472  12.036  1.00 27.46 ? 444 HIS A CD2 1 
ATOM   992  C CE1 . HIS A 1 126 ? 16.472  -1.433  12.840  1.00 27.86 ? 444 HIS A CE1 1 
ATOM   993  N NE2 . HIS A 1 126 ? 16.729  -2.691  13.146  1.00 29.32 ? 444 HIS A NE2 1 
ATOM   994  N N   . ARG A 1 127 ? 17.729  -1.899  7.501   1.00 38.17 ? 445 ARG A N   1 
ATOM   995  C CA  . ARG A 1 127 ? 19.096  -1.539  7.095   1.00 35.05 ? 445 ARG A CA  1 
ATOM   996  C C   . ARG A 1 127 ? 19.111  -0.188  6.432   1.00 32.73 ? 445 ARG A C   1 
ATOM   997  O O   . ARG A 1 127 ? 19.923  0.672   6.776   1.00 35.27 ? 445 ARG A O   1 
ATOM   998  C CB  . ARG A 1 127 ? 19.660  -2.561  6.113   1.00 36.30 ? 445 ARG A CB  1 
ATOM   999  C CG  . ARG A 1 127 ? 19.739  -3.953  6.683   1.00 43.58 ? 445 ARG A CG  1 
ATOM   1000 C CD  . ARG A 1 127 ? 20.347  -4.953  5.719   1.00 44.12 ? 445 ARG A CD  1 
ATOM   1001 N NE  . ARG A 1 127 ? 20.080  -6.303  6.199   1.00 50.86 ? 445 ARG A NE  1 
ATOM   1002 C CZ  . ARG A 1 127 ? 19.278  -7.162  5.580   1.00 54.99 ? 445 ARG A CZ  1 
ATOM   1003 N NH1 . ARG A 1 127 ? 18.683  -6.811  4.441   1.00 50.24 ? 445 ARG A NH1 1 
ATOM   1004 N NH2 . ARG A 1 127 ? 19.013  -8.342  6.132   1.00 57.37 ? 445 ARG A NH2 1 
ATOM   1005 N N   . GLN A 1 128 ? 18.190  0.002   5.494   1.00 31.96 ? 446 GLN A N   1 
ATOM   1006 C CA  . GLN A 1 128 ? 18.075  1.254   4.762   1.00 32.63 ? 446 GLN A CA  1 
ATOM   1007 C C   . GLN A 1 128 ? 17.746  2.467   5.648   1.00 36.02 ? 446 GLN A C   1 
ATOM   1008 O O   . GLN A 1 128 ? 18.291  3.566   5.435   1.00 32.05 ? 446 GLN A O   1 
ATOM   1009 C CB  . GLN A 1 128 ? 17.032  1.113   3.654   1.00 31.49 ? 446 GLN A CB  1 
ATOM   1010 C CG  . GLN A 1 128 ? 16.725  2.408   2.944   1.00 33.74 ? 446 GLN A CG  1 
ATOM   1011 C CD  . GLN A 1 128 ? 17.914  2.954   2.182   1.00 38.38 ? 446 GLN A CD  1 
ATOM   1012 O OE1 . GLN A 1 128 ? 18.815  2.216   1.797   1.00 37.90 ? 446 GLN A OE1 1 
ATOM   1013 N NE2 . GLN A 1 128 ? 17.900  4.246   1.924   1.00 41.93 ? 446 GLN A NE2 1 
ATOM   1014 N N   . MET A 1 129 ? 16.862  2.280   6.630   1.00 35.86 ? 447 MET A N   1 
ATOM   1015 C CA  . MET A 1 129 ? 16.488  3.389   7.518   1.00 40.91 ? 447 MET A CA  1 
ATOM   1016 C C   . MET A 1 129 ? 17.654  3.821   8.418   1.00 37.21 ? 447 MET A C   1 
ATOM   1017 O O   . MET A 1 129 ? 17.859  5.019   8.652   1.00 35.94 ? 447 MET A O   1 
ATOM   1018 C CB  . MET A 1 129 ? 15.216  3.076   8.338   1.00 38.48 ? 447 MET A CB  1 
ATOM   1019 C CG  . MET A 1 129 ? 15.345  1.954   9.363   1.00 44.11 ? 447 MET A CG  1 
ATOM   1020 S SD  . MET A 1 129 ? 13.811  1.648   10.269  1.00 41.21 ? 447 MET A SD  1 
ATOM   1021 C CE  . MET A 1 129 ? 12.629  1.974   8.932   1.00 35.81 ? 447 MET A CE  1 
ATOM   1022 N N   . GLN A 1 130 ? 18.421  2.840   8.891   1.00 35.16 ? 448 GLN A N   1 
ATOM   1023 C CA  . GLN A 1 130 ? 19.597  3.089   9.725   1.00 35.89 ? 448 GLN A CA  1 
ATOM   1024 C C   . GLN A 1 130 ? 20.633  3.839   8.886   1.00 37.29 ? 448 GLN A C   1 
ATOM   1025 O O   . GLN A 1 130 ? 21.097  4.910   9.266   1.00 39.15 ? 448 GLN A O   1 
ATOM   1026 C CB  . GLN A 1 130 ? 20.178  1.764   10.216  1.00 34.46 ? 448 GLN A CB  1 
ATOM   1027 C CG  . GLN A 1 130 ? 19.308  1.069   11.237  1.00 37.12 ? 448 GLN A CG  1 
ATOM   1028 C CD  . GLN A 1 130 ? 19.758  -0.341  11.533  1.00 40.82 ? 448 GLN A CD  1 
ATOM   1029 O OE1 . GLN A 1 130 ? 19.469  -1.267  10.778  1.00 45.33 ? 448 GLN A OE1 1 
ATOM   1030 N NE2 . GLN A 1 130 ? 20.438  -0.524  12.655  1.00 43.44 ? 448 GLN A NE2 1 
ATOM   1031 N N   . GLN A 1 131 ? 20.950  3.304   7.712   1.00 37.83 ? 449 GLN A N   1 
ATOM   1032 C CA  . GLN A 1 131 ? 21.914  3.950   6.833   1.00 37.61 ? 449 GLN A CA  1 
ATOM   1033 C C   . GLN A 1 131 ? 21.440  5.338   6.454   1.00 41.00 ? 449 GLN A C   1 
ATOM   1034 O O   . GLN A 1 131 ? 22.207  6.304   6.531   1.00 43.65 ? 449 GLN A O   1 
ATOM   1035 C CB  . GLN A 1 131 ? 22.120  3.148   5.550   1.00 38.43 ? 449 GLN A CB  1 
ATOM   1036 C CG  . GLN A 1 131 ? 22.950  1.890   5.710   1.00 40.93 ? 449 GLN A CG  1 
ATOM   1037 C CD  . GLN A 1 131 ? 23.849  1.647   4.510   1.00 43.58 ? 449 GLN A CD  1 
ATOM   1038 O OE1 . GLN A 1 131 ? 25.073  1.675   4.628   1.00 41.57 ? 449 GLN A OE1 1 
ATOM   1039 N NE2 . GLN A 1 131 ? 23.245  1.432   3.344   1.00 39.73 ? 449 GLN A NE2 1 
ATOM   1040 N N   . GLN A 1 132 ? 20.173  5.434   6.055   1.00 37.98 ? 450 GLN A N   1 
ATOM   1041 C CA  . GLN A 1 132 ? 19.594  6.705   5.628   1.00 38.48 ? 450 GLN A CA  1 
ATOM   1042 C C   . GLN A 1 132 ? 19.525  7.740   6.764   1.00 39.65 ? 450 GLN A C   1 
ATOM   1043 O O   . GLN A 1 132 ? 19.753  8.944   6.550   1.00 38.19 ? 450 GLN A O   1 
ATOM   1044 C CB  . GLN A 1 132 ? 18.212  6.466   5.024   1.00 38.24 ? 450 GLN A CB  1 
ATOM   1045 C CG  . GLN A 1 132 ? 17.964  7.223   3.745   1.00 38.92 ? 450 GLN A CG  1 
ATOM   1046 C CD  . GLN A 1 132 ? 16.535  7.077   3.267   1.00 41.24 ? 450 GLN A CD  1 
ATOM   1047 O OE1 . GLN A 1 132 ? 16.175  6.085   2.637   1.00 36.43 ? 450 GLN A OE1 1 
ATOM   1048 N NE2 . GLN A 1 132 ? 15.711  8.071   3.564   1.00 42.15 ? 450 GLN A NE2 1 
ATOM   1049 N N   . ALA A 1 133 ? 19.218  7.274   7.967   1.00 39.54 ? 451 ALA A N   1 
ATOM   1050 C CA  . ALA A 1 133 ? 19.148  8.165   9.114   1.00 43.36 ? 451 ALA A CA  1 
ATOM   1051 C C   . ALA A 1 133 ? 20.566  8.612   9.436   1.00 46.14 ? 451 ALA A C   1 
ATOM   1052 O O   . ALA A 1 133 ? 20.812  9.800   9.638   1.00 47.52 ? 451 ALA A O   1 
ATOM   1053 C CB  . ALA A 1 133 ? 18.536  7.450   10.305  1.00 46.12 ? 451 ALA A CB  1 
ATOM   1054 N N   . ALA A 1 134 ? 21.493  7.653   9.435   1.00 47.77 ? 452 ALA A N   1 
ATOM   1055 C CA  . ALA A 1 134 ? 22.905  7.899   9.721   1.00 46.64 ? 452 ALA A CA  1 
ATOM   1056 C C   . ALA A 1 134 ? 23.465  8.945   8.771   1.00 47.18 ? 452 ALA A C   1 
ATOM   1057 O O   . ALA A 1 134 ? 24.141  9.877   9.192   1.00 45.68 ? 452 ALA A O   1 
ATOM   1058 C CB  . ALA A 1 134 ? 23.684  6.614   9.604   1.00 46.14 ? 452 ALA A CB  1 
ATOM   1059 N N   . THR A 1 135 ? 23.147  8.806   7.491   1.00 48.31 ? 453 THR A N   1 
ATOM   1060 C CA  . THR A 1 135 ? 23.610  9.760   6.500   1.00 55.63 ? 453 THR A CA  1 
ATOM   1061 C C   . THR A 1 135 ? 22.983  11.119  6.782   1.00 60.28 ? 453 THR A C   1 
ATOM   1062 O O   . THR A 1 135 ? 23.641  12.144  6.656   1.00 63.88 ? 453 THR A O   1 
ATOM   1063 C CB  . THR A 1 135 ? 23.263  9.304   5.081   1.00 57.10 ? 453 THR A CB  1 
ATOM   1064 O OG1 . THR A 1 135 ? 23.835  8.009   4.845   1.00 60.42 ? 453 THR A OG1 1 
ATOM   1065 C CG2 . THR A 1 135 ? 23.822  10.275  4.062   1.00 59.83 ? 453 THR A CG2 1 
ATOM   1066 N N   . ALA A 1 136 ? 21.714  11.126  7.173   1.00 66.27 ? 454 ALA A N   1 
ATOM   1067 C CA  . ALA A 1 136 ? 21.031  12.375  7.499   1.00 72.18 ? 454 ALA A CA  1 
ATOM   1068 C C   . ALA A 1 136 ? 21.735  13.046  8.686   1.00 77.37 ? 454 ALA A C   1 
ATOM   1069 O O   . ALA A 1 136 ? 21.750  14.271  8.810   1.00 80.68 ? 454 ALA A O   1 
ATOM   1070 C CB  . ALA A 1 136 ? 19.571  12.101  7.841   1.00 68.78 ? 454 ALA A CB  1 
ATOM   1071 N N   . GLN A 1 137 ? 22.316  12.230  9.553   1.00 81.47 ? 455 GLN A N   1 
ATOM   1072 C CA  . GLN A 1 137 ? 23.016  12.720  10.727  1.00 84.96 ? 455 GLN A CA  1 
ATOM   1073 C C   . GLN A 1 137 ? 24.512  12.823  10.419  1.00 88.25 ? 455 GLN A C   1 
ATOM   1074 O O   . GLN A 1 137 ? 25.345  12.251  11.134  1.00 91.92 ? 455 GLN A O   1 
ATOM   1075 C CB  . GLN A 1 137 ? 22.769  11.761  11.902  1.00 86.34 ? 455 GLN A CB  1 
ATOM   1076 C CG  . GLN A 1 137 ? 23.159  12.298  13.267  1.00 90.30 ? 455 GLN A CG  1 
ATOM   1077 C CD  . GLN A 1 137 ? 22.344  13.511  13.662  1.00 93.89 ? 455 GLN A CD  1 
ATOM   1078 O OE1 . GLN A 1 137 ? 22.457  14.578  13.052  1.00 95.99 ? 455 GLN A OE1 1 
ATOM   1079 N NE2 . GLN A 1 137 ? 21.511  13.358  14.681  1.00 94.77 ? 455 GLN A NE2 1 
ATOM   1080 N N   . ALA A 1 138 ? 24.851  13.532  9.347   1.00 89.23 ? 456 ALA A N   1 
ATOM   1081 C CA  . ALA A 1 138 ? 26.248  13.708  8.954   1.00 90.29 ? 456 ALA A CA  1 
ATOM   1082 C C   . ALA A 1 138 ? 26.418  14.926  8.045   1.00 92.44 ? 456 ALA A C   1 
ATOM   1083 O O   . ALA A 1 138 ? 27.549  15.462  7.993   1.00 95.16 ? 456 ALA A O   1 
ATOM   1084 C CB  . ALA A 1 138 ? 26.771  12.452  8.264   1.00 88.00 ? 456 ALA A CB  1 
ATOM   1085 N N   . VAL A 1 174 ? 12.041  13.401  9.078   1.00 43.73 ? 492 VAL A N   1 
ATOM   1086 C CA  . VAL A 1 174 ? 11.521  12.004  9.153   1.00 44.45 ? 492 VAL A CA  1 
ATOM   1087 C C   . VAL A 1 174 ? 10.535  11.644  8.019   1.00 43.15 ? 492 VAL A C   1 
ATOM   1088 O O   . VAL A 1 174 ? 10.267  10.477  7.774   1.00 40.04 ? 492 VAL A O   1 
ATOM   1089 C CB  . VAL A 1 174 ? 10.846  11.741  10.519  1.00 46.26 ? 492 VAL A CB  1 
ATOM   1090 C CG1 . VAL A 1 174 ? 9.529   12.487  10.620  1.00 50.07 ? 492 VAL A CG1 1 
ATOM   1091 C CG2 . VAL A 1 174 ? 10.614  10.267  10.711  1.00 53.71 ? 492 VAL A CG2 1 
ATOM   1092 N N   . ASP A 1 175 ? 10.065  12.647  7.281   1.00 46.15 ? 493 ASP A N   1 
ATOM   1093 C CA  . ASP A 1 175 ? 9.096   12.443  6.201   1.00 48.74 ? 493 ASP A CA  1 
ATOM   1094 C C   . ASP A 1 175 ? 9.545   11.506  5.088   1.00 47.36 ? 493 ASP A C   1 
ATOM   1095 O O   . ASP A 1 175 ? 8.708   10.899  4.407   1.00 40.77 ? 493 ASP A O   1 
ATOM   1096 C CB  . ASP A 1 175 ? 8.689   13.790  5.601   1.00 54.43 ? 493 ASP A CB  1 
ATOM   1097 C CG  . ASP A 1 175 ? 7.313   13.755  4.964   1.00 58.51 ? 493 ASP A CG  1 
ATOM   1098 O OD1 . ASP A 1 175 ? 6.345   13.343  5.646   1.00 60.76 ? 493 ASP A OD1 1 
ATOM   1099 O OD2 . ASP A 1 175 ? 7.200   14.167  3.790   1.00 60.00 ? 493 ASP A OD2 1 
ATOM   1100 N N   . ASP A 1 176 ? 10.858  11.438  4.876   1.00 44.71 ? 494 ASP A N   1 
ATOM   1101 C CA  . ASP A 1 176 ? 11.427  10.574  3.852   1.00 40.42 ? 494 ASP A CA  1 
ATOM   1102 C C   . ASP A 1 176 ? 11.542  9.190   4.416   1.00 34.48 ? 494 ASP A C   1 
ATOM   1103 O O   . ASP A 1 176 ? 11.172  8.211   3.778   1.00 32.77 ? 494 ASP A O   1 
ATOM   1104 C CB  . ASP A 1 176 ? 12.825  11.045  3.451   1.00 48.32 ? 494 ASP A CB  1 
ATOM   1105 C CG  . ASP A 1 176 ? 12.798  12.155  2.428   1.00 57.77 ? 494 ASP A CG  1 
ATOM   1106 O OD1 . ASP A 1 176 ? 11.759  12.321  1.743   1.00 61.47 ? 494 ASP A OD1 1 
ATOM   1107 O OD2 . ASP A 1 176 ? 13.831  12.849  2.293   1.00 65.67 ? 494 ASP A OD2 1 
ATOM   1108 N N   . LEU A 1 177 ? 12.075  9.119   5.625   1.00 31.27 ? 495 LEU A N   1 
ATOM   1109 C CA  . LEU A 1 177 ? 12.261  7.844   6.277   1.00 32.85 ? 495 LEU A CA  1 
ATOM   1110 C C   . LEU A 1 177 ? 10.964  7.046   6.445   1.00 31.89 ? 495 LEU A C   1 
ATOM   1111 O O   . LEU A 1 177 ? 10.971  5.833   6.247   1.00 31.81 ? 495 LEU A O   1 
ATOM   1112 C CB  . LEU A 1 177 ? 12.977  8.027   7.626   1.00 40.33 ? 495 LEU A CB  1 
ATOM   1113 C CG  . LEU A 1 177 ? 14.515  8.096   7.678   1.00 43.28 ? 495 LEU A CG  1 
ATOM   1114 C CD1 . LEU A 1 177 ? 15.108  6.746   7.332   1.00 40.74 ? 495 LEU A CD1 1 
ATOM   1115 C CD2 . LEU A 1 177 ? 15.045  9.143   6.733   1.00 44.55 ? 495 LEU A CD2 1 
ATOM   1116 N N   . ARG A 1 178 ? 9.855   7.714   6.764   1.00 28.12 ? 496 ARG A N   1 
ATOM   1117 C CA  . ARG A 1 178 ? 8.579   7.011   6.980   1.00 29.98 ? 496 ARG A CA  1 
ATOM   1118 C C   . ARG A 1 178 ? 8.018   6.374   5.706   1.00 25.86 ? 496 ARG A C   1 
ATOM   1119 O O   . ARG A 1 178 ? 7.388   5.315   5.758   1.00 25.94 ? 496 ARG A O   1 
ATOM   1120 C CB  . ARG A 1 178 ? 7.535   7.935   7.606   1.00 29.68 ? 496 ARG A CB  1 
ATOM   1121 C CG  . ARG A 1 178 ? 7.119   9.033   6.683   1.00 32.04 ? 496 ARG A CG  1 
ATOM   1122 C CD  . ARG A 1 178 ? 5.839   9.668   7.115   1.00 32.08 ? 496 ARG A CD  1 
ATOM   1123 N NE  . ARG A 1 178 ? 5.389   10.578  6.073   1.00 32.67 ? 496 ARG A NE  1 
ATOM   1124 C CZ  . ARG A 1 178 ? 4.266   10.426  5.383   1.00 29.81 ? 496 ARG A CZ  1 
ATOM   1125 N NH1 . ARG A 1 178 ? 3.470   9.399   5.645   1.00 22.01 ? 496 ARG A NH1 1 
ATOM   1126 N NH2 . ARG A 1 178 ? 3.978   11.265  4.391   1.00 28.35 ? 496 ARG A NH2 1 
ATOM   1127 N N   . ARG A 1 179 ? 8.265   7.008   4.564   1.00 24.41 ? 497 ARG A N   1 
ATOM   1128 C CA  . ARG A 1 179 ? 7.813   6.475   3.284   1.00 28.37 ? 497 ARG A CA  1 
ATOM   1129 C C   . ARG A 1 179 ? 8.369   5.078   3.006   1.00 28.96 ? 497 ARG A C   1 
ATOM   1130 O O   . ARG A 1 179 ? 7.767   4.302   2.274   1.00 33.85 ? 497 ARG A O   1 
ATOM   1131 C CB  . ARG A 1 179 ? 8.160   7.438   2.160   1.00 29.23 ? 497 ARG A CB  1 
ATOM   1132 C CG  . ARG A 1 179 ? 7.407   8.744   2.280   1.00 38.19 ? 497 ARG A CG  1 
ATOM   1133 C CD  . ARG A 1 179 ? 7.695   9.667   1.134   1.00 47.02 ? 497 ARG A CD  1 
ATOM   1134 N NE  . ARG A 1 179 ? 6.719   10.751  1.085   1.00 57.77 ? 497 ARG A NE  1 
ATOM   1135 C CZ  . ARG A 1 179 ? 6.958   11.993  1.491   1.00 61.17 ? 497 ARG A CZ  1 
ATOM   1136 N NH1 . ARG A 1 179 ? 8.146   12.320  1.983   1.00 62.57 ? 497 ARG A NH1 1 
ATOM   1137 N NH2 . ARG A 1 179 ? 6.006   12.910  1.395   1.00 63.73 ? 497 ARG A NH2 1 
ATOM   1138 N N   . LEU A 1 180 ? 9.512   4.753   3.600   1.00 27.85 ? 498 LEU A N   1 
ATOM   1139 C CA  . LEU A 1 180 ? 10.110  3.434   3.446   1.00 26.36 ? 498 LEU A CA  1 
ATOM   1140 C C   . LEU A 1 180 ? 9.218   2.363   4.073   1.00 25.35 ? 498 LEU A C   1 
ATOM   1141 O O   . LEU A 1 180 ? 9.301   1.193   3.712   1.00 28.30 ? 498 LEU A O   1 
ATOM   1142 C CB  . LEU A 1 180 ? 11.470  3.379   4.148   1.00 26.90 ? 498 LEU A CB  1 
ATOM   1143 C CG  . LEU A 1 180 ? 12.554  4.363   3.732   1.00 28.99 ? 498 LEU A CG  1 
ATOM   1144 C CD1 . LEU A 1 180 ? 13.802  4.090   4.559   1.00 29.55 ? 498 LEU A CD1 1 
ATOM   1145 C CD2 . LEU A 1 180 ? 12.845  4.212   2.260   1.00 25.84 ? 498 LEU A CD2 1 
ATOM   1146 N N   . CYS A 1 181 ? 8.377   2.756   5.027   1.00 28.56 ? 499 CYS A N   1 
ATOM   1147 C CA  . CYS A 1 181 ? 7.505   1.807   5.716   1.00 24.67 ? 499 CYS A CA  1 
ATOM   1148 C C   . CYS A 1 181 ? 6.070   1.861   5.198   1.00 26.92 ? 499 CYS A C   1 
ATOM   1149 O O   . CYS A 1 181 ? 5.144   1.360   5.840   1.00 23.09 ? 499 CYS A O   1 
ATOM   1150 C CB  . CYS A 1 181 ? 7.504   2.113   7.211   1.00 30.21 ? 499 CYS A CB  1 
ATOM   1151 S SG  . CYS A 1 181 ? 9.107   2.650   7.884   1.00 31.33 ? 499 CYS A SG  1 
ATOM   1152 N N   . ILE A 1 182 ? 5.892   2.435   4.018   1.00 23.81 ? 500 ILE A N   1 
ATOM   1153 C CA  . ILE A 1 182 ? 4.566   2.584   3.444   1.00 27.88 ? 500 ILE A CA  1 
ATOM   1154 C C   . ILE A 1 182 ? 4.503   2.051   2.008   1.00 31.39 ? 500 ILE A C   1 
ATOM   1155 O O   . ILE A 1 182 ? 5.423   2.265   1.211   1.00 27.62 ? 500 ILE A O   1 
ATOM   1156 C CB  . ILE A 1 182 ? 4.148   4.101   3.437   1.00 27.60 ? 500 ILE A CB  1 
ATOM   1157 C CG1 . ILE A 1 182 ? 4.028   4.641   4.865   1.00 27.93 ? 500 ILE A CG1 1 
ATOM   1158 C CG2 . ILE A 1 182 ? 2.833   4.300   2.718   1.00 31.65 ? 500 ILE A CG2 1 
ATOM   1159 C CD1 . ILE A 1 182 ? 4.005   6.147   4.929   1.00 24.76 ? 500 ILE A CD1 1 
ATOM   1160 N N   . LEU A 1 183 ? 3.410   1.357   1.699   1.00 31.07 ? 501 LEU A N   1 
ATOM   1161 C CA  . LEU A 1 183 ? 3.155   0.823   0.363   1.00 26.47 ? 501 LEU A CA  1 
ATOM   1162 C C   . LEU A 1 183 ? 1.909   1.560   -0.129  1.00 30.46 ? 501 LEU A C   1 
ATOM   1163 O O   . LEU A 1 183 ? 1.041   1.927   0.675   1.00 31.03 ? 501 LEU A O   1 
ATOM   1164 C CB  . LEU A 1 183 ? 2.843   -0.672  0.438   1.00 25.52 ? 501 LEU A CB  1 
ATOM   1165 C CG  . LEU A 1 183 ? 3.883   -1.625  1.026   1.00 24.19 ? 501 LEU A CG  1 
ATOM   1166 C CD1 . LEU A 1 183 ? 3.229   -2.919  1.420   1.00 21.61 ? 501 LEU A CD1 1 
ATOM   1167 C CD2 . LEU A 1 183 ? 4.958   -1.889  -0.001  1.00 30.06 ? 501 LEU A CD2 1 
ATOM   1168 N N   . ARG A 1 184 ? 1.835   1.832   -1.425  1.00 28.63 ? 502 ARG A N   1 
ATOM   1169 C CA  . ARG A 1 184 ? 0.659   2.489   -1.987  1.00 26.32 ? 502 ARG A CA  1 
ATOM   1170 C C   . ARG A 1 184 ? 0.255   1.680   -3.195  1.00 27.00 ? 502 ARG A C   1 
ATOM   1171 O O   . ARG A 1 184 ? 1.114   1.159   -3.903  1.00 26.32 ? 502 ARG A O   1 
ATOM   1172 C CB  . ARG A 1 184 ? 0.955   3.927   -2.394  1.00 25.75 ? 502 ARG A CB  1 
ATOM   1173 C CG  . ARG A 1 184 ? 1.047   4.883   -1.229  1.00 29.91 ? 502 ARG A CG  1 
ATOM   1174 C CD  . ARG A 1 184 ? 1.324   6.266   -1.752  1.00 28.65 ? 502 ARG A CD  1 
ATOM   1175 N NE  . ARG A 1 184 ? 1.046   7.283   -0.750  1.00 41.00 ? 502 ARG A NE  1 
ATOM   1176 C CZ  . ARG A 1 184 ? 0.997   8.589   -1.008  1.00 45.97 ? 502 ARG A CZ  1 
ATOM   1177 N NH1 . ARG A 1 184 ? 1.227   9.034   -2.240  1.00 44.39 ? 502 ARG A NH1 1 
ATOM   1178 N NH2 . ARG A 1 184 ? 0.634   9.444   -0.058  1.00 45.38 ? 502 ARG A NH2 1 
ATOM   1179 N N   . MET A 1 185 ? -1.043  1.579   -3.446  1.00 28.15 ? 503 MET A N   1 
ATOM   1180 C CA  . MET A 1 185 ? -1.514  0.808   -4.573  1.00 22.64 ? 503 MET A CA  1 
ATOM   1181 C C   . MET A 1 185 ? -2.778  1.374   -5.185  1.00 26.39 ? 503 MET A C   1 
ATOM   1182 O O   . MET A 1 185 ? -3.751  1.631   -4.476  1.00 27.50 ? 503 MET A O   1 
ATOM   1183 C CB  . MET A 1 185 ? -1.774  -0.611  -4.122  1.00 21.38 ? 503 MET A CB  1 
ATOM   1184 C CG  . MET A 1 185 ? -2.466  -1.465  -5.146  1.00 27.82 ? 503 MET A CG  1 
ATOM   1185 S SD  . MET A 1 185 ? -3.035  -2.987  -4.398  1.00 32.50 ? 503 MET A SD  1 
ATOM   1186 C CE  . MET A 1 185 ? -1.520  -3.551  -3.531  1.00 28.13 ? 503 MET A CE  1 
ATOM   1187 N N   . SER A 1 186 ? -2.723  1.614   -6.495  1.00 27.87 ? 504 SER A N   1 
ATOM   1188 C CA  . SER A 1 186 ? -3.852  2.102   -7.279  1.00 26.52 ? 504 SER A CA  1 
ATOM   1189 C C   . SER A 1 186 ? -4.498  0.848   -7.887  1.00 30.43 ? 504 SER A C   1 
ATOM   1190 O O   . SER A 1 186 ? -3.802  -0.012  -8.439  1.00 32.61 ? 504 SER A O   1 
ATOM   1191 C CB  . SER A 1 186 ? -3.360  3.033   -8.372  1.00 24.50 ? 504 SER A CB  1 
ATOM   1192 O OG  . SER A 1 186 ? -4.437  3.455   -9.183  1.00 30.92 ? 504 SER A OG  1 
ATOM   1193 N N   . PHE A 1 187 ? -5.813  0.728   -7.778  1.00 31.63 ? 505 PHE A N   1 
ATOM   1194 C CA  . PHE A 1 187 ? -6.502  -0.459  -8.274  1.00 34.37 ? 505 PHE A CA  1 
ATOM   1195 C C   . PHE A 1 187 ? -6.743  -0.585  -9.763  1.00 36.90 ? 505 PHE A C   1 
ATOM   1196 O O   . PHE A 1 187 ? -6.772  -1.700  -10.285 1.00 35.47 ? 505 PHE A O   1 
ATOM   1197 C CB  . PHE A 1 187 ? -7.831  -0.669  -7.548  1.00 30.56 ? 505 PHE A CB  1 
ATOM   1198 C CG  . PHE A 1 187 ? -7.684  -1.178  -6.150  1.00 28.66 ? 505 PHE A CG  1 
ATOM   1199 C CD1 . PHE A 1 187 ? -7.386  -2.517  -5.914  1.00 28.00 ? 505 PHE A CD1 1 
ATOM   1200 C CD2 . PHE A 1 187 ? -7.851  -0.327  -5.062  1.00 29.56 ? 505 PHE A CD2 1 
ATOM   1201 C CE1 . PHE A 1 187 ? -7.258  -3.004  -4.621  1.00 24.67 ? 505 PHE A CE1 1 
ATOM   1202 C CE2 . PHE A 1 187 ? -7.724  -0.808  -3.757  1.00 27.67 ? 505 PHE A CE2 1 
ATOM   1203 C CZ  . PHE A 1 187 ? -7.428  -2.150  -3.540  1.00 25.36 ? 505 PHE A CZ  1 
ATOM   1204 N N   . VAL A 1 188 ? -6.934  0.522   -10.461 1.00 38.67 ? 506 VAL A N   1 
ATOM   1205 C CA  . VAL A 1 188 ? -7.214  0.386   -11.879 1.00 46.48 ? 506 VAL A CA  1 
ATOM   1206 C C   . VAL A 1 188 ? -6.358  1.207   -12.821 1.00 47.84 ? 506 VAL A C   1 
ATOM   1207 O O   . VAL A 1 188 ? -6.006  0.749   -13.912 1.00 50.88 ? 506 VAL A O   1 
ATOM   1208 C CB  . VAL A 1 188 ? -8.701  0.668   -12.179 1.00 50.60 ? 506 VAL A CB  1 
ATOM   1209 C CG1 . VAL A 1 188 ? -9.593  -0.382  -11.507 1.00 49.56 ? 506 VAL A CG1 1 
ATOM   1210 C CG2 . VAL A 1 188 ? -9.066  2.063   -11.700 1.00 56.51 ? 506 VAL A CG2 1 
ATOM   1211 N N   . LYS A 1 189 ? -6.048  2.430   -12.430 1.00 43.44 ? 507 LYS A N   1 
ATOM   1212 C CA  . LYS A 1 189 ? -5.247  3.268   -13.287 1.00 43.22 ? 507 LYS A CA  1 
ATOM   1213 C C   . LYS A 1 189 ? -3.803  3.352   -12.821 1.00 45.15 ? 507 LYS A C   1 
ATOM   1214 O O   . LYS A 1 189 ? -3.524  3.461   -11.627 1.00 43.63 ? 507 LYS A O   1 
ATOM   1215 C CB  . LYS A 1 189 ? -5.858  4.671   -13.380 1.00 42.73 ? 507 LYS A CB  1 
ATOM   1216 C CG  . LYS A 1 189 ? -7.329  4.671   -13.727 1.00 41.15 ? 507 LYS A CG  1 
ATOM   1217 C CD  . LYS A 1 189 ? -7.600  4.034   -15.068 1.00 42.03 ? 507 LYS A CD  1 
ATOM   1218 C CE  . LYS A 1 189 ? -9.085  3.778   -15.239 1.00 45.78 ? 507 LYS A CE  1 
ATOM   1219 N NZ  . LYS A 1 189 ? -9.433  3.136   -16.545 1.00 51.77 ? 507 LYS A NZ  1 
ATOM   1220 N N   . GLY A 1 190 ? -2.882  3.238   -13.769 1.00 43.71 ? 508 GLY A N   1 
ATOM   1221 C CA  . GLY A 1 190 ? -1.483  3.363   -13.434 1.00 42.62 ? 508 GLY A CA  1 
ATOM   1222 C C   . GLY A 1 190 ? -1.188  4.844   -13.477 1.00 45.49 ? 508 GLY A C   1 
ATOM   1223 O O   . GLY A 1 190 ? -1.915  5.607   -14.111 1.00 46.26 ? 508 GLY A O   1 
ATOM   1224 N N   . TRP A 1 191 ? -0.160  5.274   -12.772 1.00 45.92 ? 509 TRP A N   1 
ATOM   1225 C CA  . TRP A 1 191 ? 0.193   6.676   -12.784 1.00 49.05 ? 509 TRP A CA  1 
ATOM   1226 C C   . TRP A 1 191 ? 1.684   6.705   -13.051 1.00 58.28 ? 509 TRP A C   1 
ATOM   1227 O O   . TRP A 1 191 ? 2.335   5.652   -13.078 1.00 58.62 ? 509 TRP A O   1 
ATOM   1228 C CB  . TRP A 1 191 ? -0.153  7.341   -11.443 1.00 46.12 ? 509 TRP A CB  1 
ATOM   1229 C CG  . TRP A 1 191 ? 0.701   6.919   -10.293 1.00 39.55 ? 509 TRP A CG  1 
ATOM   1230 C CD1 . TRP A 1 191 ? 1.748   7.613   -9.761  1.00 38.63 ? 509 TRP A CD1 1 
ATOM   1231 C CD2 . TRP A 1 191 ? 0.590   5.707   -9.525  1.00 38.13 ? 509 TRP A CD2 1 
ATOM   1232 N NE1 . TRP A 1 191 ? 2.298   6.912   -8.711  1.00 40.98 ? 509 TRP A NE1 1 
ATOM   1233 C CE2 . TRP A 1 191 ? 1.609   5.738   -8.544  1.00 38.79 ? 509 TRP A CE2 1 
ATOM   1234 C CE3 . TRP A 1 191 ? -0.268  4.599   -9.573  1.00 35.35 ? 509 TRP A CE3 1 
ATOM   1235 C CZ2 . TRP A 1 191 ? 1.795   4.699   -7.613  1.00 37.73 ? 509 TRP A CZ2 1 
ATOM   1236 C CZ3 . TRP A 1 191 ? -0.081  3.564   -8.643  1.00 33.91 ? 509 TRP A CZ3 1 
ATOM   1237 C CH2 . TRP A 1 191 ? 0.942   3.625   -7.680  1.00 33.50 ? 509 TRP A CH2 1 
ATOM   1238 N N   . GLY A 1 192 ? 2.227   7.896   -13.251 1.00 62.97 ? 510 GLY A N   1 
ATOM   1239 C CA  . GLY A 1 192 ? 3.642   8.012   -13.520 1.00 70.20 ? 510 GLY A CA  1 
ATOM   1240 C C   . GLY A 1 192 ? 3.898   8.412   -14.961 1.00 76.10 ? 510 GLY A C   1 
ATOM   1241 O O   . GLY A 1 192 ? 3.016   8.280   -15.817 1.00 75.63 ? 510 GLY A O   1 
ATOM   1242 N N   . PRO A 1 193 ? 5.136   8.833   -15.267 1.00 78.79 ? 511 PRO A N   1 
ATOM   1243 C CA  . PRO A 1 193 ? 5.645   9.282   -16.566 1.00 79.00 ? 511 PRO A CA  1 
ATOM   1244 C C   . PRO A 1 193 ? 4.967   8.758   -17.836 1.00 78.50 ? 511 PRO A C   1 
ATOM   1245 O O   . PRO A 1 193 ? 4.522   9.544   -18.674 1.00 78.00 ? 511 PRO A O   1 
ATOM   1246 C CB  . PRO A 1 193 ? 7.111   8.883   -16.489 1.00 80.14 ? 511 PRO A CB  1 
ATOM   1247 C CG  . PRO A 1 193 ? 7.436   9.240   -15.071 1.00 79.50 ? 511 PRO A CG  1 
ATOM   1248 C CD  . PRO A 1 193 ? 6.247   8.689   -14.304 1.00 78.53 ? 511 PRO A CD  1 
ATOM   1249 N N   . ASP A 1 194 ? 4.883   7.443   -17.981 1.00 78.48 ? 512 ASP A N   1 
ATOM   1250 C CA  . ASP A 1 194 ? 4.281   6.868   -19.177 1.00 79.03 ? 512 ASP A CA  1 
ATOM   1251 C C   . ASP A 1 194 ? 2.754   6.776   -19.135 1.00 76.83 ? 512 ASP A C   1 
ATOM   1252 O O   . ASP A 1 194 ? 2.142   6.057   -19.935 1.00 76.81 ? 512 ASP A O   1 
ATOM   1253 C CB  . ASP A 1 194 ? 4.904   5.497   -19.473 1.00 84.37 ? 512 ASP A CB  1 
ATOM   1254 C CG  . ASP A 1 194 ? 6.289   5.602   -20.119 1.00 86.91 ? 512 ASP A CG  1 
ATOM   1255 O OD1 . ASP A 1 194 ? 7.122   6.425   -19.667 1.00 86.40 ? 512 ASP A OD1 1 
ATOM   1256 O OD2 . ASP A 1 194 ? 6.541   4.847   -21.086 1.00 88.17 ? 512 ASP A OD2 1 
ATOM   1257 N N   . TYR A 1 195 ? 2.143   7.532   -18.226 1.00 71.17 ? 513 TYR A N   1 
ATOM   1258 C CA  . TYR A 1 195 ? 0.692   7.549   -18.071 1.00 61.16 ? 513 TYR A CA  1 
ATOM   1259 C C   . TYR A 1 195 ? 0.169   8.984   -18.026 1.00 59.58 ? 513 TYR A C   1 
ATOM   1260 O O   . TYR A 1 195 ? 0.898   9.914   -17.657 1.00 56.87 ? 513 TYR A O   1 
ATOM   1261 C CB  . TYR A 1 195 ? 0.286   6.816   -16.791 1.00 54.42 ? 513 TYR A CB  1 
ATOM   1262 C CG  . TYR A 1 195 ? 0.470   5.324   -16.846 1.00 45.98 ? 513 TYR A CG  1 
ATOM   1263 C CD1 . TYR A 1 195 ? -0.465  4.519   -17.486 1.00 48.26 ? 513 TYR A CD1 1 
ATOM   1264 C CD2 . TYR A 1 195 ? 1.567   4.715   -16.252 1.00 45.21 ? 513 TYR A CD2 1 
ATOM   1265 C CE1 . TYR A 1 195 ? -0.315  3.138   -17.535 1.00 47.19 ? 513 TYR A CE1 1 
ATOM   1266 C CE2 . TYR A 1 195 ? 1.730   3.339   -16.289 1.00 45.96 ? 513 TYR A CE2 1 
ATOM   1267 C CZ  . TYR A 1 195 ? 0.784   2.553   -16.934 1.00 50.13 ? 513 TYR A CZ  1 
ATOM   1268 O OH  . TYR A 1 195 ? 0.927   1.181   -16.979 1.00 52.79 ? 513 TYR A OH  1 
ATOM   1269 N N   . PRO A 1 196 ? -1.113  9.179   -18.385 1.00 57.45 ? 514 PRO A N   1 
ATOM   1270 C CA  . PRO A 1 196 ? -1.745  10.501  -18.385 1.00 57.70 ? 514 PRO A CA  1 
ATOM   1271 C C   . PRO A 1 196 ? -1.903  11.085  -16.983 1.00 58.52 ? 514 PRO A C   1 
ATOM   1272 O O   . PRO A 1 196 ? -2.337  12.227  -16.832 1.00 61.66 ? 514 PRO A O   1 
ATOM   1273 C CB  . PRO A 1 196 ? -3.105  10.219  -19.019 1.00 57.28 ? 514 PRO A CB  1 
ATOM   1274 C CG  . PRO A 1 196 ? -3.398  8.828   -18.565 1.00 56.71 ? 514 PRO A CG  1 
ATOM   1275 C CD  . PRO A 1 196 ? -2.074  8.151   -18.819 1.00 56.87 ? 514 PRO A CD  1 
ATOM   1276 N N   . ARG A 1 197 ? -1.595  10.283  -15.965 1.00 56.38 ? 515 ARG A N   1 
ATOM   1277 C CA  . ARG A 1 197 ? -1.689  10.710  -14.573 1.00 57.15 ? 515 ARG A CA  1 
ATOM   1278 C C   . ARG A 1 197 ? -0.304  10.910  -13.966 1.00 58.32 ? 515 ARG A C   1 
ATOM   1279 O O   . ARG A 1 197 ? 0.523   9.996   -13.964 1.00 61.06 ? 515 ARG A O   1 
ATOM   1280 C CB  . ARG A 1 197 ? -2.463  9.682   -13.748 1.00 54.71 ? 515 ARG A CB  1 
ATOM   1281 C CG  . ARG A 1 197 ? -3.935  9.617   -14.050 1.00 49.81 ? 515 ARG A CG  1 
ATOM   1282 C CD  . ARG A 1 197 ? -4.543  8.445   -13.328 1.00 51.00 ? 515 ARG A CD  1 
ATOM   1283 N NE  . ARG A 1 197 ? -5.977  8.339   -13.559 1.00 57.55 ? 515 ARG A NE  1 
ATOM   1284 C CZ  . ARG A 1 197 ? -6.535  8.097   -14.740 1.00 60.24 ? 515 ARG A CZ  1 
ATOM   1285 N NH1 . ARG A 1 197 ? -5.783  7.934   -15.821 1.00 66.17 ? 515 ARG A NH1 1 
ATOM   1286 N NH2 . ARG A 1 197 ? -7.851  8.003   -14.840 1.00 61.58 ? 515 ARG A NH2 1 
ATOM   1287 N N   . GLN A 1 198 ? -0.074  12.099  -13.425 1.00 55.96 ? 516 GLN A N   1 
ATOM   1288 C CA  . GLN A 1 198 ? 1.200   12.444  -12.813 1.00 55.26 ? 516 GLN A CA  1 
ATOM   1289 C C   . GLN A 1 198 ? 1.397   11.808  -11.420 1.00 51.82 ? 516 GLN A C   1 
ATOM   1290 O O   . GLN A 1 198 ? 2.490   11.336  -11.093 1.00 49.58 ? 516 GLN A O   1 
ATOM   1291 C CB  . GLN A 1 198 ? 1.323   13.979  -12.735 1.00 60.41 ? 516 GLN A CB  1 
ATOM   1292 C CG  . GLN A 1 198 ? 2.612   14.503  -12.091 1.00 69.50 ? 516 GLN A CG  1 
ATOM   1293 C CD  . GLN A 1 198 ? 2.359   15.539  -10.994 1.00 73.35 ? 516 GLN A CD  1 
ATOM   1294 O OE1 . GLN A 1 198 ? 1.319   15.520  -10.325 1.00 73.58 ? 516 GLN A OE1 1 
ATOM   1295 N NE2 . GLN A 1 198 ? 3.321   16.437  -10.795 1.00 73.62 ? 516 GLN A NE2 1 
ATOM   1296 N N   . SER A 1 199 ? 0.346   11.773  -10.610 1.00 46.70 ? 517 SER A N   1 
ATOM   1297 C CA  . SER A 1 199 ? 0.465   11.220  -9.268  1.00 42.03 ? 517 SER A CA  1 
ATOM   1298 C C   . SER A 1 199 ? -0.630  10.225  -8.921  1.00 39.21 ? 517 SER A C   1 
ATOM   1299 O O   . SER A 1 199 ? -1.646  10.160  -9.608  1.00 40.02 ? 517 SER A O   1 
ATOM   1300 C CB  . SER A 1 199 ? 0.473   12.361  -8.261  1.00 40.36 ? 517 SER A CB  1 
ATOM   1301 O OG  . SER A 1 199 ? -0.449  13.360  -8.642  1.00 42.23 ? 517 SER A OG  1 
ATOM   1302 N N   . ILE A 1 200 ? -0.421  9.445   -7.860  1.00 36.36 ? 518 ILE A N   1 
ATOM   1303 C CA  . ILE A 1 200 ? -1.413  8.462   -7.438  1.00 33.24 ? 518 ILE A CA  1 
ATOM   1304 C C   . ILE A 1 200 ? -2.701  9.136   -6.974  1.00 36.23 ? 518 ILE A C   1 
ATOM   1305 O O   . ILE A 1 200 ? -3.793  8.607   -7.187  1.00 34.08 ? 518 ILE A O   1 
ATOM   1306 C CB  . ILE A 1 200 ? -0.901  7.525   -6.326  1.00 30.33 ? 518 ILE A CB  1 
ATOM   1307 C CG1 . ILE A 1 200 ? -1.844  6.325   -6.202  1.00 25.75 ? 518 ILE A CG1 1 
ATOM   1308 C CG2 . ILE A 1 200 ? -0.798  8.269   -5.003  1.00 30.43 ? 518 ILE A CG2 1 
ATOM   1309 C CD1 . ILE A 1 200 ? -1.351  5.245   -5.287  1.00 23.86 ? 518 ILE A CD1 1 
ATOM   1310 N N   . LYS A 1 201 ? -2.585  10.329  -6.402  1.00 35.34 ? 519 LYS A N   1 
ATOM   1311 C CA  . LYS A 1 201 ? -3.772  11.041  -5.952  1.00 38.32 ? 519 LYS A CA  1 
ATOM   1312 C C   . LYS A 1 201 ? -4.660  11.479  -7.130  1.00 35.00 ? 519 LYS A C   1 
ATOM   1313 O O   . LYS A 1 201 ? -5.712  12.093  -6.949  1.00 31.11 ? 519 LYS A O   1 
ATOM   1314 C CB  . LYS A 1 201 ? -3.403  12.210  -5.026  1.00 42.40 ? 519 LYS A CB  1 
ATOM   1315 C CG  . LYS A 1 201 ? -2.544  13.302  -5.627  1.00 47.49 ? 519 LYS A CG  1 
ATOM   1316 C CD  . LYS A 1 201 ? -2.358  14.433  -4.616  1.00 54.78 ? 519 LYS A CD  1 
ATOM   1317 C CE  . LYS A 1 201 ? -1.702  15.661  -5.241  1.00 59.41 ? 519 LYS A CE  1 
ATOM   1318 N NZ  . LYS A 1 201 ? -1.665  16.822  -4.298  1.00 61.08 ? 519 LYS A NZ  1 
ATOM   1319 N N   . GLU A 1 202 ? -4.217  11.158  -8.343  1.00 34.47 ? 520 GLU A N   1 
ATOM   1320 C CA  . GLU A 1 202 ? -4.969  11.455  -9.553  1.00 32.11 ? 520 GLU A CA  1 
ATOM   1321 C C   . GLU A 1 202 ? -5.711  10.200  -10.030 1.00 30.00 ? 520 GLU A C   1 
ATOM   1322 O O   . GLU A 1 202 ? -6.438  10.253  -11.016 1.00 30.27 ? 520 GLU A O   1 
ATOM   1323 C CB  . GLU A 1 202 ? -4.047  11.983  -10.648 1.00 35.01 ? 520 GLU A CB  1 
ATOM   1324 C CG  . GLU A 1 202 ? -3.492  13.363  -10.336 1.00 44.34 ? 520 GLU A CG  1 
ATOM   1325 C CD  . GLU A 1 202 ? -2.413  13.820  -11.305 1.00 49.50 ? 520 GLU A CD  1 
ATOM   1326 O OE1 . GLU A 1 202 ? -2.522  13.554  -12.519 1.00 51.20 ? 520 GLU A OE1 1 
ATOM   1327 O OE2 . GLU A 1 202 ? -1.447  14.465  -10.847 1.00 57.35 ? 520 GLU A OE2 1 
ATOM   1328 N N   . THR A 1 203 ? -5.519  9.073   -9.339  1.00 27.29 ? 521 THR A N   1 
ATOM   1329 C CA  . THR A 1 203 ? -6.201  7.839   -9.707  1.00 27.80 ? 521 THR A CA  1 
ATOM   1330 C C   . THR A 1 203 ? -7.532  7.810   -8.981  1.00 30.24 ? 521 THR A C   1 
ATOM   1331 O O   . THR A 1 203 ? -7.661  8.363   -7.885  1.00 32.15 ? 521 THR A O   1 
ATOM   1332 C CB  . THR A 1 203 ? -5.374  6.564   -9.399  1.00 28.73 ? 521 THR A CB  1 
ATOM   1333 O OG1 . THR A 1 203 ? -5.178  6.412   -7.993  1.00 25.14 ? 521 THR A OG1 1 
ATOM   1334 C CG2 . THR A 1 203 ? -4.020  6.636   -10.086 1.00 34.19 ? 521 THR A CG2 1 
ATOM   1335 N N   . PRO A 1 204 ? -8.543  7.166   -9.579  1.00 28.88 ? 522 PRO A N   1 
ATOM   1336 C CA  . PRO A 1 204 ? -9.897  7.053   -9.022  1.00 27.34 ? 522 PRO A CA  1 
ATOM   1337 C C   . PRO A 1 204 ? -10.079 6.237   -7.749  1.00 29.04 ? 522 PRO A C   1 
ATOM   1338 O O   . PRO A 1 204 ? -11.053 6.443   -7.019  1.00 29.06 ? 522 PRO A O   1 
ATOM   1339 C CB  . PRO A 1 204 ? -10.690 6.455   -10.190 1.00 30.39 ? 522 PRO A CB  1 
ATOM   1340 C CG  . PRO A 1 204 ? -9.668  5.584   -10.875 1.00 31.34 ? 522 PRO A CG  1 
ATOM   1341 C CD  . PRO A 1 204 ? -8.455  6.498   -10.894 1.00 30.05 ? 522 PRO A CD  1 
ATOM   1342 N N   . CYS A 1 205 ? -9.151  5.330   -7.468  1.00 25.22 ? 523 CYS A N   1 
ATOM   1343 C CA  . CYS A 1 205 ? -9.268  4.484   -6.295  1.00 27.97 ? 523 CYS A CA  1 
ATOM   1344 C C   . CYS A 1 205 ? -7.943  3.833   -5.942  1.00 26.64 ? 523 CYS A C   1 
ATOM   1345 O O   . CYS A 1 205 ? -7.401  3.053   -6.721  1.00 29.43 ? 523 CYS A O   1 
ATOM   1346 C CB  . CYS A 1 205 ? -10.356 3.422   -6.542  1.00 36.50 ? 523 CYS A CB  1 
ATOM   1347 S SG  . CYS A 1 205 ? -10.358 2.734   -8.229  1.00 43.61 ? 523 CYS A SG  1 
ATOM   1348 N N   . TRP A 1 206 ? -7.436  4.138   -4.757  1.00 27.18 ? 524 TRP A N   1 
ATOM   1349 C CA  . TRP A 1 206 ? -6.160  3.609   -4.310  1.00 23.29 ? 524 TRP A CA  1 
ATOM   1350 C C   . TRP A 1 206 ? -6.098  3.511   -2.806  1.00 24.62 ? 524 TRP A C   1 
ATOM   1351 O O   . TRP A 1 206 ? -6.936  4.088   -2.103  1.00 21.26 ? 524 TRP A O   1 
ATOM   1352 C CB  . TRP A 1 206 ? -5.011  4.509   -4.781  1.00 26.29 ? 524 TRP A CB  1 
ATOM   1353 C CG  . TRP A 1 206 ? -5.082  5.971   -4.357  1.00 20.12 ? 524 TRP A CG  1 
ATOM   1354 C CD1 . TRP A 1 206 ? -5.821  6.960   -4.954  1.00 20.17 ? 524 TRP A CD1 1 
ATOM   1355 C CD2 . TRP A 1 206 ? -4.286  6.623   -3.349  1.00 20.11 ? 524 TRP A CD2 1 
ATOM   1356 N NE1 . TRP A 1 206 ? -5.520  8.178   -4.395  1.00 21.20 ? 524 TRP A NE1 1 
ATOM   1357 C CE2 . TRP A 1 206 ? -4.578  8.007   -3.413  1.00 25.31 ? 524 TRP A CE2 1 
ATOM   1358 C CE3 . TRP A 1 206 ? -3.350  6.174   -2.399  1.00 16.52 ? 524 TRP A CE3 1 
ATOM   1359 C CZ2 . TRP A 1 206 ? -3.959  8.950   -2.566  1.00 18.67 ? 524 TRP A CZ2 1 
ATOM   1360 C CZ3 . TRP A 1 206 ? -2.738  7.104   -1.559  1.00 15.92 ? 524 TRP A CZ3 1 
ATOM   1361 C CH2 . TRP A 1 206 ? -3.047  8.479   -1.653  1.00 15.44 ? 524 TRP A CH2 1 
ATOM   1362 N N   . ILE A 1 207 ? -5.084  2.801   -2.320  1.00 19.59 ? 525 ILE A N   1 
ATOM   1363 C CA  . ILE A 1 207 ? -4.882  2.637   -0.893  1.00 22.47 ? 525 ILE A CA  1 
ATOM   1364 C C   . ILE A 1 207 ? -3.455  2.953   -0.494  1.00 24.24 ? 525 ILE A C   1 
ATOM   1365 O O   . ILE A 1 207 ? -2.541  2.912   -1.327  1.00 18.08 ? 525 ILE A O   1 
ATOM   1366 C CB  . ILE A 1 207 ? -5.196  1.203   -0.399  1.00 20.81 ? 525 ILE A CB  1 
ATOM   1367 C CG1 . ILE A 1 207 ? -4.373  0.171   -1.174  1.00 18.19 ? 525 ILE A CG1 1 
ATOM   1368 C CG2 . ILE A 1 207 ? -6.698  0.922   -0.484  1.00 21.97 ? 525 ILE A CG2 1 
ATOM   1369 C CD1 . ILE A 1 207 ? -4.525  -1.266  -0.632  1.00 15.27 ? 525 ILE A CD1 1 
ATOM   1370 N N   . GLU A 1 208 ? -3.295  3.319   0.776   1.00 25.22 ? 526 GLU A N   1 
ATOM   1371 C CA  . GLU A 1 208 ? -1.999  3.614   1.372   1.00 26.02 ? 526 GLU A CA  1 
ATOM   1372 C C   . GLU A 1 208 ? -1.947  2.690   2.575   1.00 22.46 ? 526 GLU A C   1 
ATOM   1373 O O   . GLU A 1 208 ? -2.853  2.694   3.413   1.00 22.93 ? 526 GLU A O   1 
ATOM   1374 C CB  . GLU A 1 208 ? -1.893  5.086   1.789   1.00 29.60 ? 526 GLU A CB  1 
ATOM   1375 C CG  . GLU A 1 208 ? -0.579  5.428   2.492   1.00 33.70 ? 526 GLU A CG  1 
ATOM   1376 C CD  . GLU A 1 208 ? -0.350  6.922   2.635   1.00 35.07 ? 526 GLU A CD  1 
ATOM   1377 O OE1 . GLU A 1 208 ? -1.215  7.612   3.207   1.00 36.28 ? 526 GLU A OE1 1 
ATOM   1378 O OE2 . GLU A 1 208 ? 0.701   7.405   2.170   1.00 38.46 ? 526 GLU A OE2 1 
ATOM   1379 N N   . ILE A 1 209 ? -0.911  1.862   2.625   1.00 23.91 ? 527 ILE A N   1 
ATOM   1380 C CA  . ILE A 1 209 ? -0.731  0.867   3.678   1.00 21.79 ? 527 ILE A CA  1 
ATOM   1381 C C   . ILE A 1 209 ? 0.449   1.230   4.580   1.00 26.31 ? 527 ILE A C   1 
ATOM   1382 O O   . ILE A 1 209 ? 1.570   1.384   4.089   1.00 24.95 ? 527 ILE A O   1 
ATOM   1383 C CB  . ILE A 1 209 ? -0.475  -0.519  3.033   1.00 18.70 ? 527 ILE A CB  1 
ATOM   1384 C CG1 . ILE A 1 209 ? -1.555  -0.788  1.983   1.00 18.10 ? 527 ILE A CG1 1 
ATOM   1385 C CG2 . ILE A 1 209 ? -0.438  -1.629  4.097   1.00 11.35 ? 527 ILE A CG2 1 
ATOM   1386 C CD1 . ILE A 1 209 ? -1.042  -1.422  0.697   1.00 21.72 ? 527 ILE A CD1 1 
ATOM   1387 N N   . HIS A 1 210 ? 0.182   1.398   5.878   1.00 21.95 ? 528 HIS A N   1 
ATOM   1388 C CA  . HIS A 1 210 ? 1.222   1.733   6.849   1.00 23.95 ? 528 HIS A CA  1 
ATOM   1389 C C   . HIS A 1 210 ? 1.637   0.452   7.542   1.00 23.94 ? 528 HIS A C   1 
ATOM   1390 O O   . HIS A 1 210 ? 0.803   -0.237  8.139   1.00 23.39 ? 528 HIS A O   1 
ATOM   1391 C CB  . HIS A 1 210 ? 0.728   2.768   7.887   1.00 21.56 ? 528 HIS A CB  1 
ATOM   1392 C CG  . HIS A 1 210 ? 0.779   4.189   7.406   1.00 17.01 ? 528 HIS A CG  1 
ATOM   1393 N ND1 . HIS A 1 210 ? 0.194   4.603   6.229   1.00 20.55 ? 528 HIS A ND1 1 
ATOM   1394 C CD2 . HIS A 1 210 ? 1.354   5.290   7.942   1.00 21.08 ? 528 HIS A CD2 1 
ATOM   1395 C CE1 . HIS A 1 210 ? 0.408   5.895   6.057   1.00 19.16 ? 528 HIS A CE1 1 
ATOM   1396 N NE2 . HIS A 1 210 ? 1.110   6.337   7.083   1.00 19.38 ? 528 HIS A NE2 1 
ATOM   1397 N N   . LEU A 1 211 ? 2.918   0.113   7.412   1.00 26.95 ? 529 LEU A N   1 
ATOM   1398 C CA  . LEU A 1 211 ? 3.495   -1.098  8.008   1.00 28.57 ? 529 LEU A CA  1 
ATOM   1399 C C   . LEU A 1 211 ? 3.892   -0.772  9.448   1.00 27.35 ? 529 LEU A C   1 
ATOM   1400 O O   . LEU A 1 211 ? 4.868   -0.059  9.706   1.00 26.91 ? 529 LEU A O   1 
ATOM   1401 C CB  . LEU A 1 211 ? 4.706   -1.575  7.180   1.00 25.70 ? 529 LEU A CB  1 
ATOM   1402 C CG  . LEU A 1 211 ? 4.520   -2.477  5.946   1.00 27.39 ? 529 LEU A CG  1 
ATOM   1403 C CD1 . LEU A 1 211 ? 3.067   -2.669  5.558   1.00 19.91 ? 529 LEU A CD1 1 
ATOM   1404 C CD2 . LEU A 1 211 ? 5.315   -1.934  4.786   1.00 26.67 ? 529 LEU A CD2 1 
ATOM   1405 N N   . HIS A 1 212 ? 3.155   -1.340  10.388  1.00 27.45 ? 530 HIS A N   1 
ATOM   1406 C CA  . HIS A 1 212 ? 3.375   -1.039  11.784  1.00 24.87 ? 530 HIS A CA  1 
ATOM   1407 C C   . HIS A 1 212 ? 4.704   -1.437  12.385  1.00 28.23 ? 530 HIS A C   1 
ATOM   1408 O O   . HIS A 1 212 ? 5.347   -0.603  13.017  1.00 26.94 ? 530 HIS A O   1 
ATOM   1409 C CB  . HIS A 1 212 ? 2.189   -1.525  12.620  1.00 23.29 ? 530 HIS A CB  1 
ATOM   1410 C CG  . HIS A 1 212 ? 0.948   -0.697  12.433  1.00 24.79 ? 530 HIS A CG  1 
ATOM   1411 N ND1 . HIS A 1 212 ? -0.064  -0.648  13.364  1.00 21.78 ? 530 HIS A ND1 1 
ATOM   1412 C CD2 . HIS A 1 212 ? 0.581   0.147   11.437  1.00 23.93 ? 530 HIS A CD2 1 
ATOM   1413 C CE1 . HIS A 1 212 ? -0.999  0.191   12.956  1.00 21.81 ? 530 HIS A CE1 1 
ATOM   1414 N NE2 . HIS A 1 212 ? -0.631  0.685   11.788  1.00 25.95 ? 530 HIS A NE2 1 
ATOM   1415 N N   . ARG A 1 213 ? 5.129   -2.680  12.184  1.00 28.74 ? 531 ARG A N   1 
ATOM   1416 C CA  . ARG A 1 213 ? 6.410   -3.143  12.719  1.00 30.73 ? 531 ARG A CA  1 
ATOM   1417 C C   . ARG A 1 213 ? 7.555   -2.320  12.125  1.00 27.35 ? 531 ARG A C   1 
ATOM   1418 O O   . ARG A 1 213 ? 8.470   -1.909  12.830  1.00 30.65 ? 531 ARG A O   1 
ATOM   1419 C CB  . ARG A 1 213 ? 6.620   -4.625  12.416  1.00 38.81 ? 531 ARG A CB  1 
ATOM   1420 C CG  . ARG A 1 213 ? 7.279   -5.400  13.547  1.00 47.66 ? 531 ARG A CG  1 
ATOM   1421 C CD  . ARG A 1 213 ? 8.634   -4.839  13.852  1.00 52.88 ? 531 ARG A CD  1 
ATOM   1422 N NE  . ARG A 1 213 ? 9.262   -5.471  15.002  1.00 57.76 ? 531 ARG A NE  1 
ATOM   1423 C CZ  . ARG A 1 213 ? 9.983   -4.814  15.906  1.00 62.33 ? 531 ARG A CZ  1 
ATOM   1424 N NH1 . ARG A 1 213 ? 10.151  -3.499  15.804  1.00 63.07 ? 531 ARG A NH1 1 
ATOM   1425 N NH2 . ARG A 1 213 ? 10.601  -5.479  16.870  1.00 63.49 ? 531 ARG A NH2 1 
ATOM   1426 N N   . ALA A 1 214 ? 7.488   -2.040  10.833  1.00 23.64 ? 532 ALA A N   1 
ATOM   1427 C CA  . ALA A 1 214 ? 8.520   -1.242  10.203  1.00 22.76 ? 532 ALA A CA  1 
ATOM   1428 C C   . ALA A 1 214 ? 8.590   0.134   10.882  1.00 25.42 ? 532 ALA A C   1 
ATOM   1429 O O   . ALA A 1 214 ? 9.673   0.628   11.178  1.00 27.32 ? 532 ALA A O   1 
ATOM   1430 C CB  . ALA A 1 214 ? 8.238   -1.091  8.714   1.00 22.48 ? 532 ALA A CB  1 
ATOM   1431 N N   . LEU A 1 215 ? 7.435   0.732   11.161  1.00 26.41 ? 533 LEU A N   1 
ATOM   1432 C CA  . LEU A 1 215 ? 7.390   2.054   11.797  1.00 26.41 ? 533 LEU A CA  1 
ATOM   1433 C C   . LEU A 1 215 ? 7.940   2.046   13.226  1.00 24.38 ? 533 LEU A C   1 
ATOM   1434 O O   . LEU A 1 215 ? 8.497   3.050   13.688  1.00 24.82 ? 533 LEU A O   1 
ATOM   1435 C CB  . LEU A 1 215 ? 5.966   2.623   11.760  1.00 23.10 ? 533 LEU A CB  1 
ATOM   1436 C CG  . LEU A 1 215 ? 5.468   3.038   10.378  1.00 19.28 ? 533 LEU A CG  1 
ATOM   1437 C CD1 . LEU A 1 215 ? 3.980   3.309   10.405  1.00 26.22 ? 533 LEU A CD1 1 
ATOM   1438 C CD2 . LEU A 1 215 ? 6.209   4.254   9.914   1.00 18.66 ? 533 LEU A CD2 1 
ATOM   1439 N N   . GLN A 1 216 ? 7.753   0.931   13.930  1.00 25.45 ? 534 GLN A N   1 
ATOM   1440 C CA  . GLN A 1 216 ? 8.279   0.788   15.285  1.00 30.12 ? 534 GLN A CA  1 
ATOM   1441 C C   . GLN A 1 216 ? 9.798   0.848   15.198  1.00 31.59 ? 534 GLN A C   1 
ATOM   1442 O O   . GLN A 1 216 ? 10.422  1.603   15.936  1.00 34.61 ? 534 GLN A O   1 
ATOM   1443 C CB  . GLN A 1 216 ? 7.868   -0.536  15.924  1.00 31.37 ? 534 GLN A CB  1 
ATOM   1444 C CG  . GLN A 1 216 ? 6.454   -0.568  16.461  1.00 39.30 ? 534 GLN A CG  1 
ATOM   1445 C CD  . GLN A 1 216 ? 6.118   -1.889  17.140  1.00 44.17 ? 534 GLN A CD  1 
ATOM   1446 O OE1 . GLN A 1 216 ? 6.692   -2.936  16.825  1.00 44.72 ? 534 GLN A OE1 1 
ATOM   1447 N NE2 . GLN A 1 216 ? 5.188   -1.843  18.084  1.00 45.29 ? 534 GLN A NE2 1 
ATOM   1448 N N   . LEU A 1 217 ? 10.392  0.080   14.282  1.00 29.76 ? 535 LEU A N   1 
ATOM   1449 C CA  . LEU A 1 217 ? 11.850  0.110   14.106  1.00 32.50 ? 535 LEU A CA  1 
ATOM   1450 C C   . LEU A 1 217 ? 12.322  1.531   13.791  1.00 30.57 ? 535 LEU A C   1 
ATOM   1451 O O   . LEU A 1 217 ? 13.308  2.001   14.350  1.00 32.30 ? 535 LEU A O   1 
ATOM   1452 C CB  . LEU A 1 217 ? 12.299  -0.816  12.977  1.00 28.38 ? 535 LEU A CB  1 
ATOM   1453 C CG  . LEU A 1 217 ? 12.017  -2.300  13.178  1.00 25.68 ? 535 LEU A CG  1 
ATOM   1454 C CD1 . LEU A 1 217 ? 12.528  -3.061  11.983  1.00 24.28 ? 535 LEU A CD1 1 
ATOM   1455 C CD2 . LEU A 1 217 ? 12.656  -2.784  14.462  1.00 31.38 ? 535 LEU A CD2 1 
ATOM   1456 N N   . LEU A 1 218 ? 11.596  2.225   12.921  1.00 28.58 ? 536 LEU A N   1 
ATOM   1457 C CA  . LEU A 1 218 ? 11.958  3.586   12.552  1.00 29.41 ? 536 LEU A CA  1 
ATOM   1458 C C   . LEU A 1 218 ? 11.926  4.489   13.784  1.00 31.07 ? 536 LEU A C   1 
ATOM   1459 O O   . LEU A 1 218 ? 12.791  5.350   13.944  1.00 34.49 ? 536 LEU A O   1 
ATOM   1460 C CB  . LEU A 1 218 ? 11.000  4.123   11.484  1.00 31.02 ? 536 LEU A CB  1 
ATOM   1461 C CG  . LEU A 1 218 ? 11.456  5.221   10.515  1.00 32.48 ? 536 LEU A CG  1 
ATOM   1462 C CD1 . LEU A 1 218 ? 10.367  6.267   10.346  1.00 24.37 ? 536 LEU A CD1 1 
ATOM   1463 C CD2 . LEU A 1 218 ? 12.777  5.856   10.950  1.00 29.25 ? 536 LEU A CD2 1 
ATOM   1464 N N   . ASP A 1 219 ? 10.945  4.281   14.662  1.00 29.03 ? 537 ASP A N   1 
ATOM   1465 C CA  . ASP A 1 219 ? 10.815  5.095   15.873  1.00 30.85 ? 537 ASP A CA  1 
ATOM   1466 C C   . ASP A 1 219 ? 12.047  4.925   16.751  1.00 30.30 ? 537 ASP A C   1 
ATOM   1467 O O   . ASP A 1 219 ? 12.548  5.889   17.331  1.00 28.78 ? 537 ASP A O   1 
ATOM   1468 C CB  . ASP A 1 219 ? 9.562   4.696   16.659  1.00 30.49 ? 537 ASP A CB  1 
ATOM   1469 C CG  . ASP A 1 219 ? 9.197   5.708   17.735  1.00 28.43 ? 537 ASP A CG  1 
ATOM   1470 O OD1 . ASP A 1 219 ? 9.031   6.906   17.411  1.00 22.14 ? 537 ASP A OD1 1 
ATOM   1471 O OD2 . ASP A 1 219 ? 9.076   5.295   18.904  1.00 31.75 ? 537 ASP A OD2 1 
ATOM   1472 N N   . GLU A 1 220 ? 12.497  3.686   16.879  1.00 32.56 ? 538 GLU A N   1 
ATOM   1473 C CA  . GLU A 1 220 ? 13.686  3.372   17.649  1.00 39.04 ? 538 GLU A CA  1 
ATOM   1474 C C   . GLU A 1 220 ? 14.882  4.116   17.031  1.00 38.88 ? 538 GLU A C   1 
ATOM   1475 O O   . GLU A 1 220 ? 15.548  4.909   17.711  1.00 41.35 ? 538 GLU A O   1 
ATOM   1476 C CB  . GLU A 1 220 ? 13.917  1.861   17.648  1.00 43.03 ? 538 GLU A CB  1 
ATOM   1477 C CG  . GLU A 1 220 ? 12.846  1.087   18.409  1.00 53.88 ? 538 GLU A CG  1 
ATOM   1478 C CD  . GLU A 1 220 ? 12.978  -0.430  18.258  1.00 62.90 ? 538 GLU A CD  1 
ATOM   1479 O OE1 . GLU A 1 220 ? 14.117  -0.915  18.077  1.00 66.02 ? 538 GLU A OE1 1 
ATOM   1480 O OE2 . GLU A 1 220 ? 11.939  -1.134  18.319  1.00 65.28 ? 538 GLU A OE2 1 
ATOM   1481 N N   . VAL A 1 221 ? 15.089  3.925   15.728  1.00 34.76 ? 539 VAL A N   1 
ATOM   1482 C CA  . VAL A 1 221 ? 16.171  4.584   14.998  1.00 32.21 ? 539 VAL A CA  1 
ATOM   1483 C C   . VAL A 1 221 ? 16.184  6.091   15.265  1.00 36.92 ? 539 VAL A C   1 
ATOM   1484 O O   . VAL A 1 221 ? 17.208  6.654   15.661  1.00 37.95 ? 539 VAL A O   1 
ATOM   1485 C CB  . VAL A 1 221 ? 16.047  4.331   13.474  1.00 26.44 ? 539 VAL A CB  1 
ATOM   1486 C CG1 . VAL A 1 221 ? 16.933  5.282   12.683  1.00 24.11 ? 539 VAL A CG1 1 
ATOM   1487 C CG2 . VAL A 1 221 ? 16.391  2.877   13.156  1.00 23.45 ? 539 VAL A CG2 1 
ATOM   1488 N N   . LEU A 1 222 ? 15.038  6.735   15.084  1.00 39.91 ? 540 LEU A N   1 
ATOM   1489 C CA  . LEU A 1 222 ? 14.921  8.175   15.303  1.00 40.05 ? 540 LEU A CA  1 
ATOM   1490 C C   . LEU A 1 222 ? 15.336  8.631   16.705  1.00 40.21 ? 540 LEU A C   1 
ATOM   1491 O O   . LEU A 1 222 ? 15.718  9.785   16.899  1.00 40.94 ? 540 LEU A O   1 
ATOM   1492 C CB  . LEU A 1 222 ? 13.493  8.644   15.029  1.00 36.18 ? 540 LEU A CB  1 
ATOM   1493 C CG  . LEU A 1 222 ? 12.976  8.661   13.597  1.00 33.13 ? 540 LEU A CG  1 
ATOM   1494 C CD1 . LEU A 1 222 ? 11.637  9.368   13.599  1.00 30.29 ? 540 LEU A CD1 1 
ATOM   1495 C CD2 . LEU A 1 222 ? 13.946  9.386   12.681  1.00 27.60 ? 540 LEU A CD2 1 
ATOM   1496 N N   . HIS A 1 223 ? 15.211  7.754   17.689  1.00 40.37 ? 541 HIS A N   1 
ATOM   1497 C CA  . HIS A 1 223 ? 15.587  8.117   19.041  1.00 49.92 ? 541 HIS A CA  1 
ATOM   1498 C C   . HIS A 1 223 ? 17.085  7.959   19.285  1.00 54.18 ? 541 HIS A C   1 
ATOM   1499 O O   . HIS A 1 223 ? 17.630  8.481   20.263  1.00 52.38 ? 541 HIS A O   1 
ATOM   1500 C CB  . HIS A 1 223 ? 14.768  7.330   20.055  1.00 53.94 ? 541 HIS A CB  1 
ATOM   1501 C CG  . HIS A 1 223 ? 13.393  7.882   20.257  1.00 55.88 ? 541 HIS A CG  1 
ATOM   1502 N ND1 . HIS A 1 223 ? 12.256  7.227   19.835  1.00 57.17 ? 541 HIS A ND1 1 
ATOM   1503 C CD2 . HIS A 1 223 ? 12.973  9.040   20.816  1.00 53.04 ? 541 HIS A CD2 1 
ATOM   1504 C CE1 . HIS A 1 223 ? 11.196  7.957   20.127  1.00 57.10 ? 541 HIS A CE1 1 
ATOM   1505 N NE2 . HIS A 1 223 ? 11.603  9.063   20.722  1.00 53.34 ? 541 HIS A NE2 1 
ATOM   1506 N N   . THR A 1 224 ? 17.746  7.233   18.392  1.00 56.41 ? 542 THR A N   1 
ATOM   1507 C CA  . THR A 1 224 ? 19.178  7.052   18.492  1.00 58.87 ? 542 THR A CA  1 
ATOM   1508 C C   . THR A 1 224 ? 19.829  8.084   17.561  1.00 63.25 ? 542 THR A C   1 
ATOM   1509 O O   . THR A 1 224 ? 20.904  7.850   17.016  1.00 65.68 ? 542 THR A O   1 
ATOM   1510 C CB  . THR A 1 224 ? 19.583  5.630   18.090  1.00 55.04 ? 542 THR A CB  1 
ATOM   1511 O OG1 . THR A 1 224 ? 19.229  5.401   16.724  1.00 58.48 ? 542 THR A OG1 1 
ATOM   1512 C CG2 . THR A 1 224 ? 18.874  4.608   18.963  1.00 51.68 ? 542 THR A CG2 1 
ATOM   1513 N N   . MET A 1 225 ? 19.142  9.209   17.364  1.00 70.30 ? 543 MET A N   1 
ATOM   1514 C CA  . MET A 1 225 ? 19.609  10.303  16.510  1.00 74.80 ? 543 MET A CA  1 
ATOM   1515 C C   . MET A 1 225 ? 19.445  11.639  17.254  1.00 77.28 ? 543 MET A C   1 
ATOM   1516 O O   . MET A 1 225 ? 19.979  12.665  16.767  1.00 77.31 ? 543 MET A O   1 
ATOM   1517 C CB  . MET A 1 225 ? 18.802  10.370  15.207  1.00 77.00 ? 543 MET A CB  1 
ATOM   1518 C CG  . MET A 1 225 ? 18.486  9.034   14.564  1.00 80.19 ? 543 MET A CG  1 
ATOM   1519 S SD  . MET A 1 225 ? 19.846  7.861   14.632  1.00 85.09 ? 543 MET A SD  1 
ATOM   1520 C CE  . MET A 1 225 ? 21.011  8.623   13.490  1.00 84.41 ? 543 MET A CE  1 
HETATM 1521 O O   . HOH B 2 .   ? -2.479  -16.068 -7.410  1.00 30.67 ? 1   HOH A O   1 
HETATM 1522 O O   . HOH B 2 .   ? -0.416  -1.216  16.041  1.00 27.73 ? 2   HOH A O   1 
HETATM 1523 O O   . HOH B 2 .   ? -14.995 -4.289  5.448   1.00 33.80 ? 3   HOH A O   1 
HETATM 1524 O O   . HOH B 2 .   ? 20.368  4.663   -3.326  1.00 32.40 ? 4   HOH A O   1 
HETATM 1525 O O   . HOH B 2 .   ? 11.797  -3.040  1.883   1.00 35.66 ? 5   HOH A O   1 
HETATM 1526 O O   . HOH B 2 .   ? -9.571  13.474  2.502   1.00 34.85 ? 6   HOH A O   1 
HETATM 1527 O O   . HOH B 2 .   ? -2.288  4.394   5.794   1.00 18.06 ? 7   HOH A O   1 
HETATM 1528 O O   . HOH B 2 .   ? -6.315  -14.747 -9.345  1.00 47.88 ? 8   HOH A O   1 
HETATM 1529 O O   . HOH B 2 .   ? -18.251 -6.338  -7.100  1.00 53.76 ? 9   HOH A O   1 
HETATM 1530 O O   . HOH B 2 .   ? 2.178   12.700  -1.507  1.00 36.35 ? 10  HOH A O   1 
HETATM 1531 O O   . HOH B 2 .   ? -5.262  14.162  -13.301 1.00 51.36 ? 11  HOH A O   1 
HETATM 1532 O O   . HOH B 2 .   ? -5.573  8.147   8.119   1.00 62.38 ? 12  HOH A O   1 
HETATM 1533 O O   . HOH B 2 .   ? 17.542  11.501  11.357  1.00 44.99 ? 13  HOH A O   1 
HETATM 1534 O O   . HOH B 2 .   ? -13.261 11.904  -4.645  1.00 30.69 ? 14  HOH A O   1 
HETATM 1535 O O   . HOH B 2 .   ? 4.003   -4.542  10.546  1.00 30.14 ? 15  HOH A O   1 
HETATM 1536 O O   . HOH B 2 .   ? -15.615 9.065   4.124   1.00 59.14 ? 16  HOH A O   1 
HETATM 1537 O O   . HOH B 2 .   ? -6.616  14.789  -7.653  1.00 42.13 ? 17  HOH A O   1 
HETATM 1538 O O   . HOH B 2 .   ? -7.813  -4.145  -9.018  1.00 66.76 ? 18  HOH A O   1 
HETATM 1539 O O   . HOH B 2 .   ? 6.326   -2.502  -14.039 1.00 35.49 ? 19  HOH A O   1 
HETATM 1540 O O   . HOH B 2 .   ? 9.164   -13.192 2.279   1.00 48.50 ? 20  HOH A O   1 
HETATM 1541 O O   . HOH B 2 .   ? -19.275 5.062   3.684   1.00 23.66 ? 21  HOH A O   1 
HETATM 1542 O O   . HOH B 2 .   ? -1.715  -14.371 -0.574  1.00 41.92 ? 22  HOH A O   1 
HETATM 1543 O O   . HOH B 2 .   ? -16.635 -1.493  -6.086  1.00 29.44 ? 23  HOH A O   1 
HETATM 1544 O O   . HOH B 2 .   ? -12.093 -11.766 9.720   1.00 45.11 ? 24  HOH A O   1 
HETATM 1545 O O   . HOH B 2 .   ? 2.637   7.929   -4.428  1.00 42.49 ? 25  HOH A O   1 
HETATM 1546 O O   . HOH B 2 .   ? -8.698  -12.211 3.609   1.00 37.83 ? 26  HOH A O   1 
HETATM 1547 O O   . HOH B 2 .   ? -16.003 3.570   6.815   1.00 43.36 ? 27  HOH A O   1 
HETATM 1548 O O   . HOH B 2 .   ? 5.325   -4.666  -17.272 1.00 47.51 ? 28  HOH A O   1 
HETATM 1549 O O   . HOH B 2 .   ? -10.313 4.582   4.293   1.00 20.29 ? 29  HOH A O   1 
HETATM 1550 O O   . HOH B 2 .   ? -2.738  6.820   5.275   1.00 34.09 ? 30  HOH A O   1 
HETATM 1551 O O   . HOH B 2 .   ? -5.500  -13.628 7.610   1.00 36.02 ? 31  HOH A O   1 
HETATM 1552 O O   . HOH B 2 .   ? 7.846   1.003   0.709   1.00 40.09 ? 32  HOH A O   1 
HETATM 1553 O O   . HOH B 2 .   ? -15.439 -3.890  -7.983  1.00 33.61 ? 33  HOH A O   1 
HETATM 1554 O O   . HOH B 2 .   ? -19.297 1.841   -8.979  1.00 28.10 ? 34  HOH A O   1 
HETATM 1555 O O   . HOH B 2 .   ? -15.735 -7.905  5.550   1.00 44.31 ? 35  HOH A O   1 
HETATM 1556 O O   . HOH B 2 .   ? -17.175 6.878   3.503   1.00 33.35 ? 36  HOH A O   1 
HETATM 1557 O O   . HOH B 2 .   ? 3.275   -9.205  -11.971 1.00 39.76 ? 37  HOH A O   1 
HETATM 1558 O O   . HOH B 2 .   ? -18.965 -0.328  -7.432  1.00 45.71 ? 38  HOH A O   1 
HETATM 1559 O O   . HOH B 2 .   ? 15.318  5.487   -0.110  1.00 31.35 ? 39  HOH A O   1 
HETATM 1560 O O   . HOH B 2 .   ? 8.591   -12.000 -5.466  1.00 33.36 ? 40  HOH A O   1 
HETATM 1561 O O   . HOH B 2 .   ? -19.352 3.409   -7.003  1.00 34.94 ? 41  HOH A O   1 
HETATM 1562 O O   . HOH B 2 .   ? 5.630   5.460   0.232   1.00 31.96 ? 42  HOH A O   1 
HETATM 1563 O O   . HOH B 2 .   ? 6.220   -4.655  8.905   1.00 32.87 ? 43  HOH A O   1 
HETATM 1564 O O   . HOH B 2 .   ? 9.014   -1.495  -0.001  1.00 29.33 ? 44  HOH A O   1 
HETATM 1565 O O   . HOH B 2 .   ? -15.396 11.071  2.350   1.00 47.00 ? 45  HOH A O   1 
HETATM 1566 O O   . HOH B 2 .   ? -3.875  2.604   -16.332 1.00 50.58 ? 46  HOH A O   1 
HETATM 1567 O O   . HOH B 2 .   ? -7.212  3.572   -9.733  1.00 27.34 ? 47  HOH A O   1 
HETATM 1568 O O   . HOH B 2 .   ? 9.762   -10.548 8.796   1.00 33.86 ? 48  HOH A O   1 
HETATM 1569 O O   . HOH B 2 .   ? 12.779  -8.919  6.293   1.00 51.62 ? 49  HOH A O   1 
HETATM 1570 O O   . HOH B 2 .   ? -12.125 -9.457  -10.105 1.00 43.97 ? 50  HOH A O   1 
HETATM 1571 O O   . HOH B 2 .   ? -12.298 0.819   7.507   1.00 29.87 ? 51  HOH A O   1 
HETATM 1572 O O   . HOH B 2 .   ? -22.017 8.075   -2.473  1.00 27.02 ? 52  HOH A O   1 
HETATM 1573 O O   . HOH B 2 .   ? -9.389  -13.545 -0.639  1.00 37.25 ? 53  HOH A O   1 
HETATM 1574 O O   . HOH B 2 .   ? -12.058 12.637  3.739   1.00 33.86 ? 54  HOH A O   1 
HETATM 1575 O O   . HOH B 2 .   ? -4.762  9.074   5.802   1.00 28.63 ? 55  HOH A O   1 
HETATM 1576 O O   . HOH B 2 .   ? 14.134  2.394   -3.095  1.00 41.09 ? 56  HOH A O   1 
HETATM 1577 O O   . HOH B 2 .   ? 8.565   4.113   -4.686  1.00 43.18 ? 57  HOH A O   1 
HETATM 1578 O O   . HOH B 2 .   ? -8.113  -12.655 -15.418 1.00 42.00 ? 58  HOH A O   1 
HETATM 1579 O O   . HOH B 2 .   ? -13.516 13.882  -6.480  1.00 50.94 ? 59  HOH A O   1 
HETATM 1580 O O   . HOH B 2 .   ? -3.115  6.874   -16.131 1.00 44.92 ? 60  HOH A O   1 
HETATM 1581 O O   . HOH B 2 .   ? 14.199  -0.162  0.768   1.00 51.68 ? 61  HOH A O   1 
HETATM 1582 O O   . HOH B 2 .   ? 4.502   14.668  3.569   1.00 47.08 ? 62  HOH A O   1 
HETATM 1583 O O   . HOH B 2 .   ? 7.697   2.000   -6.365  1.00 36.08 ? 63  HOH A O   1 
HETATM 1584 O O   . HOH B 2 .   ? 11.635  15.272  6.961   1.00 51.59 ? 64  HOH A O   1 
HETATM 1585 O O   . HOH B 2 .   ? 17.719  6.950   -1.430  1.00 54.54 ? 65  HOH A O   1 
HETATM 1586 O O   . HOH B 2 .   ? 2.209   9.615   -6.392  1.00 40.64 ? 66  HOH A O   1 
HETATM 1587 O O   . HOH B 2 .   ? 10.793  -4.930  -9.141  1.00 52.17 ? 67  HOH A O   1 
HETATM 1588 O O   . HOH B 2 .   ? 21.275  5.298   12.825  1.00 47.22 ? 68  HOH A O   1 
HETATM 1589 O O   . HOH B 2 .   ? -18.043 0.267   9.640   1.00 46.71 ? 69  HOH A O   1 
HETATM 1590 O O   . HOH B 2 .   ? -6.905  -12.845 -11.488 1.00 62.60 ? 70  HOH A O   1 
HETATM 1591 O O   . HOH B 2 .   ? -11.900 -7.265  -11.824 1.00 54.74 ? 71  HOH A O   1 
HETATM 1592 O O   . HOH B 2 .   ? 13.921  -7.268  12.491  1.00 54.71 ? 72  HOH A O   1 
HETATM 1593 O O   . HOH B 2 .   ? 8.233   -15.241 -5.819  1.00 63.13 ? 73  HOH A O   1 
HETATM 1594 O O   . HOH B 2 .   ? 5.159   -16.954 7.478   1.00 64.30 ? 74  HOH A O   1 
HETATM 1595 O O   . HOH B 2 .   ? -16.352 19.350  1.115   1.00 52.43 ? 75  HOH A O   1 
HETATM 1596 O O   . HOH B 2 .   ? -8.110  6.574   -18.536 1.00 59.82 ? 76  HOH A O   1 
HETATM 1597 O O   . HOH B 2 .   ? -14.792 -0.976  6.269   1.00 54.95 ? 77  HOH A O   1 
HETATM 1598 O O   . HOH B 2 .   ? -4.194  -16.127 7.234   1.00 71.10 ? 78  HOH A O   1 
HETATM 1599 O O   . HOH B 2 .   ? 4.210   1.436   -14.279 1.00 47.96 ? 79  HOH A O   1 
HETATM 1600 O O   . HOH B 2 .   ? 10.569  -13.499 -3.492  1.00 47.29 ? 80  HOH A O   1 
HETATM 1601 O O   . HOH B 2 .   ? -19.626 12.955  -12.797 1.00 50.46 ? 81  HOH A O   1 
HETATM 1602 O O   . HOH B 2 .   ? 16.112  11.117  4.319   1.00 51.54 ? 82  HOH A O   1 
HETATM 1603 O O   . HOH B 2 .   ? -11.517 6.960   -14.301 1.00 56.46 ? 83  HOH A O   1 
HETATM 1604 O O   . HOH B 2 .   ? -10.375 -15.340 -5.832  1.00 59.50 ? 84  HOH A O   1 
HETATM 1605 O O   . HOH B 2 .   ? 3.834   8.020   1.962   1.00 52.93 ? 85  HOH A O   1 
HETATM 1606 O O   . HOH B 2 .   ? 12.597  6.968   1.185   1.00 53.09 ? 86  HOH A O   1 
HETATM 1607 O O   . HOH B 2 .   ? -4.824  -18.286 -2.390  1.00 60.59 ? 87  HOH A O   1 
HETATM 1608 O O   . HOH B 2 .   ? -2.925  4.525   8.180   1.00 27.75 ? 88  HOH A O   1 
HETATM 1609 O O   . HOH B 2 .   ? -19.062 3.135   5.581   1.00 38.13 ? 89  HOH A O   1 
HETATM 1610 O O   . HOH B 2 .   ? -9.306  -14.393 -8.575  1.00 59.13 ? 90  HOH A O   1 
HETATM 1611 O O   . HOH B 2 .   ? -12.347 -0.057  9.997   1.00 50.77 ? 91  HOH A O   1 
HETATM 1612 O O   . HOH B 2 .   ? 3.987   -7.001  11.734  1.00 74.13 ? 92  HOH A O   1 
HETATM 1613 O O   . HOH B 2 .   ? -22.158 2.654   -10.429 1.00 56.80 ? 93  HOH A O   1 
HETATM 1614 O O   . HOH B 2 .   ? -14.126 -2.282  10.228  1.00 68.06 ? 94  HOH A O   1 
HETATM 1615 O O   . HOH B 2 .   ? 8.790   -0.594  -12.646 1.00 61.33 ? 95  HOH A O   1 
HETATM 1616 O O   . HOH B 2 .   ? -14.552 6.987   11.011  1.00 53.61 ? 96  HOH A O   1 
HETATM 1617 O O   . HOH B 2 .   ? 5.365   -5.784  -14.643 1.00 66.08 ? 97  HOH A O   1 
HETATM 1618 O O   . HOH B 2 .   ? 23.276  1.706   0.550   1.00 62.51 ? 98  HOH A O   1 
HETATM 1619 O O   . HOH B 2 .   ? -5.380  -15.815 -14.434 1.00 53.54 ? 99  HOH A O   1 
HETATM 1620 O O   . HOH B 2 .   ? 5.461   5.404   -7.397  1.00 84.70 ? 100 HOH A O   1 
HETATM 1621 O O   . HOH B 2 .   ? -3.423  10.802  3.544   1.00 57.78 ? 101 HOH A O   1 
HETATM 1622 O O   . HOH B 2 .   ? 4.233   4.698   -15.033 1.00 63.90 ? 102 HOH A O   1 
HETATM 1623 O O   . HOH B 2 .   ? 10.768  -7.496  -7.880  1.00 54.50 ? 103 HOH A O   1 
HETATM 1624 O O   . HOH B 2 .   ? 10.376  -9.504  -5.799  1.00 75.99 ? 104 HOH A O   1 
HETATM 1625 O O   . HOH B 2 .   ? -13.540 -15.209 -3.995  1.00 66.53 ? 105 HOH A O   1 
HETATM 1626 O O   . HOH B 2 .   ? -12.505 1.780   -15.217 1.00 83.13 ? 106 HOH A O   1 
HETATM 1627 O O   . HOH B 2 .   ? -2.288  0.911   16.169  1.00 47.80 ? 107 HOH A O   1 
HETATM 1628 O O   . HOH B 2 .   ? 10.604  11.308  21.934  1.00 64.97 ? 108 HOH A O   1 
HETATM 1629 O O   . HOH B 2 .   ? -14.222 -6.172  -14.806 1.00 52.60 ? 109 HOH A O   1 
HETATM 1630 O O   . HOH B 2 .   ? 8.165   -12.605 -8.097  1.00 65.78 ? 110 HOH A O   1 
HETATM 1631 O O   . HOH B 2 .   ? 15.472  9.955   22.799  1.00 67.41 ? 111 HOH A O   1 
HETATM 1632 O O   . HOH B 2 .   ? 11.888  3.968   -13.214 1.00 56.11 ? 112 HOH A O   1 
HETATM 1633 O O   . HOH B 2 .   ? -6.644  10.949  -17.468 1.00 64.02 ? 113 HOH A O   1 
HETATM 1634 O O   . HOH B 2 .   ? -19.474 17.227  -3.162  1.00 64.24 ? 114 HOH A O   1 
HETATM 1635 O O   . HOH B 2 .   ? 7.025   -6.121  -10.117 1.00 55.49 ? 115 HOH A O   1 
HETATM 1636 O O   . HOH B 2 .   ? 5.314   9.143   -7.745  1.00 65.42 ? 116 HOH A O   1 
HETATM 1637 O O   . HOH B 2 .   ? 5.697   -16.208 -6.181  1.00 65.61 ? 117 HOH A O   1 
HETATM 1638 O O   . HOH B 2 .   ? 6.881   -0.997  -18.612 1.00 69.70 ? 118 HOH A O   1 
HETATM 1639 O O   . HOH B 2 .   ? -9.875  15.858  -6.763  1.00 59.16 ? 119 HOH A O   1 
HETATM 1640 O O   . HOH B 2 .   ? 22.275  5.954   -1.941  1.00 43.92 ? 120 HOH A O   1 
HETATM 1641 O O   . HOH B 2 .   ? -13.071 5.336   -17.699 1.00 73.72 ? 121 HOH A O   1 
HETATM 1642 O O   . HOH B 2 .   ? 11.406  -14.386 -0.580  1.00 69.55 ? 122 HOH A O   1 
HETATM 1643 O O   . HOH B 2 .   ? -5.448  -5.141  -16.565 1.00 89.35 ? 123 HOH A O   1 
HETATM 1644 O O   . HOH B 2 .   ? -16.076 -9.380  -9.153  1.00 67.11 ? 124 HOH A O   1 
HETATM 1645 O O   . HOH B 2 .   ? 20.636  10.567  2.142   1.00 82.06 ? 125 HOH A O   1 
HETATM 1646 O O   . HOH B 2 .   ? -5.702  -17.225 -5.488  1.00 59.77 ? 126 HOH A O   1 
HETATM 1647 O O   . HOH B 2 .   ? 13.698  -1.615  -17.602 1.00 69.88 ? 127 HOH A O   1 
HETATM 1648 O O   . HOH B 2 .   ? -14.282 -9.732  9.251   1.00 76.61 ? 128 HOH A O   1 
HETATM 1649 O O   . HOH B 2 .   ? 7.162   15.203  -0.070  1.00 63.45 ? 129 HOH A O   1 
HETATM 1650 O O   . HOH B 2 .   ? -13.945 21.560  3.025   1.00 77.39 ? 130 HOH A O   1 
HETATM 1651 O O   . HOH B 2 .   ? 13.305  11.667  6.915   1.00 48.55 ? 131 HOH A O   1 
HETATM 1652 O O   . HOH B 2 .   ? 14.645  4.307   -12.142 1.00 75.54 ? 132 HOH A O   1 
HETATM 1653 O O   . HOH B 2 .   ? -19.398 -0.052  6.217   1.00 48.80 ? 133 HOH A O   1 
HETATM 1654 O O   . HOH B 2 .   ? 17.097  -9.511  4.443   1.00 50.59 ? 134 HOH A O   1 
HETATM 1655 O O   . HOH B 2 .   ? -6.636  13.936  1.755   1.00 76.69 ? 135 HOH A O   1 
HETATM 1656 O O   . HOH B 2 .   ? -21.783 9.838   -4.507  1.00 68.64 ? 136 HOH A O   1 
HETATM 1657 O O   . HOH B 2 .   ? -9.174  -10.827 15.607  1.00 68.67 ? 137 HOH A O   1 
HETATM 1658 O O   . HOH B 2 .   ? -16.019 15.826  -7.766  1.00 65.54 ? 138 HOH A O   1 
# 
